data_2ES6
#
_entry.id   2ES6
#
_cell.length_a   1.000
_cell.length_b   1.000
_cell.length_c   1.000
_cell.angle_alpha   90.00
_cell.angle_beta   90.00
_cell.angle_gamma   90.00
#
_symmetry.space_group_name_H-M   'P 1'
#
_entity_poly.entity_id   1
_entity_poly.type   'polypeptide(L)'
_entity_poly.pdbx_seq_one_letter_code
;MGSSHHHHHHSSGLVPRGSHMPKSLTDPKLLKNIPMWLKSLRLHKYSDALSGTPWIELIYLDDETLEKKGVLALGARRKL
LKAFGIVIDYKERDLIDRSAY
;
_entity_poly.pdbx_strand_id   A
#
# COMPACT_ATOMS: atom_id res chain seq x y z
N MET A 21 -5.30 5.66 -11.68
CA MET A 21 -6.42 6.47 -11.12
C MET A 21 -6.45 6.31 -9.59
N PRO A 22 -6.37 7.40 -8.79
CA PRO A 22 -6.17 7.34 -7.34
C PRO A 22 -7.35 6.80 -6.51
N LYS A 23 -8.60 6.94 -6.97
CA LYS A 23 -9.78 6.42 -6.25
C LYS A 23 -9.83 4.88 -6.32
N SER A 24 -9.48 4.26 -5.19
CA SER A 24 -9.31 2.84 -4.81
C SER A 24 -7.84 2.50 -4.45
N LEU A 25 -6.98 3.52 -4.43
CA LEU A 25 -5.56 3.46 -4.04
C LEU A 25 -5.22 4.52 -2.97
N THR A 26 -6.12 5.48 -2.76
CA THR A 26 -6.05 6.60 -1.81
C THR A 26 -7.33 6.69 -0.95
N ASP A 27 -7.98 5.56 -0.70
CA ASP A 27 -9.32 5.46 -0.09
C ASP A 27 -9.30 4.77 1.28
N PRO A 28 -9.88 5.38 2.34
CA PRO A 28 -9.96 4.82 3.70
C PRO A 28 -10.44 3.36 3.75
N LYS A 29 -11.44 3.04 2.92
CA LYS A 29 -12.05 1.72 2.73
C LYS A 29 -11.03 0.64 2.33
N LEU A 30 -10.06 1.01 1.49
CA LEU A 30 -8.99 0.12 0.99
C LEU A 30 -7.76 0.22 1.88
N LEU A 31 -7.38 1.43 2.29
CA LEU A 31 -6.12 1.73 3.00
C LEU A 31 -6.01 1.03 4.36
N LYS A 32 -7.14 0.55 4.87
CA LYS A 32 -7.31 -0.15 6.15
C LYS A 32 -7.69 -1.62 5.93
N ASN A 33 -7.80 -2.02 4.66
CA ASN A 33 -7.95 -3.35 4.11
C ASN A 33 -6.83 -3.58 3.09
N ILE A 34 -5.63 -3.79 3.59
CA ILE A 34 -4.48 -4.23 2.80
C ILE A 34 -4.82 -5.29 1.71
N PRO A 35 -5.68 -6.33 1.90
CA PRO A 35 -5.96 -7.31 0.85
C PRO A 35 -6.60 -6.68 -0.39
N MET A 36 -7.71 -5.94 -0.23
CA MET A 36 -8.38 -5.26 -1.35
C MET A 36 -7.62 -4.01 -1.83
N TRP A 37 -6.74 -3.42 -1.02
CA TRP A 37 -5.83 -2.37 -1.50
C TRP A 37 -4.80 -2.93 -2.49
N LEU A 38 -4.08 -3.99 -2.09
CA LEU A 38 -3.18 -4.79 -2.93
C LEU A 38 -3.87 -5.42 -4.16
N LYS A 39 -5.21 -5.55 -4.15
CA LYS A 39 -6.00 -6.02 -5.30
C LYS A 39 -6.07 -5.05 -6.46
N SER A 40 -5.92 -3.77 -6.19
CA SER A 40 -5.75 -2.80 -7.27
C SER A 40 -4.45 -3.04 -8.07
N LEU A 41 -3.44 -3.71 -7.47
CA LEU A 41 -2.17 -4.10 -8.07
C LEU A 41 -2.24 -5.46 -8.79
N ARG A 42 -3.37 -6.18 -8.68
CA ARG A 42 -3.57 -7.58 -9.09
C ARG A 42 -2.71 -8.59 -8.31
N LEU A 43 -2.15 -8.15 -7.18
CA LEU A 43 -1.39 -8.96 -6.22
C LEU A 43 -2.32 -9.57 -5.16
N HIS A 44 -2.86 -8.74 -4.25
CA HIS A 44 -3.81 -9.13 -3.18
C HIS A 44 -3.48 -10.40 -2.36
N LYS A 45 -2.18 -10.74 -2.22
CA LYS A 45 -1.70 -11.98 -1.57
C LYS A 45 -0.59 -11.81 -0.52
N TYR A 46 -0.01 -10.61 -0.37
CA TYR A 46 0.99 -10.31 0.67
C TYR A 46 0.37 -9.95 2.02
N SER A 47 -0.93 -9.65 2.05
CA SER A 47 -1.74 -9.34 3.22
C SER A 47 -1.63 -10.39 4.33
N ASP A 48 -1.39 -11.65 3.95
CA ASP A 48 -1.13 -12.77 4.85
C ASP A 48 0.01 -12.50 5.85
N ALA A 49 0.95 -11.64 5.46
CA ALA A 49 2.11 -11.20 6.23
C ALA A 49 2.21 -9.67 6.42
N LEU A 50 1.35 -8.90 5.74
CA LEU A 50 1.43 -7.45 5.59
C LEU A 50 0.20 -6.67 6.11
N SER A 51 -0.97 -7.29 6.28
CA SER A 51 -2.17 -6.66 6.87
C SER A 51 -1.98 -6.17 8.30
N GLY A 52 -0.97 -6.67 9.02
CA GLY A 52 -0.53 -6.14 10.32
C GLY A 52 0.14 -4.76 10.23
N THR A 53 0.42 -4.25 9.03
CA THR A 53 1.03 -2.93 8.77
C THR A 53 0.03 -1.98 8.08
N PRO A 54 -0.53 -0.98 8.79
CA PRO A 54 -1.42 0.01 8.18
C PRO A 54 -0.67 0.85 7.15
N TRP A 55 -1.38 1.30 6.11
CA TRP A 55 -0.84 2.06 4.98
C TRP A 55 0.07 3.25 5.35
N ILE A 56 -0.16 3.80 6.54
CA ILE A 56 0.49 5.01 7.04
C ILE A 56 1.85 4.68 7.64
N GLU A 57 2.01 3.48 8.23
CA GLU A 57 3.33 2.95 8.60
C GLU A 57 3.97 2.20 7.41
N LEU A 58 3.16 1.85 6.41
CA LEU A 58 3.49 0.98 5.30
C LEU A 58 4.19 1.65 4.14
N ILE A 59 3.59 2.70 3.60
CA ILE A 59 4.03 3.28 2.34
C ILE A 59 5.49 3.79 2.44
N TYR A 60 5.92 3.95 3.69
CA TYR A 60 7.23 4.36 4.19
C TYR A 60 8.32 3.28 4.09
N LEU A 61 7.93 2.03 3.78
CA LEU A 61 8.88 0.95 3.48
C LEU A 61 9.61 1.23 2.15
N ASP A 62 10.42 0.26 1.73
CA ASP A 62 11.28 0.28 0.56
C ASP A 62 11.20 -1.04 -0.19
N ASP A 63 11.99 -1.17 -1.26
CA ASP A 63 12.22 -2.40 -2.00
C ASP A 63 12.48 -3.60 -1.09
N GLU A 64 13.67 -3.69 -0.48
CA GLU A 64 14.07 -4.88 0.23
C GLU A 64 13.38 -5.02 1.61
N THR A 65 12.80 -3.96 2.18
CA THR A 65 12.12 -4.11 3.48
C THR A 65 10.70 -4.64 3.37
N LEU A 66 9.99 -4.37 2.27
CA LEU A 66 8.76 -5.08 1.98
C LEU A 66 9.00 -6.57 1.93
N GLU A 67 10.19 -6.99 1.50
CA GLU A 67 10.54 -8.36 1.35
C GLU A 67 10.84 -9.02 2.71
N LYS A 68 11.38 -8.28 3.69
CA LYS A 68 11.48 -8.70 5.09
C LYS A 68 10.11 -8.80 5.78
N LYS A 69 9.07 -8.16 5.22
CA LYS A 69 7.66 -8.29 5.62
C LYS A 69 7.00 -9.49 4.95
N GLY A 70 7.47 -9.85 3.76
CA GLY A 70 7.22 -11.08 3.04
C GLY A 70 6.78 -10.89 1.62
N VAL A 71 7.01 -9.70 1.10
CA VAL A 71 6.92 -9.38 -0.31
C VAL A 71 8.15 -9.96 -1.00
N LEU A 72 8.19 -11.28 -0.99
CA LEU A 72 9.34 -12.09 -1.32
C LEU A 72 9.50 -12.35 -2.82
N ALA A 73 9.45 -11.22 -3.50
CA ALA A 73 9.30 -11.06 -4.94
C ALA A 73 9.44 -9.60 -5.37
N LEU A 74 10.44 -9.29 -6.20
CA LEU A 74 10.62 -7.96 -6.77
C LEU A 74 9.34 -7.46 -7.44
N GLY A 75 8.71 -8.26 -8.30
CA GLY A 75 7.49 -7.84 -8.99
C GLY A 75 6.22 -7.84 -8.15
N ALA A 76 6.42 -7.79 -6.83
CA ALA A 76 5.43 -7.46 -5.83
C ALA A 76 5.90 -6.19 -5.12
N ARG A 77 7.13 -6.15 -4.59
CA ARG A 77 7.69 -4.94 -3.94
C ARG A 77 7.82 -3.72 -4.86
N ARG A 78 8.15 -3.84 -6.15
CA ARG A 78 8.39 -2.74 -7.11
C ARG A 78 7.04 -2.18 -7.55
N LYS A 79 6.11 -3.10 -7.75
CA LYS A 79 4.69 -2.87 -7.92
C LYS A 79 4.06 -2.19 -6.70
N LEU A 80 4.59 -2.48 -5.51
CA LEU A 80 4.21 -1.78 -4.31
C LEU A 80 4.86 -0.38 -4.24
N LEU A 81 6.06 -0.18 -4.75
CA LEU A 81 6.75 1.10 -4.79
C LEU A 81 5.96 2.08 -5.66
N LYS A 82 5.32 1.56 -6.73
CA LYS A 82 4.31 2.27 -7.50
C LYS A 82 3.16 2.71 -6.59
N ALA A 83 2.49 1.71 -6.00
CA ALA A 83 1.28 1.87 -5.18
C ALA A 83 1.50 2.91 -4.07
N PHE A 84 2.62 2.74 -3.36
CA PHE A 84 3.11 3.61 -2.30
C PHE A 84 3.27 5.01 -2.80
N GLY A 85 4.20 5.30 -3.71
CA GLY A 85 4.45 6.70 -3.98
C GLY A 85 3.38 7.44 -4.77
N ILE A 86 2.36 6.77 -5.31
CA ILE A 86 1.15 7.47 -5.74
C ILE A 86 0.44 7.94 -4.47
N VAL A 87 0.20 7.04 -3.48
CA VAL A 87 -0.50 7.48 -2.27
C VAL A 87 0.35 8.48 -1.50
N ILE A 88 1.68 8.33 -1.48
CA ILE A 88 2.61 9.35 -0.99
C ILE A 88 2.41 10.72 -1.63
N ASP A 89 2.12 10.77 -2.93
CA ASP A 89 1.98 12.01 -3.71
C ASP A 89 0.69 12.74 -3.45
N TYR A 90 -0.13 12.10 -2.63
CA TYR A 90 -1.34 12.63 -2.12
C TYR A 90 -1.27 12.81 -0.58
N LYS A 91 -0.56 11.93 0.12
CA LYS A 91 -0.53 11.82 1.57
C LYS A 91 0.44 12.82 2.15
N GLU A 92 1.64 12.91 1.55
CA GLU A 92 2.64 13.94 1.82
C GLU A 92 2.10 15.36 1.54
N ARG A 93 0.86 15.48 1.01
CA ARG A 93 0.18 16.76 0.79
C ARG A 93 -1.24 16.88 1.37
N ASP A 94 -1.74 15.85 2.07
CA ASP A 94 -3.00 15.86 2.85
C ASP A 94 -4.25 15.82 1.95
N LEU A 95 -4.10 15.25 0.76
CA LEU A 95 -5.08 15.24 -0.33
C LEU A 95 -6.01 14.01 -0.29
N ILE A 96 -5.67 13.03 0.57
CA ILE A 96 -6.47 11.85 0.89
C ILE A 96 -7.82 12.27 1.55
N ASP A 97 -8.78 11.34 1.65
CA ASP A 97 -10.12 11.54 2.22
C ASP A 97 -10.19 11.82 3.74
N ARG A 98 -9.05 12.04 4.42
CA ARG A 98 -8.86 12.52 5.80
C ARG A 98 -9.27 11.55 6.91
N SER A 99 -10.19 10.63 6.60
CA SER A 99 -10.57 9.47 7.39
C SER A 99 -9.71 8.22 7.12
N ALA A 100 -8.70 8.32 6.24
CA ALA A 100 -7.76 7.23 5.93
C ALA A 100 -6.68 7.13 7.00
N TYR A 101 -6.32 8.28 7.54
CA TYR A 101 -5.41 8.49 8.64
C TYR A 101 -5.89 7.87 9.97
N MET A 21 -8.08 10.92 -9.58
CA MET A 21 -8.25 10.12 -8.33
C MET A 21 -8.42 8.63 -8.67
N PRO A 22 -7.63 7.72 -8.07
CA PRO A 22 -7.67 6.28 -8.36
C PRO A 22 -8.84 5.50 -7.73
N LYS A 23 -9.71 6.17 -6.96
CA LYS A 23 -10.93 5.68 -6.28
C LYS A 23 -10.80 4.39 -5.44
N SER A 24 -9.57 3.99 -5.11
CA SER A 24 -9.26 2.82 -4.29
C SER A 24 -7.93 3.00 -3.53
N LEU A 25 -6.83 3.20 -4.25
CA LEU A 25 -5.45 3.33 -3.79
C LEU A 25 -5.23 4.47 -2.78
N THR A 26 -6.22 5.35 -2.60
CA THR A 26 -6.20 6.57 -1.78
C THR A 26 -7.49 6.72 -0.95
N ASP A 27 -8.20 5.62 -0.65
CA ASP A 27 -9.49 5.59 0.04
C ASP A 27 -9.43 4.89 1.42
N PRO A 28 -9.95 5.49 2.51
CA PRO A 28 -10.00 4.91 3.86
C PRO A 28 -10.46 3.44 3.90
N LYS A 29 -11.50 3.12 3.13
CA LYS A 29 -12.11 1.80 2.94
C LYS A 29 -11.11 0.72 2.49
N LEU A 30 -10.15 1.09 1.63
CA LEU A 30 -9.10 0.22 1.10
C LEU A 30 -7.84 0.34 1.97
N LEU A 31 -7.46 1.54 2.38
CA LEU A 31 -6.18 1.83 3.04
C LEU A 31 -6.02 1.12 4.40
N LYS A 32 -7.14 0.62 4.94
CA LYS A 32 -7.27 -0.09 6.21
C LYS A 32 -7.66 -1.57 6.00
N ASN A 33 -7.79 -1.94 4.73
CA ASN A 33 -7.94 -3.28 4.16
C ASN A 33 -6.85 -3.50 3.11
N ILE A 34 -5.64 -3.73 3.59
CA ILE A 34 -4.51 -4.18 2.78
C ILE A 34 -4.87 -5.23 1.68
N PRO A 35 -5.74 -6.25 1.87
CA PRO A 35 -6.05 -7.22 0.82
C PRO A 35 -6.70 -6.56 -0.41
N MET A 36 -7.79 -5.82 -0.23
CA MET A 36 -8.48 -5.12 -1.32
C MET A 36 -7.70 -3.88 -1.80
N TRP A 37 -6.81 -3.30 -0.99
CA TRP A 37 -5.91 -2.24 -1.47
C TRP A 37 -4.87 -2.78 -2.48
N LEU A 38 -4.19 -3.88 -2.12
CA LEU A 38 -3.31 -4.67 -2.98
C LEU A 38 -4.02 -5.27 -4.22
N LYS A 39 -5.36 -5.41 -4.19
CA LYS A 39 -6.15 -5.91 -5.32
C LYS A 39 -6.20 -4.98 -6.51
N SER A 40 -6.14 -3.69 -6.26
CA SER A 40 -5.96 -2.71 -7.32
C SER A 40 -4.62 -2.89 -8.08
N LEU A 41 -3.62 -3.57 -7.50
CA LEU A 41 -2.33 -3.92 -8.13
C LEU A 41 -2.37 -5.26 -8.89
N ARG A 42 -3.49 -5.99 -8.79
CA ARG A 42 -3.68 -7.40 -9.23
C ARG A 42 -2.80 -8.40 -8.45
N LEU A 43 -2.31 -7.98 -7.28
CA LEU A 43 -1.57 -8.81 -6.32
C LEU A 43 -2.50 -9.43 -5.27
N HIS A 44 -3.05 -8.60 -4.37
CA HIS A 44 -3.98 -9.01 -3.28
C HIS A 44 -3.64 -10.27 -2.47
N LYS A 45 -2.32 -10.59 -2.34
CA LYS A 45 -1.83 -11.84 -1.74
C LYS A 45 -0.72 -11.69 -0.68
N TYR A 46 -0.18 -10.48 -0.47
CA TYR A 46 0.82 -10.21 0.59
C TYR A 46 0.22 -9.86 1.94
N SER A 47 -1.08 -9.56 1.98
CA SER A 47 -1.88 -9.28 3.16
C SER A 47 -1.75 -10.35 4.25
N ASP A 48 -1.51 -11.60 3.85
CA ASP A 48 -1.24 -12.74 4.72
C ASP A 48 -0.08 -12.50 5.69
N ALA A 49 0.86 -11.63 5.31
CA ALA A 49 2.04 -11.22 6.06
C ALA A 49 2.15 -9.69 6.28
N LEU A 50 1.28 -8.90 5.64
CA LEU A 50 1.36 -7.44 5.51
C LEU A 50 0.15 -6.67 6.05
N SER A 51 -1.02 -7.29 6.24
CA SER A 51 -2.21 -6.64 6.82
C SER A 51 -2.02 -6.16 8.27
N GLY A 52 -1.00 -6.67 8.97
CA GLY A 52 -0.55 -6.14 10.27
C GLY A 52 0.12 -4.76 10.18
N THR A 53 0.40 -4.26 8.97
CA THR A 53 1.00 -2.94 8.71
C THR A 53 0.00 -2.00 8.02
N PRO A 54 -0.55 -0.98 8.72
CA PRO A 54 -1.44 0.00 8.11
C PRO A 54 -0.70 0.83 7.08
N TRP A 55 -1.42 1.29 6.04
CA TRP A 55 -0.88 2.06 4.91
C TRP A 55 0.05 3.22 5.28
N ILE A 56 -0.14 3.78 6.47
CA ILE A 56 0.54 4.99 6.93
C ILE A 56 1.88 4.63 7.59
N GLU A 57 2.00 3.43 8.18
CA GLU A 57 3.30 2.86 8.56
C GLU A 57 3.93 2.15 7.35
N LEU A 58 3.12 1.80 6.35
CA LEU A 58 3.45 0.96 5.21
C LEU A 58 4.14 1.64 4.07
N ILE A 59 3.55 2.71 3.54
CA ILE A 59 3.99 3.31 2.29
C ILE A 59 5.46 3.79 2.38
N TYR A 60 5.92 3.93 3.63
CA TYR A 60 7.24 4.32 4.10
C TYR A 60 8.30 3.23 3.96
N LEU A 61 7.90 2.00 3.62
CA LEU A 61 8.83 0.90 3.30
C LEU A 61 9.54 1.18 1.95
N ASP A 62 10.31 0.19 1.50
CA ASP A 62 11.24 0.27 0.38
C ASP A 62 11.26 -1.06 -0.39
N ASP A 63 12.09 -1.10 -1.43
CA ASP A 63 12.39 -2.28 -2.24
C ASP A 63 12.64 -3.54 -1.41
N GLU A 64 13.77 -3.63 -0.72
CA GLU A 64 14.12 -4.81 0.06
C GLU A 64 13.39 -4.90 1.40
N THR A 65 12.74 -3.84 1.88
CA THR A 65 12.05 -3.92 3.18
C THR A 65 10.68 -4.56 3.13
N LEU A 66 9.97 -4.42 2.03
CA LEU A 66 8.78 -5.21 1.74
C LEU A 66 9.09 -6.71 1.76
N GLU A 67 10.31 -7.06 1.42
CA GLU A 67 10.87 -8.38 1.39
C GLU A 67 11.40 -8.85 2.77
N LYS A 68 11.31 -8.01 3.80
CA LYS A 68 11.44 -8.37 5.21
C LYS A 68 10.05 -8.54 5.86
N LYS A 69 9.00 -7.99 5.22
CA LYS A 69 7.57 -8.16 5.56
C LYS A 69 6.98 -9.44 4.96
N GLY A 70 7.42 -9.87 3.77
CA GLY A 70 7.02 -11.10 3.09
C GLY A 70 6.42 -10.88 1.71
N VAL A 71 6.65 -9.69 1.14
CA VAL A 71 6.39 -9.40 -0.27
C VAL A 71 7.25 -10.27 -1.18
N LEU A 72 8.43 -10.57 -0.67
CA LEU A 72 9.41 -11.57 -1.06
C LEU A 72 9.83 -11.67 -2.55
N ALA A 73 9.48 -10.69 -3.38
CA ALA A 73 9.63 -10.70 -4.83
C ALA A 73 9.81 -9.28 -5.34
N LEU A 74 10.80 -9.07 -6.20
CA LEU A 74 11.06 -7.82 -6.89
C LEU A 74 9.85 -7.26 -7.61
N GLY A 75 9.16 -8.09 -8.39
CA GLY A 75 8.02 -7.57 -9.14
C GLY A 75 6.73 -7.46 -8.33
N ALA A 76 6.78 -7.84 -7.06
CA ALA A 76 5.73 -7.55 -6.09
C ALA A 76 6.07 -6.23 -5.37
N ARG A 77 7.25 -6.19 -4.72
CA ARG A 77 7.77 -5.03 -4.00
C ARG A 77 7.87 -3.74 -4.84
N ARG A 78 8.13 -3.79 -6.15
CA ARG A 78 8.24 -2.64 -7.07
C ARG A 78 6.87 -2.12 -7.49
N LYS A 79 6.00 -3.08 -7.78
CA LYS A 79 4.55 -2.82 -7.92
C LYS A 79 4.02 -2.10 -6.70
N LEU A 80 4.57 -2.45 -5.54
CA LEU A 80 4.19 -1.80 -4.33
C LEU A 80 4.79 -0.40 -4.21
N LEU A 81 6.01 -0.16 -4.71
CA LEU A 81 6.67 1.13 -4.71
C LEU A 81 5.88 2.13 -5.57
N LYS A 82 5.27 1.63 -6.66
CA LYS A 82 4.28 2.36 -7.45
C LYS A 82 3.11 2.78 -6.56
N ALA A 83 2.43 1.79 -6.00
CA ALA A 83 1.24 1.90 -5.17
C ALA A 83 1.46 2.94 -4.06
N PHE A 84 2.60 2.77 -3.37
CA PHE A 84 3.09 3.63 -2.32
C PHE A 84 3.28 5.03 -2.83
N GLY A 85 4.20 5.31 -3.75
CA GLY A 85 4.46 6.72 -4.00
C GLY A 85 3.36 7.49 -4.73
N ILE A 86 2.36 6.82 -5.32
CA ILE A 86 1.14 7.54 -5.73
C ILE A 86 0.45 7.98 -4.43
N VAL A 87 0.15 7.10 -3.48
CA VAL A 87 -0.53 7.51 -2.24
C VAL A 87 0.36 8.45 -1.41
N ILE A 88 1.69 8.33 -1.49
CA ILE A 88 2.65 9.31 -0.95
C ILE A 88 2.42 10.71 -1.51
N ASP A 89 2.19 10.83 -2.82
CA ASP A 89 1.99 12.10 -3.55
C ASP A 89 0.65 12.76 -3.36
N TYR A 90 0.04 12.26 -2.31
CA TYR A 90 -1.31 12.40 -1.97
C TYR A 90 -1.45 12.43 -0.45
N LYS A 91 -0.53 11.84 0.31
CA LYS A 91 -0.51 11.83 1.77
C LYS A 91 0.46 12.88 2.28
N GLU A 92 1.66 12.90 1.69
CA GLU A 92 2.62 13.99 1.83
C GLU A 92 2.05 15.30 1.23
N ARG A 93 0.90 15.22 0.53
CA ARG A 93 0.18 16.35 -0.11
C ARG A 93 -1.12 16.72 0.58
N ASP A 94 -1.95 15.70 0.87
CA ASP A 94 -3.18 15.70 1.67
C ASP A 94 -4.46 15.71 0.80
N LEU A 95 -4.43 14.76 -0.14
CA LEU A 95 -5.35 14.36 -1.21
C LEU A 95 -6.22 13.19 -0.78
N ILE A 96 -5.74 12.38 0.18
CA ILE A 96 -6.52 11.35 0.89
C ILE A 96 -7.59 12.00 1.77
N ASP A 97 -8.69 11.29 2.06
CA ASP A 97 -9.63 11.68 3.11
C ASP A 97 -9.00 11.51 4.50
N ARG A 98 -9.27 12.46 5.39
CA ARG A 98 -8.79 12.53 6.78
C ARG A 98 -9.19 11.34 7.65
N SER A 99 -10.23 10.61 7.24
CA SER A 99 -10.67 9.32 7.80
C SER A 99 -9.74 8.13 7.47
N ALA A 100 -8.74 8.28 6.61
CA ALA A 100 -7.80 7.22 6.22
C ALA A 100 -6.61 7.20 7.17
N TYR A 101 -6.24 8.37 7.64
CA TYR A 101 -5.23 8.60 8.65
C TYR A 101 -5.58 7.98 10.02
N MET A 21 -12.85 2.98 -8.01
CA MET A 21 -12.46 4.19 -8.79
C MET A 21 -10.94 4.37 -8.76
N PRO A 22 -10.33 5.14 -9.68
CA PRO A 22 -8.87 5.35 -9.72
C PRO A 22 -8.23 5.76 -8.38
N LYS A 23 -8.87 6.68 -7.65
CA LYS A 23 -8.46 7.11 -6.29
C LYS A 23 -8.79 6.16 -5.16
N SER A 24 -9.30 4.95 -5.44
CA SER A 24 -9.49 3.96 -4.38
C SER A 24 -8.18 3.40 -3.80
N LEU A 25 -7.06 3.60 -4.50
CA LEU A 25 -5.70 3.41 -4.01
C LEU A 25 -5.36 4.41 -2.89
N THR A 26 -6.28 5.33 -2.56
CA THR A 26 -6.22 6.37 -1.54
C THR A 26 -7.55 6.48 -0.74
N ASP A 27 -8.47 5.51 -0.85
CA ASP A 27 -9.74 5.46 -0.12
C ASP A 27 -9.55 4.84 1.27
N PRO A 28 -10.02 5.48 2.36
CA PRO A 28 -10.03 4.90 3.73
C PRO A 28 -10.49 3.44 3.78
N LYS A 29 -11.54 3.12 3.01
CA LYS A 29 -12.18 1.81 2.83
C LYS A 29 -11.22 0.72 2.32
N LEU A 30 -10.25 1.08 1.48
CA LEU A 30 -9.20 0.18 0.98
C LEU A 30 -7.94 0.32 1.84
N LEU A 31 -7.55 1.52 2.25
CA LEU A 31 -6.28 1.81 2.93
C LEU A 31 -6.12 1.09 4.27
N LYS A 32 -7.22 0.59 4.82
CA LYS A 32 -7.34 -0.13 6.08
C LYS A 32 -7.73 -1.60 5.88
N ASN A 33 -7.88 -1.98 4.62
CA ASN A 33 -8.02 -3.31 4.07
C ASN A 33 -6.92 -3.55 3.03
N ILE A 34 -5.71 -3.74 3.54
CA ILE A 34 -4.57 -4.20 2.74
C ILE A 34 -4.92 -5.27 1.68
N PRO A 35 -5.78 -6.31 1.90
CA PRO A 35 -6.07 -7.31 0.87
C PRO A 35 -6.72 -6.71 -0.38
N MET A 36 -7.83 -5.96 -0.23
CA MET A 36 -8.52 -5.30 -1.35
C MET A 36 -7.76 -4.05 -1.85
N TRP A 37 -6.88 -3.45 -1.05
CA TRP A 37 -5.99 -2.40 -1.56
C TRP A 37 -4.94 -2.96 -2.54
N LEU A 38 -4.23 -4.02 -2.13
CA LEU A 38 -3.34 -4.83 -2.96
C LEU A 38 -4.05 -5.46 -4.18
N LYS A 39 -5.38 -5.62 -4.16
CA LYS A 39 -6.17 -6.11 -5.30
C LYS A 39 -6.22 -5.16 -6.48
N SER A 40 -6.12 -3.87 -6.24
CA SER A 40 -5.94 -2.91 -7.33
C SER A 40 -4.63 -3.15 -8.11
N LEU A 41 -3.62 -3.80 -7.50
CA LEU A 41 -2.33 -4.16 -8.10
C LEU A 41 -2.36 -5.53 -8.80
N ARG A 42 -3.51 -6.24 -8.75
CA ARG A 42 -3.72 -7.64 -9.16
C ARG A 42 -2.89 -8.64 -8.31
N LEU A 43 -2.38 -8.19 -7.15
CA LEU A 43 -1.59 -8.98 -6.20
C LEU A 43 -2.46 -9.60 -5.10
N HIS A 44 -3.06 -8.78 -4.23
CA HIS A 44 -4.02 -9.18 -3.17
C HIS A 44 -3.71 -10.44 -2.33
N LYS A 45 -2.42 -10.73 -2.11
CA LYS A 45 -1.90 -11.90 -1.38
C LYS A 45 -1.02 -11.58 -0.18
N TYR A 46 -0.24 -10.50 -0.25
CA TYR A 46 0.82 -10.22 0.72
C TYR A 46 0.29 -9.75 2.08
N SER A 47 -1.00 -9.41 2.16
CA SER A 47 -1.77 -9.12 3.36
C SER A 47 -1.61 -10.19 4.44
N ASP A 48 -1.37 -11.44 4.05
CA ASP A 48 -1.07 -12.57 4.93
C ASP A 48 0.11 -12.30 5.89
N ALA A 49 1.04 -11.45 5.44
CA ALA A 49 2.24 -11.01 6.15
C ALA A 49 2.36 -9.48 6.31
N LEU A 50 1.44 -8.71 5.71
CA LEU A 50 1.51 -7.26 5.53
C LEU A 50 0.29 -6.47 6.06
N SER A 51 -0.88 -7.10 6.23
CA SER A 51 -2.12 -6.44 6.69
C SER A 51 -2.04 -5.93 8.13
N GLY A 52 -1.12 -6.50 8.92
CA GLY A 52 -0.73 -5.99 10.25
C GLY A 52 -0.01 -4.63 10.21
N THR A 53 0.35 -4.13 9.02
CA THR A 53 0.96 -2.81 8.78
C THR A 53 -0.04 -1.86 8.10
N PRO A 54 -0.59 -0.85 8.81
CA PRO A 54 -1.48 0.15 8.20
C PRO A 54 -0.74 0.97 7.17
N TRP A 55 -1.45 1.41 6.13
CA TRP A 55 -0.91 2.17 4.99
C TRP A 55 -0.02 3.35 5.36
N ILE A 56 -0.24 3.92 6.53
CA ILE A 56 0.43 5.12 7.02
C ILE A 56 1.80 4.79 7.62
N GLU A 57 1.95 3.60 8.21
CA GLU A 57 3.28 3.05 8.57
C GLU A 57 3.91 2.30 7.39
N LEU A 58 3.09 1.95 6.38
CA LEU A 58 3.41 1.07 5.27
C LEU A 58 4.09 1.73 4.10
N ILE A 59 3.49 2.80 3.58
CA ILE A 59 3.91 3.38 2.31
C ILE A 59 5.38 3.86 2.38
N TYR A 60 5.84 4.02 3.61
CA TYR A 60 7.15 4.41 4.10
C TYR A 60 8.23 3.32 3.97
N LEU A 61 7.83 2.08 3.64
CA LEU A 61 8.77 0.99 3.33
C LEU A 61 9.52 1.27 2.00
N ASP A 62 10.28 0.27 1.56
CA ASP A 62 11.18 0.32 0.42
C ASP A 62 11.14 -1.01 -0.36
N ASP A 63 11.93 -1.08 -1.42
CA ASP A 63 12.17 -2.25 -2.26
C ASP A 63 12.42 -3.54 -1.46
N GLU A 64 13.61 -3.73 -0.91
CA GLU A 64 13.97 -4.95 -0.19
C GLU A 64 13.44 -5.00 1.25
N THR A 65 12.75 -3.96 1.72
CA THR A 65 12.09 -4.00 3.06
C THR A 65 10.69 -4.59 3.04
N LEU A 66 9.92 -4.42 1.98
CA LEU A 66 8.67 -5.15 1.76
C LEU A 66 8.89 -6.66 1.74
N GLU A 67 10.09 -7.07 1.37
CA GLU A 67 10.57 -8.42 1.35
C GLU A 67 10.92 -8.94 2.76
N LYS A 68 11.20 -8.06 3.73
CA LYS A 68 11.30 -8.38 5.15
C LYS A 68 9.93 -8.51 5.81
N LYS A 69 8.89 -7.88 5.22
CA LYS A 69 7.47 -8.09 5.56
C LYS A 69 7.03 -9.44 5.04
N GLY A 70 7.21 -9.64 3.74
CA GLY A 70 7.19 -10.91 3.05
C GLY A 70 6.46 -10.92 1.73
N VAL A 71 6.63 -9.81 1.04
CA VAL A 71 6.31 -9.65 -0.36
C VAL A 71 7.20 -10.59 -1.20
N LEU A 72 8.47 -10.65 -0.79
CA LEU A 72 9.53 -11.58 -1.19
C LEU A 72 9.75 -11.79 -2.69
N ALA A 73 9.43 -10.74 -3.42
CA ALA A 73 9.38 -10.71 -4.87
C ALA A 73 9.64 -9.29 -5.34
N LEU A 74 10.71 -9.08 -6.11
CA LEU A 74 11.03 -7.82 -6.77
C LEU A 74 9.84 -7.24 -7.51
N GLY A 75 9.18 -8.05 -8.33
CA GLY A 75 8.09 -7.50 -9.13
C GLY A 75 6.79 -7.31 -8.38
N ALA A 76 6.72 -7.78 -7.14
CA ALA A 76 5.64 -7.44 -6.22
C ALA A 76 6.00 -6.18 -5.42
N ARG A 77 7.17 -6.16 -4.78
CA ARG A 77 7.65 -5.04 -3.96
C ARG A 77 7.79 -3.73 -4.76
N ARG A 78 8.06 -3.76 -6.07
CA ARG A 78 8.15 -2.61 -6.99
C ARG A 78 6.78 -2.12 -7.43
N LYS A 79 5.92 -3.09 -7.72
CA LYS A 79 4.48 -2.83 -7.87
C LYS A 79 3.94 -2.09 -6.66
N LEU A 80 4.47 -2.44 -5.50
CA LEU A 80 4.06 -1.80 -4.29
C LEU A 80 4.63 -0.40 -4.17
N LEU A 81 5.85 -0.14 -4.66
CA LEU A 81 6.49 1.16 -4.67
C LEU A 81 5.69 2.14 -5.53
N LYS A 82 5.10 1.64 -6.61
CA LYS A 82 4.10 2.37 -7.41
C LYS A 82 2.92 2.77 -6.52
N ALA A 83 2.25 1.78 -5.96
CA ALA A 83 1.05 1.88 -5.16
C ALA A 83 1.25 2.91 -4.02
N PHE A 84 2.37 2.72 -3.31
CA PHE A 84 2.86 3.59 -2.26
C PHE A 84 3.05 4.99 -2.78
N GLY A 85 3.95 5.26 -3.71
CA GLY A 85 4.20 6.65 -4.00
C GLY A 85 3.09 7.41 -4.73
N ILE A 86 2.07 6.74 -5.27
CA ILE A 86 0.85 7.44 -5.67
C ILE A 86 0.17 7.92 -4.39
N VAL A 87 -0.08 7.06 -3.40
CA VAL A 87 -0.73 7.51 -2.16
C VAL A 87 0.18 8.47 -1.38
N ILE A 88 1.51 8.34 -1.48
CA ILE A 88 2.47 9.33 -0.98
C ILE A 88 2.23 10.71 -1.60
N ASP A 89 1.96 10.78 -2.90
CA ASP A 89 1.72 12.02 -3.68
C ASP A 89 0.40 12.70 -3.43
N TYR A 90 -0.17 12.26 -2.35
CA TYR A 90 -1.51 12.43 -1.96
C TYR A 90 -1.58 12.55 -0.45
N LYS A 91 -0.68 11.90 0.30
CA LYS A 91 -0.61 11.94 1.76
C LYS A 91 0.38 12.99 2.19
N GLU A 92 1.55 12.99 1.57
CA GLU A 92 2.54 14.07 1.65
C GLU A 92 1.99 15.37 1.03
N ARG A 93 0.82 15.30 0.36
CA ARG A 93 0.16 16.43 -0.32
C ARG A 93 -1.08 16.91 0.39
N ASP A 94 -2.01 15.97 0.65
CA ASP A 94 -3.25 16.08 1.45
C ASP A 94 -4.50 16.03 0.53
N LEU A 95 -4.55 14.92 -0.20
CA LEU A 95 -5.46 14.49 -1.27
C LEU A 95 -6.37 13.34 -0.80
N ILE A 96 -5.93 12.61 0.24
CA ILE A 96 -6.71 11.63 1.00
C ILE A 96 -7.93 12.30 1.69
N ASP A 97 -8.81 11.51 2.29
CA ASP A 97 -10.09 11.90 2.90
C ASP A 97 -10.01 12.21 4.41
N ARG A 98 -8.81 12.19 5.00
CA ARG A 98 -8.49 12.46 6.43
C ARG A 98 -9.19 11.55 7.45
N SER A 99 -10.01 10.62 6.96
CA SER A 99 -10.58 9.47 7.68
C SER A 99 -9.78 8.19 7.39
N ALA A 100 -8.77 8.28 6.52
CA ALA A 100 -7.84 7.19 6.21
C ALA A 100 -6.76 7.06 7.29
N TYR A 101 -6.47 8.18 7.93
CA TYR A 101 -5.52 8.38 9.00
C TYR A 101 -5.95 7.70 10.32
N MET A 21 -10.94 7.67 -11.62
CA MET A 21 -9.78 8.26 -10.88
C MET A 21 -9.14 7.22 -9.96
N PRO A 22 -7.82 7.32 -9.67
CA PRO A 22 -7.05 6.39 -8.81
C PRO A 22 -7.51 6.21 -7.34
N LYS A 23 -8.64 6.79 -6.91
CA LYS A 23 -9.08 6.89 -5.50
C LYS A 23 -9.12 5.61 -4.70
N SER A 24 -9.30 4.43 -5.30
CA SER A 24 -9.24 3.20 -4.50
C SER A 24 -7.85 2.90 -3.91
N LEU A 25 -6.79 3.46 -4.48
CA LEU A 25 -5.43 3.41 -3.98
C LEU A 25 -5.20 4.41 -2.84
N THR A 26 -6.19 5.26 -2.52
CA THR A 26 -6.11 6.36 -1.54
C THR A 26 -7.42 6.54 -0.72
N ASP A 27 -8.31 5.53 -0.67
CA ASP A 27 -9.60 5.56 0.05
C ASP A 27 -9.47 4.88 1.43
N PRO A 28 -9.96 5.50 2.53
CA PRO A 28 -9.89 4.97 3.90
C PRO A 28 -10.27 3.49 4.03
N LYS A 29 -11.36 3.12 3.36
CA LYS A 29 -11.96 1.77 3.33
C LYS A 29 -11.10 0.70 2.63
N LEU A 30 -10.19 1.09 1.75
CA LEU A 30 -9.15 0.22 1.17
C LEU A 30 -7.86 0.34 2.00
N LEU A 31 -7.46 1.56 2.39
CA LEU A 31 -6.19 1.85 3.07
C LEU A 31 -6.04 1.14 4.42
N LYS A 32 -7.16 0.65 4.97
CA LYS A 32 -7.27 -0.06 6.25
C LYS A 32 -7.66 -1.53 6.04
N ASN A 33 -7.78 -1.92 4.78
CA ASN A 33 -7.94 -3.26 4.24
C ASN A 33 -6.86 -3.48 3.17
N ILE A 34 -5.64 -3.70 3.64
CA ILE A 34 -4.51 -4.15 2.82
C ILE A 34 -4.88 -5.20 1.74
N PRO A 35 -5.72 -6.24 1.94
CA PRO A 35 -6.01 -7.23 0.89
C PRO A 35 -6.70 -6.59 -0.33
N MET A 36 -7.82 -5.89 -0.11
CA MET A 36 -8.54 -5.22 -1.21
C MET A 36 -7.82 -3.97 -1.71
N TRP A 37 -6.89 -3.38 -0.94
CA TRP A 37 -6.02 -2.33 -1.46
C TRP A 37 -4.98 -2.87 -2.46
N LEU A 38 -4.26 -3.94 -2.10
CA LEU A 38 -3.36 -4.72 -2.96
C LEU A 38 -4.05 -5.31 -4.21
N LYS A 39 -5.38 -5.45 -4.22
CA LYS A 39 -6.18 -5.89 -5.39
C LYS A 39 -6.06 -4.97 -6.60
N SER A 40 -6.01 -3.67 -6.36
CA SER A 40 -5.74 -2.67 -7.40
C SER A 40 -4.39 -2.89 -8.11
N LEU A 41 -3.43 -3.58 -7.49
CA LEU A 41 -2.12 -3.93 -8.04
C LEU A 41 -2.15 -5.29 -8.79
N ARG A 42 -3.30 -5.98 -8.77
CA ARG A 42 -3.50 -7.37 -9.19
C ARG A 42 -2.63 -8.34 -8.39
N LEU A 43 -2.42 -8.01 -7.09
CA LEU A 43 -1.60 -8.79 -6.15
C LEU A 43 -2.45 -9.44 -5.06
N HIS A 44 -3.06 -8.63 -4.18
CA HIS A 44 -4.05 -9.04 -3.14
C HIS A 44 -3.76 -10.33 -2.34
N LYS A 45 -2.48 -10.61 -2.09
CA LYS A 45 -1.98 -11.81 -1.38
C LYS A 45 -1.07 -11.53 -0.19
N TYR A 46 -0.27 -10.47 -0.26
CA TYR A 46 0.80 -10.21 0.70
C TYR A 46 0.30 -9.75 2.07
N SER A 47 -0.98 -9.39 2.15
CA SER A 47 -1.75 -9.11 3.36
C SER A 47 -1.61 -10.20 4.43
N ASP A 48 -1.39 -11.45 4.01
CA ASP A 48 -1.11 -12.59 4.88
C ASP A 48 0.08 -12.36 5.84
N ALA A 49 1.02 -11.51 5.41
CA ALA A 49 2.22 -11.11 6.13
C ALA A 49 2.37 -9.58 6.32
N LEU A 50 1.46 -8.79 5.72
CA LEU A 50 1.55 -7.34 5.56
C LEU A 50 0.35 -6.54 6.09
N SER A 51 -0.84 -7.16 6.25
CA SER A 51 -2.07 -6.48 6.72
C SER A 51 -2.00 -5.98 8.16
N GLY A 52 -1.09 -6.57 8.95
CA GLY A 52 -0.70 -6.08 10.27
C GLY A 52 0.03 -4.72 10.24
N THR A 53 0.40 -4.22 9.05
CA THR A 53 1.03 -2.90 8.83
C THR A 53 0.03 -1.94 8.16
N PRO A 54 -0.51 -0.94 8.88
CA PRO A 54 -1.40 0.07 8.29
C PRO A 54 -0.67 0.90 7.25
N TRP A 55 -1.39 1.37 6.22
CA TRP A 55 -0.84 2.11 5.08
C TRP A 55 0.09 3.29 5.45
N ILE A 56 -0.11 3.84 6.63
CA ILE A 56 0.60 5.03 7.11
C ILE A 56 1.96 4.66 7.72
N GLU A 57 2.07 3.46 8.31
CA GLU A 57 3.38 2.90 8.68
C GLU A 57 4.00 2.14 7.47
N LEU A 58 3.17 1.83 6.47
CA LEU A 58 3.47 0.96 5.34
C LEU A 58 4.16 1.62 4.18
N ILE A 59 3.57 2.70 3.66
CA ILE A 59 4.00 3.28 2.40
C ILE A 59 5.47 3.75 2.46
N TYR A 60 5.95 3.88 3.70
CA TYR A 60 7.28 4.25 4.17
C TYR A 60 8.33 3.14 4.00
N LEU A 61 7.91 1.91 3.68
CA LEU A 61 8.83 0.80 3.40
C LEU A 61 9.60 1.04 2.08
N ASP A 62 10.40 0.05 1.72
CA ASP A 62 11.37 0.08 0.63
C ASP A 62 11.26 -1.17 -0.25
N ASP A 63 12.09 -1.23 -1.29
CA ASP A 63 12.32 -2.39 -2.12
C ASP A 63 12.57 -3.67 -1.30
N GLU A 64 13.70 -3.74 -0.59
CA GLU A 64 14.06 -4.92 0.18
C GLU A 64 13.34 -5.04 1.52
N THR A 65 12.67 -4.00 2.02
CA THR A 65 11.97 -4.09 3.31
C THR A 65 10.58 -4.70 3.22
N LEU A 66 9.88 -4.51 2.11
CA LEU A 66 8.67 -5.26 1.81
C LEU A 66 8.92 -6.76 1.77
N GLU A 67 10.15 -7.14 1.46
CA GLU A 67 10.62 -8.49 1.38
C GLU A 67 11.00 -9.04 2.77
N LYS A 68 11.25 -8.19 3.77
CA LYS A 68 11.34 -8.59 5.17
C LYS A 68 9.95 -8.74 5.81
N LYS A 69 8.93 -8.07 5.25
CA LYS A 69 7.51 -8.27 5.57
C LYS A 69 7.05 -9.61 4.99
N GLY A 70 7.28 -9.78 3.70
CA GLY A 70 7.26 -11.02 2.98
C GLY A 70 6.53 -11.02 1.67
N VAL A 71 6.67 -9.90 1.00
CA VAL A 71 6.36 -9.73 -0.40
C VAL A 71 7.25 -10.65 -1.25
N LEU A 72 8.54 -10.67 -0.87
CA LEU A 72 9.58 -11.59 -1.29
C LEU A 72 9.82 -11.78 -2.80
N ALA A 73 9.44 -10.76 -3.52
CA ALA A 73 9.37 -10.73 -4.97
C ALA A 73 9.60 -9.31 -5.47
N LEU A 74 10.61 -9.08 -6.30
CA LEU A 74 10.90 -7.79 -6.92
C LEU A 74 9.67 -7.23 -7.63
N GLY A 75 9.04 -8.02 -8.50
CA GLY A 75 7.85 -7.54 -9.20
C GLY A 75 6.55 -7.69 -8.44
N ALA A 76 6.67 -7.58 -7.12
CA ALA A 76 5.61 -7.40 -6.14
C ALA A 76 5.96 -6.19 -5.25
N ARG A 77 7.18 -6.17 -4.69
CA ARG A 77 7.69 -5.06 -3.87
C ARG A 77 7.84 -3.74 -4.66
N ARG A 78 8.07 -3.76 -5.98
CA ARG A 78 8.29 -2.60 -6.87
C ARG A 78 6.94 -2.09 -7.35
N LYS A 79 6.06 -3.04 -7.64
CA LYS A 79 4.64 -2.81 -7.85
C LYS A 79 3.98 -2.16 -6.62
N LEU A 80 4.51 -2.46 -5.44
CA LEU A 80 4.14 -1.76 -4.23
C LEU A 80 4.80 -0.38 -4.12
N LEU A 81 6.02 -0.16 -4.62
CA LEU A 81 6.67 1.13 -4.63
C LEU A 81 5.87 2.11 -5.50
N LYS A 82 5.24 1.59 -6.57
CA LYS A 82 4.22 2.31 -7.35
C LYS A 82 3.07 2.72 -6.44
N ALA A 83 2.40 1.71 -5.87
CA ALA A 83 1.21 1.85 -5.04
C ALA A 83 1.42 2.91 -3.94
N PHE A 84 2.54 2.72 -3.22
CA PHE A 84 3.03 3.59 -2.19
C PHE A 84 3.23 4.99 -2.69
N GLY A 85 4.14 5.26 -3.62
CA GLY A 85 4.40 6.65 -3.90
C GLY A 85 3.31 7.42 -4.65
N ILE A 86 2.28 6.76 -5.18
CA ILE A 86 1.06 7.47 -5.59
C ILE A 86 0.38 7.93 -4.32
N VAL A 87 0.11 7.07 -3.33
CA VAL A 87 -0.54 7.52 -2.09
C VAL A 87 0.37 8.47 -1.31
N ILE A 88 1.69 8.34 -1.40
CA ILE A 88 2.65 9.33 -0.90
C ILE A 88 2.43 10.71 -1.51
N ASP A 89 2.15 10.80 -2.81
CA ASP A 89 1.91 12.03 -3.58
C ASP A 89 0.59 12.71 -3.34
N TYR A 90 0.01 12.24 -2.28
CA TYR A 90 -1.33 12.41 -1.89
C TYR A 90 -1.41 12.51 -0.36
N LYS A 91 -0.50 11.88 0.37
CA LYS A 91 -0.44 11.87 1.83
C LYS A 91 0.51 12.96 2.28
N GLU A 92 1.70 12.96 1.67
CA GLU A 92 2.69 14.02 1.78
C GLU A 92 2.16 15.34 1.14
N ARG A 93 0.98 15.27 0.49
CA ARG A 93 0.28 16.42 -0.14
C ARG A 93 -0.97 16.83 0.63
N ASP A 94 -1.86 15.86 0.83
CA ASP A 94 -3.09 15.86 1.63
C ASP A 94 -4.34 15.89 0.73
N LEU A 95 -4.44 14.81 -0.03
CA LEU A 95 -5.35 14.43 -1.12
C LEU A 95 -6.26 13.26 -0.69
N ILE A 96 -5.81 12.50 0.32
CA ILE A 96 -6.56 11.48 1.05
C ILE A 96 -7.81 12.07 1.75
N ASP A 97 -8.79 11.23 2.09
CA ASP A 97 -10.13 11.60 2.57
C ASP A 97 -10.28 11.96 4.07
N ARG A 98 -9.18 12.27 4.76
CA ARG A 98 -9.06 12.73 6.15
C ARG A 98 -9.43 11.68 7.22
N SER A 99 -10.30 10.75 6.88
CA SER A 99 -10.64 9.55 7.67
C SER A 99 -9.70 8.36 7.43
N ALA A 100 -8.68 8.50 6.57
CA ALA A 100 -7.75 7.39 6.23
C ALA A 100 -6.61 7.29 7.23
N TYR A 101 -6.23 8.44 7.75
CA TYR A 101 -5.23 8.63 8.78
C TYR A 101 -5.61 7.97 10.12
N MET A 21 -8.82 9.60 -11.78
CA MET A 21 -7.85 9.12 -10.76
C MET A 21 -8.26 7.74 -10.21
N PRO A 22 -7.31 6.87 -9.84
CA PRO A 22 -7.59 5.54 -9.27
C PRO A 22 -8.08 5.63 -7.82
N LYS A 23 -9.32 6.09 -7.61
CA LYS A 23 -9.95 6.35 -6.30
C LYS A 23 -10.35 5.05 -5.57
N SER A 24 -9.33 4.31 -5.17
CA SER A 24 -9.29 3.14 -4.28
C SER A 24 -7.93 3.05 -3.59
N LEU A 25 -6.84 3.39 -4.31
CA LEU A 25 -5.46 3.42 -3.86
C LEU A 25 -5.21 4.49 -2.79
N THR A 26 -6.18 5.37 -2.52
CA THR A 26 -6.12 6.53 -1.63
C THR A 26 -7.39 6.66 -0.76
N ASP A 27 -8.08 5.54 -0.49
CA ASP A 27 -9.41 5.46 0.15
C ASP A 27 -9.37 4.74 1.50
N PRO A 28 -9.88 5.34 2.59
CA PRO A 28 -9.89 4.78 3.94
C PRO A 28 -10.36 3.31 4.00
N LYS A 29 -11.40 3.01 3.22
CA LYS A 29 -12.05 1.70 3.02
C LYS A 29 -11.08 0.60 2.55
N LEU A 30 -10.09 0.96 1.73
CA LEU A 30 -9.07 0.06 1.18
C LEU A 30 -7.80 0.10 2.04
N LEU A 31 -7.37 1.31 2.42
CA LEU A 31 -6.10 1.63 3.09
C LEU A 31 -5.95 0.94 4.46
N LYS A 32 -7.07 0.47 5.02
CA LYS A 32 -7.20 -0.15 6.33
C LYS A 32 -7.58 -1.64 6.23
N ASN A 33 -7.90 -2.11 5.02
CA ASN A 33 -8.03 -3.53 4.72
C ASN A 33 -6.62 -4.10 4.57
N ILE A 34 -5.97 -3.70 3.47
CA ILE A 34 -4.72 -4.18 2.84
C ILE A 34 -4.99 -5.17 1.69
N PRO A 35 -5.73 -6.31 1.81
CA PRO A 35 -5.96 -7.23 0.69
C PRO A 35 -6.63 -6.57 -0.52
N MET A 36 -7.72 -5.83 -0.29
CA MET A 36 -8.45 -5.13 -1.37
C MET A 36 -7.70 -3.87 -1.86
N TRP A 37 -6.79 -3.31 -1.06
CA TRP A 37 -5.90 -2.24 -1.55
C TRP A 37 -4.86 -2.79 -2.54
N LEU A 38 -4.16 -3.87 -2.16
CA LEU A 38 -3.28 -4.69 -3.01
C LEU A 38 -3.98 -5.28 -4.24
N LYS A 39 -5.31 -5.39 -4.23
CA LYS A 39 -6.11 -5.85 -5.38
C LYS A 39 -6.16 -4.87 -6.53
N SER A 40 -6.00 -3.59 -6.25
CA SER A 40 -5.80 -2.60 -7.31
C SER A 40 -4.51 -2.87 -8.11
N LEU A 41 -3.53 -3.59 -7.53
CA LEU A 41 -2.25 -3.97 -8.14
C LEU A 41 -2.31 -5.33 -8.86
N ARG A 42 -3.45 -6.04 -8.75
CA ARG A 42 -3.66 -7.45 -9.16
C ARG A 42 -2.80 -8.45 -8.37
N LEU A 43 -2.26 -8.01 -7.22
CA LEU A 43 -1.49 -8.82 -6.27
C LEU A 43 -2.41 -9.44 -5.21
N HIS A 44 -3.00 -8.62 -4.34
CA HIS A 44 -3.99 -9.03 -3.29
C HIS A 44 -3.69 -10.32 -2.50
N LYS A 45 -2.40 -10.59 -2.24
CA LYS A 45 -1.90 -11.80 -1.55
C LYS A 45 -1.03 -11.51 -0.32
N TYR A 46 -0.21 -10.46 -0.37
CA TYR A 46 0.84 -10.22 0.63
C TYR A 46 0.29 -9.77 1.98
N SER A 47 -0.98 -9.38 2.00
CA SER A 47 -1.83 -9.12 3.15
C SER A 47 -1.79 -10.25 4.18
N ASP A 48 -1.53 -11.48 3.75
CA ASP A 48 -1.31 -12.64 4.62
C ASP A 48 -0.21 -12.41 5.68
N ALA A 49 0.77 -11.55 5.35
CA ALA A 49 1.91 -11.15 6.16
C ALA A 49 2.03 -9.61 6.38
N LEU A 50 1.18 -8.83 5.71
CA LEU A 50 1.27 -7.38 5.56
C LEU A 50 0.05 -6.59 6.09
N SER A 51 -1.10 -7.24 6.31
CA SER A 51 -2.29 -6.59 6.91
C SER A 51 -2.07 -6.08 8.34
N GLY A 52 -1.08 -6.62 9.05
CA GLY A 52 -0.58 -6.10 10.33
C GLY A 52 0.14 -4.75 10.22
N THR A 53 0.37 -4.24 9.01
CA THR A 53 1.01 -2.94 8.76
C THR A 53 0.02 -1.98 8.08
N PRO A 54 -0.52 -0.96 8.80
CA PRO A 54 -1.42 0.03 8.22
C PRO A 54 -0.70 0.87 7.18
N TRP A 55 -1.42 1.33 6.15
CA TRP A 55 -0.86 2.08 5.02
C TRP A 55 0.05 3.25 5.38
N ILE A 56 -0.16 3.82 6.56
CA ILE A 56 0.52 5.01 7.06
C ILE A 56 1.89 4.65 7.64
N GLU A 57 2.03 3.45 8.23
CA GLU A 57 3.35 2.89 8.58
C GLU A 57 3.96 2.13 7.39
N LEU A 58 3.13 1.80 6.39
CA LEU A 58 3.44 0.93 5.27
C LEU A 58 4.13 1.59 4.11
N ILE A 59 3.54 2.68 3.60
CA ILE A 59 3.98 3.27 2.36
C ILE A 59 5.45 3.74 2.46
N TYR A 60 5.90 3.87 3.70
CA TYR A 60 7.22 4.24 4.20
C TYR A 60 8.28 3.13 4.09
N LEU A 61 7.86 1.91 3.74
CA LEU A 61 8.79 0.82 3.40
C LEU A 61 9.51 1.12 2.08
N ASP A 62 10.27 0.13 1.60
CA ASP A 62 11.22 0.27 0.51
C ASP A 62 11.34 -1.02 -0.30
N ASP A 63 12.21 -0.94 -1.32
CA ASP A 63 12.64 -2.01 -2.20
C ASP A 63 12.83 -3.35 -1.51
N GLU A 64 13.84 -3.51 -0.65
CA GLU A 64 14.11 -4.76 0.04
C GLU A 64 13.34 -4.91 1.37
N THR A 65 12.70 -3.87 1.87
CA THR A 65 12.02 -3.98 3.19
C THR A 65 10.64 -4.62 3.13
N LEU A 66 9.92 -4.48 2.02
CA LEU A 66 8.72 -5.26 1.77
C LEU A 66 9.02 -6.77 1.77
N GLU A 67 10.24 -7.13 1.41
CA GLU A 67 10.79 -8.46 1.38
C GLU A 67 11.30 -8.94 2.75
N LYS A 68 11.20 -8.09 3.79
CA LYS A 68 11.33 -8.47 5.19
C LYS A 68 9.94 -8.61 5.83
N LYS A 69 8.89 -8.07 5.19
CA LYS A 69 7.46 -8.24 5.53
C LYS A 69 6.88 -9.53 4.92
N GLY A 70 7.31 -9.96 3.73
CA GLY A 70 6.92 -11.18 3.06
C GLY A 70 6.36 -10.97 1.66
N VAL A 71 6.58 -9.78 1.10
CA VAL A 71 6.33 -9.49 -0.31
C VAL A 71 7.20 -10.35 -1.24
N LEU A 72 8.36 -10.71 -0.70
CA LEU A 72 9.34 -11.71 -1.07
C LEU A 72 9.79 -11.81 -2.56
N ALA A 73 9.45 -10.83 -3.40
CA ALA A 73 9.66 -10.79 -4.84
C ALA A 73 9.86 -9.35 -5.29
N LEU A 74 10.89 -9.10 -6.09
CA LEU A 74 11.15 -7.80 -6.70
C LEU A 74 9.97 -7.24 -7.45
N GLY A 75 9.35 -8.02 -8.32
CA GLY A 75 8.23 -7.50 -9.10
C GLY A 75 6.92 -7.41 -8.33
N ALA A 76 6.93 -7.79 -7.06
CA ALA A 76 5.86 -7.51 -6.11
C ALA A 76 6.19 -6.21 -5.35
N ARG A 77 7.36 -6.16 -4.69
CA ARG A 77 7.82 -4.99 -3.92
C ARG A 77 7.93 -3.70 -4.77
N ARG A 78 8.29 -3.77 -6.06
CA ARG A 78 8.42 -2.65 -7.00
C ARG A 78 7.05 -2.18 -7.47
N LYS A 79 6.12 -3.12 -7.69
CA LYS A 79 4.69 -2.80 -7.85
C LYS A 79 4.18 -2.05 -6.66
N LEU A 80 4.68 -2.43 -5.48
CA LEU A 80 4.23 -1.79 -4.28
C LEU A 80 4.81 -0.38 -4.15
N LEU A 81 6.03 -0.14 -4.65
CA LEU A 81 6.69 1.15 -4.65
C LEU A 81 5.91 2.15 -5.51
N LYS A 82 5.31 1.66 -6.60
CA LYS A 82 4.33 2.40 -7.40
C LYS A 82 3.15 2.82 -6.52
N ALA A 83 2.47 1.81 -5.96
CA ALA A 83 1.26 1.94 -5.15
C ALA A 83 1.47 2.95 -4.02
N PHE A 84 2.58 2.75 -3.30
CA PHE A 84 3.09 3.60 -2.25
C PHE A 84 3.28 5.01 -2.75
N GLY A 85 4.21 5.28 -3.67
CA GLY A 85 4.47 6.68 -3.92
C GLY A 85 3.39 7.46 -4.67
N ILE A 86 2.38 6.80 -5.24
CA ILE A 86 1.17 7.52 -5.66
C ILE A 86 0.48 7.99 -4.37
N VAL A 87 0.19 7.11 -3.40
CA VAL A 87 -0.49 7.54 -2.17
C VAL A 87 0.41 8.47 -1.35
N ILE A 88 1.74 8.33 -1.43
CA ILE A 88 2.70 9.30 -0.88
C ILE A 88 2.49 10.69 -1.47
N ASP A 89 2.23 10.81 -2.77
CA ASP A 89 2.02 12.07 -3.51
C ASP A 89 0.70 12.75 -3.28
N TYR A 90 0.10 12.25 -2.24
CA TYR A 90 -1.26 12.42 -1.88
C TYR A 90 -1.36 12.47 -0.35
N LYS A 91 -0.44 11.87 0.39
CA LYS A 91 -0.41 11.87 1.85
C LYS A 91 0.59 12.90 2.34
N GLU A 92 1.77 12.91 1.73
CA GLU A 92 2.76 13.98 1.87
C GLU A 92 2.21 15.30 1.29
N ARG A 93 1.07 15.23 0.58
CA ARG A 93 0.37 16.39 -0.03
C ARG A 93 -0.91 16.77 0.71
N ASP A 94 -1.76 15.76 0.92
CA ASP A 94 -3.00 15.73 1.70
C ASP A 94 -4.25 15.83 0.81
N LEU A 95 -4.33 14.83 -0.05
CA LEU A 95 -5.24 14.49 -1.14
C LEU A 95 -6.17 13.31 -0.75
N ILE A 96 -5.75 12.52 0.24
CA ILE A 96 -6.53 11.48 0.93
C ILE A 96 -7.80 12.05 1.61
N ASP A 97 -8.76 11.20 1.94
CA ASP A 97 -10.08 11.52 2.50
C ASP A 97 -10.14 11.93 3.99
N ARG A 98 -9.01 12.18 4.65
CA ARG A 98 -8.81 12.62 6.05
C ARG A 98 -9.19 11.58 7.11
N SER A 99 -10.14 10.70 6.80
CA SER A 99 -10.53 9.53 7.60
C SER A 99 -9.66 8.28 7.37
N ALA A 100 -8.66 8.35 6.48
CA ALA A 100 -7.74 7.24 6.18
C ALA A 100 -6.62 7.15 7.21
N TYR A 101 -6.28 8.30 7.77
CA TYR A 101 -5.30 8.51 8.81
C TYR A 101 -5.71 7.89 10.16
N MET A 21 -11.94 4.55 -11.87
CA MET A 21 -11.63 5.52 -10.78
C MET A 21 -10.42 5.02 -9.97
N PRO A 22 -9.29 5.75 -9.92
CA PRO A 22 -8.05 5.30 -9.26
C PRO A 22 -8.08 5.36 -7.72
N LYS A 23 -9.14 5.95 -7.13
CA LYS A 23 -9.28 6.18 -5.68
C LYS A 23 -9.30 4.94 -4.79
N SER A 24 -9.39 3.74 -5.36
CA SER A 24 -9.21 2.52 -4.59
C SER A 24 -7.76 2.26 -4.12
N LEU A 25 -6.82 3.15 -4.45
CA LEU A 25 -5.47 3.23 -3.94
C LEU A 25 -5.32 4.35 -2.87
N THR A 26 -6.36 5.14 -2.65
CA THR A 26 -6.37 6.39 -1.84
C THR A 26 -7.72 6.60 -1.09
N ASP A 27 -8.34 5.49 -0.64
CA ASP A 27 -9.61 5.43 0.10
C ASP A 27 -9.43 4.79 1.50
N PRO A 28 -9.90 5.42 2.59
CA PRO A 28 -9.87 4.88 3.96
C PRO A 28 -10.29 3.41 4.05
N LYS A 29 -11.37 3.06 3.35
CA LYS A 29 -12.00 1.74 3.21
C LYS A 29 -11.04 0.65 2.71
N LEU A 30 -10.07 1.01 1.87
CA LEU A 30 -9.07 0.13 1.27
C LEU A 30 -7.80 0.16 2.12
N LEU A 31 -7.35 1.37 2.49
CA LEU A 31 -6.09 1.69 3.15
C LEU A 31 -5.94 1.02 4.53
N LYS A 32 -7.07 0.58 5.09
CA LYS A 32 -7.20 -0.04 6.41
C LYS A 32 -7.60 -1.52 6.31
N ASN A 33 -7.92 -2.01 5.11
CA ASN A 33 -8.06 -3.42 4.83
C ASN A 33 -6.64 -4.02 4.67
N ILE A 34 -6.00 -3.63 3.57
CA ILE A 34 -4.77 -4.12 2.93
C ILE A 34 -5.06 -5.10 1.77
N PRO A 35 -5.79 -6.24 1.92
CA PRO A 35 -6.04 -7.17 0.81
C PRO A 35 -6.71 -6.52 -0.40
N MET A 36 -7.79 -5.76 -0.18
CA MET A 36 -8.51 -5.07 -1.26
C MET A 36 -7.78 -3.81 -1.75
N TRP A 37 -6.84 -3.26 -0.97
CA TRP A 37 -5.95 -2.20 -1.47
C TRP A 37 -4.92 -2.77 -2.47
N LEU A 38 -4.20 -3.82 -2.08
CA LEU A 38 -3.33 -4.66 -2.92
C LEU A 38 -4.04 -5.26 -4.14
N LYS A 39 -5.38 -5.39 -4.11
CA LYS A 39 -6.19 -5.86 -5.25
C LYS A 39 -6.22 -4.89 -6.41
N SER A 40 -6.07 -3.59 -6.15
CA SER A 40 -5.87 -2.61 -7.22
C SER A 40 -4.57 -2.90 -8.03
N LEU A 41 -3.59 -3.58 -7.42
CA LEU A 41 -2.31 -3.98 -8.04
C LEU A 41 -2.40 -5.33 -8.76
N ARG A 42 -3.56 -6.01 -8.68
CA ARG A 42 -3.82 -7.40 -9.08
C ARG A 42 -2.99 -8.43 -8.28
N LEU A 43 -2.40 -7.99 -7.15
CA LEU A 43 -1.64 -8.81 -6.20
C LEU A 43 -2.54 -9.44 -5.14
N HIS A 44 -3.12 -8.62 -4.25
CA HIS A 44 -4.07 -9.04 -3.18
C HIS A 44 -3.75 -10.33 -2.40
N LYS A 45 -2.46 -10.59 -2.16
CA LYS A 45 -1.92 -11.81 -1.53
C LYS A 45 -1.02 -11.56 -0.32
N TYR A 46 -0.20 -10.51 -0.37
CA TYR A 46 0.87 -10.28 0.60
C TYR A 46 0.34 -9.82 1.96
N SER A 47 -0.94 -9.45 2.02
CA SER A 47 -1.77 -9.19 3.18
C SER A 47 -1.70 -10.30 4.23
N ASP A 48 -1.40 -11.53 3.82
CA ASP A 48 -1.14 -12.66 4.71
C ASP A 48 -0.05 -12.38 5.76
N ALA A 49 0.90 -11.50 5.42
CA ALA A 49 2.03 -11.05 6.23
C ALA A 49 2.10 -9.52 6.41
N LEU A 50 1.24 -8.77 5.71
CA LEU A 50 1.29 -7.32 5.54
C LEU A 50 0.06 -6.56 6.07
N SER A 51 -1.08 -7.23 6.31
CA SER A 51 -2.28 -6.62 6.92
C SER A 51 -2.06 -6.10 8.35
N GLY A 52 -1.04 -6.61 9.05
CA GLY A 52 -0.56 -6.08 10.33
C GLY A 52 0.13 -4.71 10.21
N THR A 53 0.36 -4.21 9.00
CA THR A 53 1.00 -2.91 8.73
C THR A 53 0.01 -1.95 8.04
N PRO A 54 -0.55 -0.94 8.75
CA PRO A 54 -1.46 0.03 8.16
C PRO A 54 -0.74 0.88 7.14
N TRP A 55 -1.46 1.35 6.11
CA TRP A 55 -0.91 2.11 4.97
C TRP A 55 0.02 3.28 5.33
N ILE A 56 -0.13 3.81 6.53
CA ILE A 56 0.56 5.02 7.00
C ILE A 56 1.88 4.66 7.67
N GLU A 57 1.97 3.48 8.30
CA GLU A 57 3.26 2.91 8.69
C GLU A 57 3.89 2.19 7.47
N LEU A 58 3.06 1.82 6.49
CA LEU A 58 3.39 0.98 5.35
C LEU A 58 4.17 1.67 4.26
N ILE A 59 3.58 2.72 3.68
CA ILE A 59 4.07 3.31 2.44
C ILE A 59 5.51 3.84 2.56
N TYR A 60 5.94 4.02 3.80
CA TYR A 60 7.25 4.46 4.26
C TYR A 60 8.35 3.39 4.15
N LEU A 61 7.98 2.10 4.06
CA LEU A 61 8.97 1.04 3.73
C LEU A 61 9.30 1.01 2.23
N ASP A 62 10.24 0.16 1.82
CA ASP A 62 10.87 0.17 0.49
C ASP A 62 11.26 -1.24 0.01
N ASP A 63 11.98 -1.31 -1.10
CA ASP A 63 12.34 -2.48 -1.90
C ASP A 63 12.57 -3.77 -1.07
N GLU A 64 13.69 -3.89 -0.38
CA GLU A 64 14.01 -5.07 0.42
C GLU A 64 13.26 -5.14 1.75
N THR A 65 12.57 -4.08 2.18
CA THR A 65 11.83 -4.11 3.46
C THR A 65 10.40 -4.62 3.34
N LEU A 66 9.78 -4.45 2.18
CA LEU A 66 8.54 -5.13 1.80
C LEU A 66 8.75 -6.66 1.84
N GLU A 67 9.98 -7.08 1.58
CA GLU A 67 10.43 -8.44 1.52
C GLU A 67 10.73 -9.01 2.93
N LYS A 68 11.00 -8.18 3.94
CA LYS A 68 11.04 -8.58 5.34
C LYS A 68 9.64 -8.78 5.94
N LYS A 69 8.60 -8.19 5.33
CA LYS A 69 7.18 -8.48 5.60
C LYS A 69 6.86 -9.83 4.99
N GLY A 70 7.08 -9.92 3.69
CA GLY A 70 7.14 -11.15 2.94
C GLY A 70 6.47 -11.12 1.59
N VAL A 71 6.64 -9.98 0.95
CA VAL A 71 6.37 -9.79 -0.45
C VAL A 71 7.29 -10.70 -1.28
N LEU A 72 8.54 -10.75 -0.84
CA LEU A 72 9.61 -11.68 -1.22
C LEU A 72 9.88 -11.89 -2.71
N ALA A 73 9.56 -10.86 -3.46
CA ALA A 73 9.54 -10.82 -4.90
C ALA A 73 9.82 -9.41 -5.38
N LEU A 74 10.90 -9.21 -6.13
CA LEU A 74 11.22 -7.94 -6.77
C LEU A 74 10.06 -7.35 -7.54
N GLY A 75 9.38 -8.15 -8.36
CA GLY A 75 8.31 -7.59 -9.16
C GLY A 75 6.99 -7.40 -8.42
N ALA A 76 6.93 -7.87 -7.18
CA ALA A 76 5.85 -7.54 -6.26
C ALA A 76 6.21 -6.29 -5.46
N ARG A 77 7.37 -6.27 -4.81
CA ARG A 77 7.87 -5.16 -4.00
C ARG A 77 8.06 -3.86 -4.84
N ARG A 78 8.29 -3.94 -6.16
CA ARG A 78 8.39 -2.81 -7.11
C ARG A 78 7.00 -2.32 -7.51
N LYS A 79 6.06 -3.25 -7.69
CA LYS A 79 4.64 -2.91 -7.78
C LYS A 79 4.20 -2.14 -6.55
N LEU A 80 4.74 -2.52 -5.40
CA LEU A 80 4.38 -1.85 -4.19
C LEU A 80 5.00 -0.44 -4.14
N LEU A 81 6.19 -0.22 -4.71
CA LEU A 81 6.85 1.07 -4.77
C LEU A 81 6.02 2.04 -5.60
N LYS A 82 5.38 1.53 -6.67
CA LYS A 82 4.35 2.25 -7.43
C LYS A 82 3.19 2.66 -6.51
N ALA A 83 2.55 1.66 -5.90
CA ALA A 83 1.39 1.81 -5.03
C ALA A 83 1.64 2.88 -3.96
N PHE A 84 2.80 2.75 -3.32
CA PHE A 84 3.34 3.62 -2.31
C PHE A 84 3.43 5.03 -2.84
N GLY A 85 4.32 5.33 -3.80
CA GLY A 85 4.53 6.72 -4.08
C GLY A 85 3.43 7.45 -4.84
N ILE A 86 2.41 6.74 -5.34
CA ILE A 86 1.17 7.41 -5.75
C ILE A 86 0.49 7.88 -4.46
N VAL A 87 0.23 7.02 -3.48
CA VAL A 87 -0.47 7.45 -2.26
C VAL A 87 0.42 8.41 -1.46
N ILE A 88 1.75 8.29 -1.50
CA ILE A 88 2.68 9.31 -1.00
C ILE A 88 2.45 10.68 -1.64
N ASP A 89 2.16 10.75 -2.93
CA ASP A 89 1.91 11.99 -3.69
C ASP A 89 0.56 12.63 -3.50
N TYR A 90 -0.01 12.18 -2.41
CA TYR A 90 -1.38 12.32 -2.05
C TYR A 90 -1.50 12.37 -0.54
N LYS A 91 -0.57 11.79 0.20
CA LYS A 91 -0.49 11.75 1.65
C LYS A 91 0.40 12.89 2.10
N GLU A 92 1.59 12.96 1.48
CA GLU A 92 2.52 14.10 1.55
C GLU A 92 1.96 15.34 0.82
N ARG A 93 0.73 15.22 0.26
CA ARG A 93 -0.02 16.33 -0.34
C ARG A 93 -1.37 16.64 0.31
N ASP A 94 -2.06 15.61 0.81
CA ASP A 94 -3.31 15.69 1.58
C ASP A 94 -4.56 15.68 0.67
N LEU A 95 -4.54 14.67 -0.18
CA LEU A 95 -5.41 14.29 -1.29
C LEU A 95 -6.28 13.08 -0.90
N ILE A 96 -5.82 12.30 0.08
CA ILE A 96 -6.62 11.28 0.80
C ILE A 96 -7.65 11.98 1.70
N ASP A 97 -8.72 11.28 2.08
CA ASP A 97 -9.63 11.72 3.14
C ASP A 97 -8.95 11.59 4.51
N ARG A 98 -9.21 12.55 5.39
CA ARG A 98 -8.70 12.65 6.77
C ARG A 98 -9.11 11.49 7.69
N SER A 99 -10.12 10.73 7.28
CA SER A 99 -10.55 9.45 7.88
C SER A 99 -9.65 8.24 7.53
N ALA A 100 -8.68 8.38 6.63
CA ALA A 100 -7.73 7.32 6.25
C ALA A 100 -6.55 7.31 7.21
N TYR A 101 -6.17 8.49 7.65
CA TYR A 101 -5.16 8.73 8.67
C TYR A 101 -5.55 8.14 10.05
N MET A 21 -5.91 4.09 -11.45
CA MET A 21 -7.19 4.82 -11.27
C MET A 21 -7.20 5.60 -9.95
N PRO A 22 -7.76 6.82 -9.91
CA PRO A 22 -7.86 7.64 -8.70
C PRO A 22 -8.94 7.13 -7.72
N LYS A 23 -8.92 7.68 -6.49
CA LYS A 23 -9.82 7.45 -5.35
C LYS A 23 -10.29 5.99 -5.19
N SER A 24 -9.32 5.13 -4.88
CA SER A 24 -9.44 3.73 -4.43
C SER A 24 -8.17 3.37 -3.65
N LEU A 25 -7.02 3.45 -4.32
CA LEU A 25 -5.65 3.39 -3.82
C LEU A 25 -5.34 4.47 -2.77
N THR A 26 -6.30 5.36 -2.50
CA THR A 26 -6.24 6.52 -1.61
C THR A 26 -7.53 6.69 -0.78
N ASP A 27 -8.34 5.64 -0.63
CA ASP A 27 -9.62 5.63 0.09
C ASP A 27 -9.52 4.90 1.44
N PRO A 28 -10.05 5.46 2.55
CA PRO A 28 -10.02 4.87 3.89
C PRO A 28 -10.40 3.38 3.92
N LYS A 29 -11.49 3.05 3.22
CA LYS A 29 -12.07 1.70 3.10
C LYS A 29 -11.16 0.67 2.41
N LEU A 30 -10.24 1.09 1.54
CA LEU A 30 -9.17 0.26 0.98
C LEU A 30 -7.91 0.36 1.85
N LEU A 31 -7.51 1.56 2.28
CA LEU A 31 -6.26 1.84 2.97
C LEU A 31 -6.09 1.11 4.31
N LYS A 32 -7.21 0.62 4.85
CA LYS A 32 -7.33 -0.12 6.11
C LYS A 32 -7.71 -1.59 5.89
N ASN A 33 -7.86 -1.94 4.62
CA ASN A 33 -8.01 -3.27 4.05
C ASN A 33 -6.90 -3.48 3.01
N ILE A 34 -5.69 -3.70 3.51
CA ILE A 34 -4.56 -4.15 2.71
C ILE A 34 -4.91 -5.22 1.64
N PRO A 35 -5.79 -6.24 1.85
CA PRO A 35 -6.09 -7.23 0.81
C PRO A 35 -6.73 -6.61 -0.44
N MET A 36 -7.81 -5.83 -0.28
CA MET A 36 -8.49 -5.15 -1.41
C MET A 36 -7.73 -3.91 -1.89
N TRP A 37 -6.85 -3.31 -1.08
CA TRP A 37 -5.95 -2.27 -1.57
C TRP A 37 -4.89 -2.83 -2.54
N LEU A 38 -4.23 -3.93 -2.15
CA LEU A 38 -3.34 -4.73 -3.01
C LEU A 38 -4.06 -5.35 -4.23
N LYS A 39 -5.39 -5.49 -4.20
CA LYS A 39 -6.19 -5.95 -5.35
C LYS A 39 -6.26 -4.96 -6.49
N SER A 40 -6.08 -3.68 -6.20
CA SER A 40 -5.90 -2.69 -7.26
C SER A 40 -4.61 -2.94 -8.07
N LEU A 41 -3.63 -3.67 -7.51
CA LEU A 41 -2.36 -4.05 -8.14
C LEU A 41 -2.43 -5.42 -8.86
N ARG A 42 -3.56 -6.14 -8.73
CA ARG A 42 -3.77 -7.56 -9.11
C ARG A 42 -2.90 -8.54 -8.33
N LEU A 43 -2.32 -8.09 -7.21
CA LEU A 43 -1.54 -8.89 -6.25
C LEU A 43 -2.43 -9.51 -5.18
N HIS A 44 -3.05 -8.69 -4.32
CA HIS A 44 -4.03 -9.09 -3.27
C HIS A 44 -3.73 -10.37 -2.44
N LYS A 45 -2.44 -10.62 -2.16
CA LYS A 45 -1.92 -11.81 -1.48
C LYS A 45 -1.04 -11.51 -0.26
N TYR A 46 -0.25 -10.44 -0.31
CA TYR A 46 0.80 -10.17 0.67
C TYR A 46 0.27 -9.71 2.02
N SER A 47 -1.01 -9.37 2.11
CA SER A 47 -1.78 -9.08 3.31
C SER A 47 -1.63 -10.16 4.39
N ASP A 48 -1.40 -11.41 3.99
CA ASP A 48 -1.10 -12.54 4.87
C ASP A 48 0.09 -12.28 5.82
N ALA A 49 1.03 -11.44 5.39
CA ALA A 49 2.24 -11.02 6.09
C ALA A 49 2.36 -9.48 6.27
N LEU A 50 1.45 -8.71 5.66
CA LEU A 50 1.53 -7.26 5.50
C LEU A 50 0.32 -6.46 6.02
N SER A 51 -0.86 -7.08 6.18
CA SER A 51 -2.10 -6.42 6.64
C SER A 51 -2.01 -5.86 8.07
N GLY A 52 -1.16 -6.47 8.89
CA GLY A 52 -0.75 -5.97 10.20
C GLY A 52 0.00 -4.63 10.17
N THR A 53 0.38 -4.14 8.97
CA THR A 53 1.00 -2.83 8.73
C THR A 53 0.00 -1.89 8.05
N PRO A 54 -0.55 -0.87 8.75
CA PRO A 54 -1.46 0.11 8.15
C PRO A 54 -0.74 0.93 7.09
N TRP A 55 -1.47 1.36 6.06
CA TRP A 55 -0.93 2.11 4.90
C TRP A 55 -0.02 3.28 5.26
N ILE A 56 -0.21 3.86 6.44
CA ILE A 56 0.47 5.07 6.88
C ILE A 56 1.82 4.75 7.53
N GLU A 57 1.96 3.56 8.13
CA GLU A 57 3.28 3.03 8.51
C GLU A 57 3.90 2.27 7.32
N LEU A 58 3.08 1.91 6.33
CA LEU A 58 3.40 1.04 5.21
C LEU A 58 4.08 1.70 4.04
N ILE A 59 3.48 2.77 3.51
CA ILE A 59 3.91 3.35 2.26
C ILE A 59 5.37 3.83 2.32
N TYR A 60 5.85 3.99 3.56
CA TYR A 60 7.17 4.37 4.02
C TYR A 60 8.24 3.28 3.88
N LEU A 61 7.84 2.05 3.55
CA LEU A 61 8.77 0.95 3.25
C LEU A 61 9.54 1.19 1.94
N ASP A 62 10.33 0.20 1.55
CA ASP A 62 11.29 0.22 0.46
C ASP A 62 11.20 -1.05 -0.39
N ASP A 63 12.02 -1.12 -1.43
CA ASP A 63 12.24 -2.29 -2.26
C ASP A 63 12.52 -3.56 -1.43
N GLU A 64 13.66 -3.64 -0.75
CA GLU A 64 14.03 -4.80 0.03
C GLU A 64 13.32 -4.90 1.39
N THR A 65 12.64 -3.85 1.87
CA THR A 65 11.96 -3.93 3.17
C THR A 65 10.58 -4.55 3.10
N LEU A 66 9.86 -4.40 2.00
CA LEU A 66 8.65 -5.16 1.73
C LEU A 66 8.91 -6.66 1.73
N GLU A 67 10.13 -7.04 1.41
CA GLU A 67 10.62 -8.38 1.36
C GLU A 67 10.99 -8.92 2.75
N LYS A 68 11.27 -8.03 3.73
CA LYS A 68 11.36 -8.39 5.14
C LYS A 68 9.98 -8.53 5.80
N LYS A 69 8.94 -7.91 5.21
CA LYS A 69 7.53 -8.11 5.55
C LYS A 69 7.08 -9.46 5.01
N GLY A 70 7.28 -9.65 3.71
CA GLY A 70 7.27 -10.91 3.02
C GLY A 70 6.53 -10.93 1.70
N VAL A 71 6.69 -9.81 1.01
CA VAL A 71 6.36 -9.66 -0.39
C VAL A 71 7.26 -10.60 -1.22
N LEU A 72 8.53 -10.63 -0.83
CA LEU A 72 9.59 -11.56 -1.24
C LEU A 72 9.81 -11.77 -2.75
N ALA A 73 9.42 -10.75 -3.48
CA ALA A 73 9.34 -10.73 -4.93
C ALA A 73 9.61 -9.32 -5.41
N LEU A 74 10.68 -9.13 -6.19
CA LEU A 74 11.02 -7.86 -6.83
C LEU A 74 9.85 -7.25 -7.59
N GLY A 75 9.15 -8.05 -8.38
CA GLY A 75 8.04 -7.52 -9.17
C GLY A 75 6.72 -7.41 -8.43
N ALA A 76 6.72 -7.77 -7.15
CA ALA A 76 5.64 -7.45 -6.22
C ALA A 76 6.00 -6.18 -5.43
N ARG A 77 7.18 -6.16 -4.82
CA ARG A 77 7.67 -5.05 -3.99
C ARG A 77 7.81 -3.74 -4.78
N ARG A 78 8.10 -3.75 -6.10
CA ARG A 78 8.22 -2.58 -7.00
C ARG A 78 6.85 -2.09 -7.45
N LYS A 79 5.99 -3.04 -7.77
CA LYS A 79 4.54 -2.79 -7.94
C LYS A 79 3.98 -2.08 -6.72
N LEU A 80 4.51 -2.43 -5.55
CA LEU A 80 4.09 -1.80 -4.34
C LEU A 80 4.67 -0.39 -4.21
N LEU A 81 5.91 -0.13 -4.69
CA LEU A 81 6.54 1.16 -4.69
C LEU A 81 5.76 2.15 -5.56
N LYS A 82 5.17 1.65 -6.65
CA LYS A 82 4.19 2.37 -7.45
C LYS A 82 3.01 2.79 -6.58
N ALA A 83 2.32 1.79 -6.03
CA ALA A 83 1.11 1.90 -5.22
C ALA A 83 1.30 2.93 -4.10
N PHE A 84 2.42 2.74 -3.37
CA PHE A 84 2.91 3.61 -2.33
C PHE A 84 3.09 5.00 -2.85
N GLY A 85 4.01 5.27 -3.77
CA GLY A 85 4.25 6.67 -4.06
C GLY A 85 3.16 7.44 -4.80
N ILE A 86 2.12 6.76 -5.34
CA ILE A 86 0.91 7.46 -5.75
C ILE A 86 0.23 7.95 -4.46
N VAL A 87 -0.04 7.09 -3.47
CA VAL A 87 -0.70 7.53 -2.24
C VAL A 87 0.20 8.47 -1.44
N ILE A 88 1.52 8.34 -1.54
CA ILE A 88 2.49 9.32 -1.03
C ILE A 88 2.25 10.71 -1.63
N ASP A 89 1.99 10.80 -2.93
CA ASP A 89 1.78 12.04 -3.70
C ASP A 89 0.45 12.72 -3.49
N TYR A 90 -0.12 12.28 -2.40
CA TYR A 90 -1.48 12.46 -2.01
C TYR A 90 -1.54 12.60 -0.50
N LYS A 91 -0.70 11.89 0.24
CA LYS A 91 -0.65 11.90 1.70
C LYS A 91 0.34 12.95 2.16
N GLU A 92 1.51 12.95 1.55
CA GLU A 92 2.51 14.02 1.65
C GLU A 92 1.98 15.33 1.02
N ARG A 93 0.79 15.29 0.37
CA ARG A 93 0.18 16.44 -0.34
C ARG A 93 -1.06 16.97 0.36
N ASP A 94 -2.07 16.11 0.54
CA ASP A 94 -3.35 16.30 1.29
C ASP A 94 -4.58 16.04 0.40
N LEU A 95 -4.58 14.88 -0.24
CA LEU A 95 -5.46 14.40 -1.31
C LEU A 95 -6.32 13.20 -0.87
N ILE A 96 -5.89 12.50 0.19
CA ILE A 96 -6.68 11.48 0.92
C ILE A 96 -7.90 12.15 1.63
N ASP A 97 -8.79 11.34 2.19
CA ASP A 97 -10.06 11.74 2.80
C ASP A 97 -10.00 12.08 4.30
N ARG A 98 -8.80 12.05 4.92
CA ARG A 98 -8.50 12.36 6.33
C ARG A 98 -9.19 11.48 7.38
N SER A 99 -10.05 10.57 6.93
CA SER A 99 -10.61 9.44 7.69
C SER A 99 -9.79 8.15 7.43
N ALA A 100 -8.78 8.24 6.56
CA ALA A 100 -7.83 7.15 6.27
C ALA A 100 -6.75 7.05 7.35
N TYR A 101 -6.55 8.15 8.04
CA TYR A 101 -5.54 8.38 9.06
C TYR A 101 -5.91 7.74 10.42
N MET A 21 -8.90 7.71 -12.88
CA MET A 21 -7.87 7.44 -11.85
C MET A 21 -8.47 6.65 -10.68
N PRO A 22 -8.04 5.41 -10.40
CA PRO A 22 -8.63 4.54 -9.39
C PRO A 22 -8.33 5.01 -7.96
N LYS A 23 -9.32 5.65 -7.31
CA LYS A 23 -9.31 6.02 -5.87
C LYS A 23 -9.25 4.84 -4.91
N SER A 24 -9.37 3.61 -5.42
CA SER A 24 -9.17 2.41 -4.60
C SER A 24 -7.73 2.13 -4.16
N LEU A 25 -6.80 3.04 -4.47
CA LEU A 25 -5.43 3.09 -3.96
C LEU A 25 -5.27 4.22 -2.91
N THR A 26 -6.31 5.05 -2.70
CA THR A 26 -6.30 6.30 -1.94
C THR A 26 -7.64 6.57 -1.23
N ASP A 27 -8.24 5.52 -0.66
CA ASP A 27 -9.54 5.49 0.03
C ASP A 27 -9.42 4.88 1.44
N PRO A 28 -9.95 5.51 2.51
CA PRO A 28 -10.02 4.95 3.88
C PRO A 28 -10.45 3.48 3.92
N LYS A 29 -11.49 3.15 3.14
CA LYS A 29 -12.13 1.85 2.96
C LYS A 29 -11.15 0.75 2.50
N LEU A 30 -10.13 1.12 1.73
CA LEU A 30 -9.10 0.22 1.19
C LEU A 30 -7.83 0.32 2.03
N LEU A 31 -7.43 1.52 2.42
CA LEU A 31 -6.16 1.81 3.11
C LEU A 31 -6.02 1.11 4.46
N LYS A 32 -7.15 0.62 4.99
CA LYS A 32 -7.28 -0.09 6.27
C LYS A 32 -7.67 -1.56 6.06
N ASN A 33 -7.85 -1.94 4.79
CA ASN A 33 -8.00 -3.27 4.24
C ASN A 33 -6.90 -3.49 3.19
N ILE A 34 -5.69 -3.71 3.68
CA ILE A 34 -4.56 -4.15 2.88
C ILE A 34 -4.89 -5.20 1.80
N PRO A 35 -5.75 -6.23 1.99
CA PRO A 35 -6.05 -7.21 0.93
C PRO A 35 -6.71 -6.56 -0.29
N MET A 36 -7.82 -5.83 -0.10
CA MET A 36 -8.51 -5.16 -1.21
C MET A 36 -7.77 -3.89 -1.68
N TRP A 37 -6.84 -3.33 -0.90
CA TRP A 37 -5.95 -2.28 -1.40
C TRP A 37 -4.93 -2.84 -2.41
N LEU A 38 -4.22 -3.92 -2.04
CA LEU A 38 -3.35 -4.73 -2.91
C LEU A 38 -4.06 -5.32 -4.14
N LYS A 39 -5.39 -5.45 -4.14
CA LYS A 39 -6.20 -5.88 -5.31
C LYS A 39 -6.10 -4.94 -6.50
N SER A 40 -6.03 -3.64 -6.22
CA SER A 40 -5.73 -2.61 -7.23
C SER A 40 -4.42 -2.87 -8.00
N LEU A 41 -3.47 -3.61 -7.40
CA LEU A 41 -2.17 -3.97 -7.99
C LEU A 41 -2.22 -5.32 -8.75
N ARG A 42 -3.38 -5.99 -8.73
CA ARG A 42 -3.58 -7.38 -9.16
C ARG A 42 -2.74 -8.37 -8.33
N LEU A 43 -2.48 -8.02 -7.06
CA LEU A 43 -1.66 -8.80 -6.12
C LEU A 43 -2.50 -9.44 -5.01
N HIS A 44 -3.11 -8.62 -4.14
CA HIS A 44 -4.08 -9.04 -3.09
C HIS A 44 -3.81 -10.33 -2.31
N LYS A 45 -2.52 -10.61 -2.05
CA LYS A 45 -2.01 -11.82 -1.36
C LYS A 45 -1.13 -11.53 -0.14
N TYR A 46 -0.33 -10.47 -0.21
CA TYR A 46 0.74 -10.21 0.76
C TYR A 46 0.21 -9.76 2.13
N SER A 47 -1.07 -9.38 2.18
CA SER A 47 -1.89 -9.13 3.36
C SER A 47 -1.77 -10.21 4.43
N ASP A 48 -1.55 -11.47 4.01
CA ASP A 48 -1.29 -12.61 4.88
C ASP A 48 -0.14 -12.37 5.88
N ALA A 49 0.80 -11.50 5.50
CA ALA A 49 1.97 -11.07 6.26
C ALA A 49 2.11 -9.54 6.43
N LEU A 50 1.21 -8.76 5.81
CA LEU A 50 1.31 -7.31 5.64
C LEU A 50 0.10 -6.53 6.18
N SER A 51 -1.07 -7.15 6.40
CA SER A 51 -2.26 -6.49 6.98
C SER A 51 -2.06 -5.97 8.41
N GLY A 52 -1.05 -6.49 9.14
CA GLY A 52 -0.60 -5.95 10.42
C GLY A 52 0.11 -4.59 10.31
N THR A 53 0.38 -4.10 9.09
CA THR A 53 1.04 -2.82 8.80
C THR A 53 0.05 -1.86 8.11
N PRO A 54 -0.50 -0.84 8.81
CA PRO A 54 -1.41 0.13 8.21
C PRO A 54 -0.69 0.95 7.16
N TRP A 55 -1.40 1.38 6.12
CA TRP A 55 -0.87 2.11 4.96
C TRP A 55 0.02 3.31 5.29
N ILE A 56 -0.12 3.86 6.49
CA ILE A 56 0.52 5.09 6.93
C ILE A 56 1.85 4.79 7.61
N GLU A 57 1.99 3.63 8.25
CA GLU A 57 3.30 3.10 8.66
C GLU A 57 3.95 2.38 7.46
N LEU A 58 3.11 1.94 6.51
CA LEU A 58 3.46 1.09 5.37
C LEU A 58 4.21 1.80 4.27
N ILE A 59 3.59 2.80 3.66
CA ILE A 59 4.07 3.39 2.41
C ILE A 59 5.50 3.94 2.51
N TYR A 60 5.93 4.17 3.75
CA TYR A 60 7.24 4.66 4.19
C TYR A 60 8.35 3.60 4.08
N LEU A 61 8.02 2.31 3.91
CA LEU A 61 9.02 1.27 3.60
C LEU A 61 9.33 1.17 2.08
N ASP A 62 10.26 0.30 1.69
CA ASP A 62 10.87 0.29 0.35
C ASP A 62 11.27 -1.13 -0.11
N ASP A 63 12.00 -1.18 -1.23
CA ASP A 63 12.37 -2.35 -2.04
C ASP A 63 12.60 -3.65 -1.25
N GLU A 64 13.77 -3.84 -0.64
CA GLU A 64 14.08 -5.04 0.13
C GLU A 64 13.35 -5.11 1.47
N THR A 65 12.71 -4.03 1.93
CA THR A 65 12.01 -4.03 3.22
C THR A 65 10.60 -4.60 3.16
N LEU A 66 9.93 -4.47 2.03
CA LEU A 66 8.69 -5.20 1.72
C LEU A 66 8.94 -6.71 1.80
N GLU A 67 10.15 -7.11 1.45
CA GLU A 67 10.68 -8.45 1.46
C GLU A 67 11.17 -8.89 2.85
N LYS A 68 11.06 -8.04 3.88
CA LYS A 68 11.15 -8.40 5.29
C LYS A 68 9.76 -8.55 5.91
N LYS A 69 8.70 -8.02 5.26
CA LYS A 69 7.29 -8.24 5.57
C LYS A 69 6.81 -9.60 5.01
N GLY A 70 7.25 -10.01 3.81
CA GLY A 70 6.87 -11.23 3.13
C GLY A 70 6.30 -11.00 1.73
N VAL A 71 6.52 -9.81 1.18
CA VAL A 71 6.27 -9.51 -0.24
C VAL A 71 7.18 -10.37 -1.14
N LEU A 72 8.35 -10.66 -0.60
CA LEU A 72 9.35 -11.64 -0.97
C LEU A 72 9.82 -11.73 -2.45
N ALA A 73 9.49 -10.75 -3.30
CA ALA A 73 9.70 -10.78 -4.74
C ALA A 73 9.86 -9.37 -5.27
N LEU A 74 10.83 -9.14 -6.16
CA LEU A 74 11.05 -7.87 -6.85
C LEU A 74 9.80 -7.38 -7.55
N GLY A 75 9.17 -8.21 -8.38
CA GLY A 75 7.98 -7.77 -9.09
C GLY A 75 6.68 -7.88 -8.29
N ALA A 76 6.83 -7.80 -6.97
CA ALA A 76 5.77 -7.59 -5.98
C ALA A 76 6.11 -6.34 -5.16
N ARG A 77 7.32 -6.27 -4.60
CA ARG A 77 7.82 -5.10 -3.87
C ARG A 77 7.96 -3.83 -4.74
N ARG A 78 8.17 -3.92 -6.05
CA ARG A 78 8.39 -2.81 -7.01
C ARG A 78 7.04 -2.29 -7.47
N LYS A 79 6.14 -3.24 -7.68
CA LYS A 79 4.73 -3.02 -7.85
C LYS A 79 4.11 -2.32 -6.63
N LEU A 80 4.68 -2.56 -5.46
CA LEU A 80 4.34 -1.81 -4.27
C LEU A 80 5.01 -0.44 -4.22
N LEU A 81 6.23 -0.24 -4.76
CA LEU A 81 6.87 1.06 -4.81
C LEU A 81 6.04 2.02 -5.66
N LYS A 82 5.40 1.49 -6.71
CA LYS A 82 4.37 2.18 -7.48
C LYS A 82 3.20 2.57 -6.58
N ALA A 83 2.56 1.56 -5.96
CA ALA A 83 1.39 1.70 -5.11
C ALA A 83 1.61 2.79 -4.04
N PHE A 84 2.75 2.66 -3.36
CA PHE A 84 3.29 3.54 -2.37
C PHE A 84 3.37 4.95 -2.90
N GLY A 85 4.26 5.25 -3.85
CA GLY A 85 4.45 6.65 -4.14
C GLY A 85 3.35 7.36 -4.89
N ILE A 86 2.35 6.66 -5.43
CA ILE A 86 1.12 7.30 -5.87
C ILE A 86 0.41 7.77 -4.59
N VAL A 87 0.16 6.90 -3.60
CA VAL A 87 -0.53 7.34 -2.37
C VAL A 87 0.33 8.31 -1.57
N ILE A 88 1.67 8.21 -1.63
CA ILE A 88 2.58 9.23 -1.12
C ILE A 88 2.32 10.61 -1.73
N ASP A 89 2.07 10.68 -3.04
CA ASP A 89 1.82 11.92 -3.80
C ASP A 89 0.47 12.55 -3.61
N TYR A 90 -0.13 12.06 -2.57
CA TYR A 90 -1.49 12.18 -2.22
C TYR A 90 -1.64 12.27 -0.71
N LYS A 91 -0.70 11.71 0.06
CA LYS A 91 -0.70 11.75 1.52
C LYS A 91 0.25 12.83 1.99
N GLU A 92 1.44 12.87 1.40
CA GLU A 92 2.38 13.99 1.53
C GLU A 92 1.76 15.27 0.90
N ARG A 93 0.61 15.14 0.21
CA ARG A 93 -0.14 16.26 -0.44
C ARG A 93 -1.44 16.59 0.27
N ASP A 94 -2.28 15.57 0.44
CA ASP A 94 -3.54 15.50 1.20
C ASP A 94 -4.77 15.47 0.26
N LEU A 95 -4.74 14.44 -0.57
CA LEU A 95 -5.59 14.02 -1.70
C LEU A 95 -6.48 12.82 -1.31
N ILE A 96 -6.08 12.12 -0.23
CA ILE A 96 -6.87 11.14 0.52
C ILE A 96 -8.07 11.85 1.23
N ASP A 97 -8.59 11.26 2.30
CA ASP A 97 -9.60 11.77 3.22
C ASP A 97 -9.12 11.49 4.64
N ARG A 98 -9.38 12.41 5.55
CA ARG A 98 -8.86 12.43 6.93
C ARG A 98 -9.38 11.31 7.84
N SER A 99 -10.26 10.46 7.32
CA SER A 99 -10.70 9.18 7.92
C SER A 99 -9.80 8.00 7.53
N ALA A 100 -8.82 8.18 6.63
CA ALA A 100 -7.85 7.16 6.21
C ALA A 100 -6.67 7.15 7.17
N TYR A 101 -6.31 8.33 7.65
CA TYR A 101 -5.33 8.59 8.67
C TYR A 101 -5.68 7.93 10.03
N MET A 21 -6.41 8.59 -12.10
CA MET A 21 -5.70 7.75 -11.09
C MET A 21 -6.73 7.02 -10.21
N PRO A 22 -6.75 5.68 -10.18
CA PRO A 22 -7.67 4.88 -9.37
C PRO A 22 -7.69 5.24 -7.87
N LYS A 23 -8.79 5.85 -7.40
CA LYS A 23 -9.00 6.21 -5.98
C LYS A 23 -9.06 5.04 -5.02
N SER A 24 -9.15 3.81 -5.52
CA SER A 24 -9.03 2.62 -4.69
C SER A 24 -7.61 2.37 -4.16
N LEU A 25 -6.64 3.19 -4.56
CA LEU A 25 -5.30 3.26 -4.02
C LEU A 25 -5.17 4.35 -2.93
N THR A 26 -6.21 5.18 -2.74
CA THR A 26 -6.22 6.41 -1.91
C THR A 26 -7.60 6.63 -1.24
N ASP A 27 -8.21 5.56 -0.71
CA ASP A 27 -9.51 5.53 -0.02
C ASP A 27 -9.37 4.90 1.37
N PRO A 28 -9.83 5.55 2.46
CA PRO A 28 -9.84 5.01 3.83
C PRO A 28 -10.33 3.55 3.90
N LYS A 29 -11.39 3.24 3.15
CA LYS A 29 -12.05 1.94 2.99
C LYS A 29 -11.12 0.82 2.47
N LEU A 30 -10.12 1.17 1.66
CA LEU A 30 -9.11 0.25 1.11
C LEU A 30 -7.83 0.34 1.95
N LEU A 31 -7.41 1.53 2.35
CA LEU A 31 -6.14 1.80 3.04
C LEU A 31 -6.02 1.08 4.40
N LYS A 32 -7.14 0.59 4.91
CA LYS A 32 -7.29 -0.11 6.18
C LYS A 32 -7.69 -1.59 5.97
N ASN A 33 -7.85 -1.97 4.71
CA ASN A 33 -8.01 -3.30 4.15
C ASN A 33 -6.92 -3.54 3.11
N ILE A 34 -5.72 -3.78 3.60
CA ILE A 34 -4.58 -4.25 2.81
C ILE A 34 -4.93 -5.29 1.72
N PRO A 35 -5.81 -6.30 1.90
CA PRO A 35 -6.12 -7.28 0.85
C PRO A 35 -6.76 -6.63 -0.39
N MET A 36 -7.85 -5.87 -0.21
CA MET A 36 -8.52 -5.17 -1.32
C MET A 36 -7.75 -3.92 -1.80
N TRP A 37 -6.85 -3.37 -0.99
CA TRP A 37 -5.94 -2.32 -1.47
C TRP A 37 -4.89 -2.87 -2.46
N LEU A 38 -4.18 -3.94 -2.07
CA LEU A 38 -3.31 -4.75 -2.93
C LEU A 38 -4.01 -5.34 -4.16
N LYS A 39 -5.34 -5.48 -4.13
CA LYS A 39 -6.14 -5.93 -5.28
C LYS A 39 -6.19 -4.93 -6.41
N SER A 40 -6.06 -3.65 -6.12
CA SER A 40 -5.87 -2.64 -7.16
C SER A 40 -4.59 -2.92 -8.00
N LEU A 41 -3.58 -3.58 -7.41
CA LEU A 41 -2.32 -3.98 -8.05
C LEU A 41 -2.44 -5.34 -8.78
N ARG A 42 -3.60 -6.01 -8.70
CA ARG A 42 -3.86 -7.39 -9.11
C ARG A 42 -3.02 -8.43 -8.35
N LEU A 43 -2.44 -8.03 -7.20
CA LEU A 43 -1.67 -8.88 -6.29
C LEU A 43 -2.58 -9.50 -5.21
N HIS A 44 -3.09 -8.67 -4.29
CA HIS A 44 -4.01 -9.07 -3.20
C HIS A 44 -3.65 -10.35 -2.40
N LYS A 45 -2.35 -10.65 -2.29
CA LYS A 45 -1.82 -11.91 -1.70
C LYS A 45 -0.71 -11.77 -0.66
N TYR A 46 -0.14 -10.57 -0.47
CA TYR A 46 0.87 -10.29 0.57
C TYR A 46 0.28 -9.93 1.92
N SER A 47 -1.02 -9.67 1.98
CA SER A 47 -1.84 -9.39 3.16
C SER A 47 -1.68 -10.46 4.25
N ASP A 48 -1.40 -11.70 3.86
CA ASP A 48 -1.09 -12.84 4.73
C ASP A 48 0.07 -12.55 5.71
N ALA A 49 0.98 -11.67 5.29
CA ALA A 49 2.16 -11.22 6.04
C ALA A 49 2.23 -9.69 6.25
N LEU A 50 1.32 -8.93 5.65
CA LEU A 50 1.35 -7.48 5.51
C LEU A 50 0.12 -6.74 6.06
N SER A 51 -1.04 -7.40 6.24
CA SER A 51 -2.26 -6.80 6.84
C SER A 51 -2.07 -6.33 8.29
N GLY A 52 -1.04 -6.83 8.99
CA GLY A 52 -0.62 -6.30 10.29
C GLY A 52 0.02 -4.90 10.22
N THR A 53 0.27 -4.37 9.02
CA THR A 53 0.87 -3.05 8.77
C THR A 53 -0.13 -2.10 8.09
N PRO A 54 -0.64 -1.07 8.79
CA PRO A 54 -1.54 -0.07 8.19
C PRO A 54 -0.79 0.76 7.17
N TRP A 55 -1.50 1.24 6.14
CA TRP A 55 -0.94 2.00 5.01
C TRP A 55 0.00 3.14 5.38
N ILE A 56 -0.18 3.71 6.56
CA ILE A 56 0.54 4.88 7.04
C ILE A 56 1.88 4.50 7.68
N GLU A 57 1.97 3.30 8.27
CA GLU A 57 3.26 2.71 8.65
C GLU A 57 3.87 1.97 7.44
N LEU A 58 3.04 1.66 6.44
CA LEU A 58 3.34 0.80 5.31
C LEU A 58 4.09 1.44 4.17
N ILE A 59 3.52 2.51 3.61
CA ILE A 59 3.99 3.08 2.35
C ILE A 59 5.47 3.54 2.43
N TYR A 60 5.95 3.64 3.67
CA TYR A 60 7.27 4.01 4.14
C TYR A 60 8.32 2.89 4.03
N LEU A 61 7.88 1.64 3.87
CA LEU A 61 8.75 0.44 3.84
C LEU A 61 9.75 0.51 2.67
N ASP A 62 9.20 0.35 1.48
CA ASP A 62 9.82 0.44 0.16
C ASP A 62 10.89 -0.66 -0.08
N ASP A 63 11.71 -0.45 -1.12
CA ASP A 63 12.68 -1.34 -1.78
C ASP A 63 12.79 -2.77 -1.20
N GLU A 64 13.75 -3.02 -0.32
CA GLU A 64 14.06 -4.32 0.26
C GLU A 64 13.30 -4.57 1.57
N THR A 65 12.50 -3.63 2.06
CA THR A 65 11.84 -3.76 3.37
C THR A 65 10.46 -4.42 3.29
N LEU A 66 9.76 -4.25 2.18
CA LEU A 66 8.56 -4.98 1.80
C LEU A 66 8.79 -6.49 1.87
N GLU A 67 9.99 -6.87 1.50
CA GLU A 67 10.51 -8.21 1.49
C GLU A 67 10.72 -8.75 2.91
N LYS A 68 11.14 -7.90 3.86
CA LYS A 68 11.28 -8.26 5.28
C LYS A 68 9.92 -8.44 5.98
N LYS A 69 8.83 -7.96 5.37
CA LYS A 69 7.43 -8.27 5.73
C LYS A 69 7.05 -9.61 5.15
N GLY A 70 7.18 -9.72 3.84
CA GLY A 70 7.17 -10.96 3.10
C GLY A 70 6.52 -10.90 1.75
N VAL A 71 6.70 -9.75 1.12
CA VAL A 71 6.43 -9.55 -0.30
C VAL A 71 7.34 -10.44 -1.15
N LEU A 72 8.58 -10.56 -0.67
CA LEU A 72 9.68 -11.47 -1.03
C LEU A 72 10.01 -11.68 -2.51
N ALA A 73 9.63 -10.70 -3.29
CA ALA A 73 9.65 -10.72 -4.74
C ALA A 73 9.85 -9.32 -5.27
N LEU A 74 10.89 -9.10 -6.06
CA LEU A 74 11.14 -7.82 -6.73
C LEU A 74 9.93 -7.32 -7.49
N GLY A 75 9.32 -8.16 -8.32
CA GLY A 75 8.20 -7.68 -9.11
C GLY A 75 6.87 -7.56 -8.35
N ALA A 76 6.89 -7.89 -7.06
CA ALA A 76 5.81 -7.61 -6.12
C ALA A 76 6.12 -6.33 -5.34
N ARG A 77 7.28 -6.27 -4.67
CA ARG A 77 7.76 -5.09 -3.93
C ARG A 77 7.82 -3.83 -4.81
N ARG A 78 8.14 -3.90 -6.10
CA ARG A 78 8.24 -2.79 -7.07
C ARG A 78 6.83 -2.40 -7.56
N LYS A 79 5.93 -3.38 -7.74
CA LYS A 79 4.50 -3.06 -7.86
C LYS A 79 4.04 -2.25 -6.67
N LEU A 80 4.59 -2.58 -5.50
CA LEU A 80 4.25 -1.87 -4.31
C LEU A 80 4.92 -0.49 -4.26
N LEU A 81 6.09 -0.29 -4.89
CA LEU A 81 6.79 0.98 -4.98
C LEU A 81 5.88 1.97 -5.73
N LYS A 82 5.25 1.50 -6.81
CA LYS A 82 4.18 2.20 -7.52
C LYS A 82 3.10 2.63 -6.55
N ALA A 83 2.46 1.64 -5.94
CA ALA A 83 1.30 1.76 -5.07
C ALA A 83 1.56 2.81 -3.97
N PHE A 84 2.70 2.63 -3.32
CA PHE A 84 3.21 3.50 -2.28
C PHE A 84 3.38 4.90 -2.79
N GLY A 85 4.29 5.18 -3.73
CA GLY A 85 4.55 6.58 -3.99
C GLY A 85 3.45 7.35 -4.71
N ILE A 86 2.43 6.69 -5.26
CA ILE A 86 1.20 7.40 -5.66
C ILE A 86 0.52 7.85 -4.38
N VAL A 87 0.24 6.98 -3.41
CA VAL A 87 -0.44 7.40 -2.17
C VAL A 87 0.46 8.34 -1.36
N ILE A 88 1.79 8.20 -1.41
CA ILE A 88 2.76 9.18 -0.90
C ILE A 88 2.54 10.57 -1.50
N ASP A 89 2.28 10.67 -2.80
CA ASP A 89 2.07 11.93 -3.56
C ASP A 89 0.75 12.61 -3.35
N TYR A 90 0.16 12.16 -2.28
CA TYR A 90 -1.19 12.34 -1.92
C TYR A 90 -1.28 12.42 -0.40
N LYS A 91 -0.40 11.73 0.33
CA LYS A 91 -0.35 11.67 1.78
C LYS A 91 0.58 12.75 2.29
N GLU A 92 1.78 12.79 1.70
CA GLU A 92 2.77 13.85 1.85
C GLU A 92 2.24 15.18 1.24
N ARG A 93 1.09 15.13 0.56
CA ARG A 93 0.44 16.28 -0.11
C ARG A 93 -0.82 16.74 0.60
N ASP A 94 -1.72 15.79 0.87
CA ASP A 94 -2.94 15.86 1.69
C ASP A 94 -4.20 15.83 0.80
N LEU A 95 -4.30 14.72 0.08
CA LEU A 95 -5.20 14.36 -1.02
C LEU A 95 -6.17 13.25 -0.60
N ILE A 96 -5.75 12.39 0.33
CA ILE A 96 -6.59 11.41 1.04
C ILE A 96 -7.60 12.11 1.98
N ASP A 97 -8.72 11.45 2.28
CA ASP A 97 -9.93 11.95 2.96
C ASP A 97 -9.86 12.33 4.45
N ARG A 98 -8.68 12.44 5.07
CA ARG A 98 -8.39 12.71 6.49
C ARG A 98 -8.85 11.62 7.46
N SER A 99 -9.87 10.83 7.08
CA SER A 99 -10.33 9.63 7.77
C SER A 99 -9.50 8.37 7.47
N ALA A 100 -8.49 8.46 6.59
CA ALA A 100 -7.60 7.32 6.29
C ALA A 100 -6.45 7.25 7.30
N TYR A 101 -5.99 8.42 7.71
CA TYR A 101 -4.96 8.66 8.70
C TYR A 101 -5.31 8.09 10.10
N MET A 21 -7.67 8.95 -12.32
CA MET A 21 -6.79 8.64 -11.16
C MET A 21 -7.30 7.42 -10.38
N PRO A 22 -6.41 6.60 -9.78
CA PRO A 22 -6.80 5.39 -9.04
C PRO A 22 -7.40 5.73 -7.66
N LYS A 23 -8.62 6.27 -7.62
CA LYS A 23 -9.36 6.63 -6.39
C LYS A 23 -9.94 5.38 -5.70
N SER A 24 -9.01 4.60 -5.17
CA SER A 24 -9.14 3.37 -4.39
C SER A 24 -7.85 3.16 -3.58
N LEU A 25 -6.71 3.33 -4.26
CA LEU A 25 -5.35 3.36 -3.78
C LEU A 25 -5.09 4.47 -2.73
N THR A 26 -6.06 5.35 -2.51
CA THR A 26 -6.01 6.54 -1.63
C THR A 26 -7.30 6.72 -0.81
N ASP A 27 -8.05 5.63 -0.57
CA ASP A 27 -9.37 5.60 0.08
C ASP A 27 -9.35 4.88 1.44
N PRO A 28 -9.84 5.49 2.54
CA PRO A 28 -9.88 4.90 3.89
C PRO A 28 -10.37 3.44 3.92
N LYS A 29 -11.42 3.17 3.14
CA LYS A 29 -12.08 1.87 2.92
C LYS A 29 -11.12 0.78 2.43
N LEU A 30 -10.14 1.12 1.60
CA LEU A 30 -9.09 0.23 1.10
C LEU A 30 -7.84 0.33 1.99
N LEU A 31 -7.43 1.54 2.40
CA LEU A 31 -6.18 1.81 3.09
C LEU A 31 -6.04 1.09 4.44
N LYS A 32 -7.16 0.62 4.97
CA LYS A 32 -7.30 -0.09 6.25
C LYS A 32 -7.70 -1.56 6.04
N ASN A 33 -7.83 -1.95 4.77
CA ASN A 33 -7.99 -3.27 4.22
C ASN A 33 -6.90 -3.52 3.19
N ILE A 34 -5.69 -3.75 3.69
CA ILE A 34 -4.55 -4.22 2.89
C ILE A 34 -4.91 -5.27 1.81
N PRO A 35 -5.79 -6.29 2.00
CA PRO A 35 -6.09 -7.27 0.96
C PRO A 35 -6.71 -6.63 -0.29
N MET A 36 -7.79 -5.84 -0.13
CA MET A 36 -8.45 -5.15 -1.24
C MET A 36 -7.66 -3.91 -1.71
N TRP A 37 -6.78 -3.32 -0.89
CA TRP A 37 -5.86 -2.28 -1.37
C TRP A 37 -4.82 -2.85 -2.34
N LEU A 38 -4.16 -3.95 -1.96
CA LEU A 38 -3.29 -4.77 -2.83
C LEU A 38 -4.01 -5.35 -4.05
N LYS A 39 -5.34 -5.46 -4.03
CA LYS A 39 -6.14 -5.90 -5.18
C LYS A 39 -6.18 -4.92 -6.33
N SER A 40 -6.07 -3.62 -6.03
CA SER A 40 -5.88 -2.62 -7.07
C SER A 40 -4.56 -2.82 -7.86
N LEU A 41 -3.58 -3.56 -7.31
CA LEU A 41 -2.31 -3.94 -7.93
C LEU A 41 -2.37 -5.29 -8.67
N ARG A 42 -3.54 -5.98 -8.60
CA ARG A 42 -3.78 -7.37 -9.04
C ARG A 42 -2.93 -8.40 -8.26
N LEU A 43 -2.42 -8.01 -7.08
CA LEU A 43 -1.64 -8.87 -6.17
C LEU A 43 -2.52 -9.50 -5.09
N HIS A 44 -3.09 -8.69 -4.19
CA HIS A 44 -4.07 -9.11 -3.14
C HIS A 44 -3.77 -10.40 -2.34
N LYS A 45 -2.48 -10.68 -2.10
CA LYS A 45 -1.97 -11.89 -1.41
C LYS A 45 -1.09 -11.60 -0.20
N TYR A 46 -0.29 -10.53 -0.25
CA TYR A 46 0.78 -10.27 0.72
C TYR A 46 0.25 -9.83 2.09
N SER A 47 -1.04 -9.49 2.17
CA SER A 47 -1.82 -9.24 3.38
C SER A 47 -1.67 -10.33 4.43
N ASP A 48 -1.44 -11.57 4.02
CA ASP A 48 -1.15 -12.72 4.87
C ASP A 48 0.03 -12.49 5.83
N ALA A 49 0.97 -11.63 5.42
CA ALA A 49 2.17 -11.22 6.14
C ALA A 49 2.32 -9.70 6.33
N LEU A 50 1.40 -8.91 5.75
CA LEU A 50 1.49 -7.46 5.61
C LEU A 50 0.26 -6.66 6.13
N SER A 51 -0.91 -7.28 6.30
CA SER A 51 -2.14 -6.63 6.77
C SER A 51 -2.05 -6.09 8.21
N GLY A 52 -1.14 -6.65 9.00
CA GLY A 52 -0.74 -6.13 10.31
C GLY A 52 -0.02 -4.77 10.25
N THR A 53 0.35 -4.30 9.05
CA THR A 53 0.96 -2.98 8.79
C THR A 53 -0.05 -2.04 8.12
N PRO A 54 -0.56 -1.01 8.82
CA PRO A 54 -1.46 -0.01 8.22
C PRO A 54 -0.74 0.80 7.17
N TRP A 55 -1.45 1.27 6.14
CA TRP A 55 -0.91 2.01 4.99
C TRP A 55 0.06 3.15 5.34
N ILE A 56 -0.12 3.72 6.51
CA ILE A 56 0.61 4.91 6.97
C ILE A 56 1.95 4.54 7.60
N GLU A 57 2.04 3.35 8.21
CA GLU A 57 3.33 2.75 8.59
C GLU A 57 3.93 2.00 7.39
N LEU A 58 3.09 1.68 6.40
CA LEU A 58 3.36 0.79 5.28
C LEU A 58 4.12 1.42 4.13
N ILE A 59 3.57 2.50 3.58
CA ILE A 59 4.04 3.07 2.33
C ILE A 59 5.52 3.51 2.39
N TYR A 60 6.01 3.61 3.62
CA TYR A 60 7.34 3.95 4.10
C TYR A 60 8.38 2.83 3.96
N LEU A 61 7.93 1.57 3.80
CA LEU A 61 8.79 0.37 3.77
C LEU A 61 9.79 0.43 2.60
N ASP A 62 9.23 0.33 1.40
CA ASP A 62 9.90 0.38 0.09
C ASP A 62 10.93 -0.76 -0.14
N ASP A 63 11.73 -0.62 -1.21
CA ASP A 63 12.67 -1.55 -1.85
C ASP A 63 12.72 -2.98 -1.27
N GLU A 64 13.72 -3.30 -0.45
CA GLU A 64 13.97 -4.61 0.13
C GLU A 64 13.23 -4.82 1.45
N THR A 65 12.54 -3.81 1.96
CA THR A 65 11.90 -3.88 3.28
C THR A 65 10.47 -4.44 3.27
N LEU A 66 9.78 -4.29 2.15
CA LEU A 66 8.53 -4.98 1.81
C LEU A 66 8.73 -6.50 1.89
N GLU A 67 9.92 -6.93 1.51
CA GLU A 67 10.39 -8.28 1.45
C GLU A 67 10.75 -8.84 2.84
N LYS A 68 11.08 -7.99 3.81
CA LYS A 68 11.21 -8.36 5.23
C LYS A 68 9.86 -8.58 5.93
N LYS A 69 8.75 -8.11 5.33
CA LYS A 69 7.37 -8.44 5.69
C LYS A 69 6.98 -9.77 5.06
N GLY A 70 7.15 -9.82 3.75
CA GLY A 70 7.15 -11.04 2.98
C GLY A 70 6.49 -10.95 1.63
N VAL A 71 6.63 -9.77 1.04
CA VAL A 71 6.32 -9.52 -0.36
C VAL A 71 7.22 -10.40 -1.26
N LEU A 72 8.46 -10.56 -0.83
CA LEU A 72 9.52 -11.49 -1.22
C LEU A 72 9.87 -11.71 -2.69
N ALA A 73 9.46 -10.74 -3.48
CA ALA A 73 9.52 -10.74 -4.94
C ALA A 73 9.67 -9.33 -5.42
N LEU A 74 10.68 -9.06 -6.25
CA LEU A 74 10.83 -7.74 -6.85
C LEU A 74 9.58 -7.31 -7.61
N GLY A 75 9.03 -8.14 -8.49
CA GLY A 75 7.82 -7.74 -9.23
C GLY A 75 6.54 -7.64 -8.39
N ALA A 76 6.65 -7.91 -7.09
CA ALA A 76 5.63 -7.61 -6.11
C ALA A 76 5.98 -6.31 -5.37
N ARG A 77 7.16 -6.24 -4.74
CA ARG A 77 7.64 -5.06 -4.00
C ARG A 77 7.74 -3.80 -4.89
N ARG A 78 8.12 -3.88 -6.18
CA ARG A 78 8.21 -2.77 -7.15
C ARG A 78 6.81 -2.36 -7.63
N LYS A 79 5.90 -3.32 -7.80
CA LYS A 79 4.46 -3.01 -7.91
C LYS A 79 4.00 -2.21 -6.71
N LEU A 80 4.55 -2.56 -5.56
CA LEU A 80 4.21 -1.87 -4.35
C LEU A 80 4.87 -0.48 -4.31
N LEU A 81 6.05 -0.28 -4.93
CA LEU A 81 6.74 0.99 -5.02
C LEU A 81 5.84 1.99 -5.77
N LYS A 82 5.20 1.51 -6.85
CA LYS A 82 4.13 2.23 -7.55
C LYS A 82 3.04 2.66 -6.58
N ALA A 83 2.40 1.66 -5.97
CA ALA A 83 1.25 1.79 -5.09
C ALA A 83 1.53 2.84 -4.00
N PHE A 84 2.68 2.65 -3.34
CA PHE A 84 3.21 3.52 -2.32
C PHE A 84 3.36 4.92 -2.83
N GLY A 85 4.26 5.20 -3.78
CA GLY A 85 4.51 6.59 -4.05
C GLY A 85 3.42 7.38 -4.77
N ILE A 86 2.38 6.71 -5.28
CA ILE A 86 1.15 7.43 -5.67
C ILE A 86 0.49 7.90 -4.37
N VAL A 87 0.23 7.02 -3.39
CA VAL A 87 -0.42 7.45 -2.14
C VAL A 87 0.50 8.37 -1.33
N ILE A 88 1.83 8.22 -1.44
CA ILE A 88 2.80 9.18 -0.91
C ILE A 88 2.60 10.57 -1.48
N ASP A 89 2.33 10.70 -2.77
CA ASP A 89 2.11 11.97 -3.50
C ASP A 89 0.80 12.66 -3.27
N TYR A 90 0.21 12.19 -2.20
CA TYR A 90 -1.13 12.37 -1.83
C TYR A 90 -1.22 12.44 -0.30
N LYS A 91 -0.33 11.77 0.42
CA LYS A 91 -0.30 11.75 1.88
C LYS A 91 0.70 12.77 2.37
N GLU A 92 1.89 12.77 1.76
CA GLU A 92 2.89 13.83 1.89
C GLU A 92 2.37 15.16 1.30
N ARG A 93 1.18 15.13 0.64
CA ARG A 93 0.53 16.31 0.00
C ARG A 93 -0.71 16.75 0.75
N ASP A 94 -1.65 15.82 0.91
CA ASP A 94 -2.91 15.88 1.69
C ASP A 94 -4.14 15.87 0.76
N LEU A 95 -4.23 14.76 0.04
CA LEU A 95 -5.12 14.39 -1.07
C LEU A 95 -6.03 13.21 -0.70
N ILE A 96 -5.61 12.42 0.30
CA ILE A 96 -6.39 11.37 0.97
C ILE A 96 -7.64 11.97 1.69
N ASP A 97 -8.66 11.14 1.95
CA ASP A 97 -9.98 11.55 2.47
C ASP A 97 -10.09 11.92 3.97
N ARG A 98 -8.97 12.18 4.66
CA ARG A 98 -8.80 12.61 6.07
C ARG A 98 -9.19 11.56 7.11
N SER A 99 -10.14 10.69 6.79
CA SER A 99 -10.54 9.52 7.58
C SER A 99 -9.65 8.29 7.36
N ALA A 100 -8.63 8.38 6.51
CA ALA A 100 -7.71 7.26 6.22
C ALA A 100 -6.59 7.19 7.25
N TYR A 101 -6.25 8.34 7.80
CA TYR A 101 -5.29 8.56 8.84
C TYR A 101 -5.71 7.93 10.20
N MET A 21 -11.45 5.76 -12.11
CA MET A 21 -11.15 6.60 -10.91
C MET A 21 -10.04 5.95 -10.08
N PRO A 22 -8.89 6.62 -9.84
CA PRO A 22 -7.74 6.04 -9.14
C PRO A 22 -7.91 5.92 -7.60
N LYS A 23 -9.00 6.46 -7.04
CA LYS A 23 -9.25 6.56 -5.58
C LYS A 23 -9.29 5.24 -4.81
N SER A 24 -9.39 4.10 -5.50
CA SER A 24 -9.24 2.80 -4.84
C SER A 24 -7.79 2.42 -4.47
N LEU A 25 -6.85 3.37 -4.58
CA LEU A 25 -5.49 3.31 -4.08
C LEU A 25 -5.26 4.36 -2.97
N THR A 26 -6.28 5.18 -2.65
CA THR A 26 -6.20 6.36 -1.78
C THR A 26 -7.49 6.56 -0.96
N ASP A 27 -8.26 5.49 -0.71
CA ASP A 27 -9.52 5.47 0.04
C ASP A 27 -9.34 4.81 1.42
N PRO A 28 -9.87 5.40 2.52
CA PRO A 28 -9.77 4.86 3.89
C PRO A 28 -10.11 3.37 4.00
N LYS A 29 -11.21 2.97 3.35
CA LYS A 29 -11.75 1.61 3.31
C LYS A 29 -10.86 0.58 2.59
N LEU A 30 -9.99 1.02 1.67
CA LEU A 30 -8.95 0.19 1.04
C LEU A 30 -7.69 0.19 1.93
N LEU A 31 -7.25 1.38 2.31
CA LEU A 31 -6.00 1.69 3.02
C LEU A 31 -5.87 0.98 4.37
N LYS A 32 -7.00 0.50 4.91
CA LYS A 32 -7.14 -0.15 6.20
C LYS A 32 -7.53 -1.62 6.07
N ASN A 33 -7.87 -2.07 4.86
CA ASN A 33 -8.01 -3.49 4.55
C ASN A 33 -6.61 -4.09 4.42
N ILE A 34 -5.93 -3.70 3.32
CA ILE A 34 -4.69 -4.20 2.73
C ILE A 34 -4.95 -5.15 1.54
N PRO A 35 -5.72 -6.28 1.63
CA PRO A 35 -5.97 -7.17 0.50
C PRO A 35 -6.59 -6.47 -0.72
N MET A 36 -7.68 -5.72 -0.51
CA MET A 36 -8.38 -5.00 -1.57
C MET A 36 -7.63 -3.74 -2.03
N TRP A 37 -6.71 -3.21 -1.21
CA TRP A 37 -5.80 -2.15 -1.66
C TRP A 37 -4.72 -2.69 -2.63
N LEU A 38 -4.05 -3.78 -2.25
CA LEU A 38 -3.14 -4.57 -3.09
C LEU A 38 -3.82 -5.15 -4.34
N LYS A 39 -5.15 -5.25 -4.37
CA LYS A 39 -5.93 -5.69 -5.54
C LYS A 39 -5.95 -4.68 -6.68
N SER A 40 -5.80 -3.40 -6.36
CA SER A 40 -5.58 -2.39 -7.38
C SER A 40 -4.25 -2.62 -8.14
N LEU A 41 -3.29 -3.37 -7.57
CA LEU A 41 -2.01 -3.76 -8.17
C LEU A 41 -2.08 -5.11 -8.93
N ARG A 42 -3.22 -5.81 -8.87
CA ARG A 42 -3.45 -7.20 -9.32
C ARG A 42 -2.61 -8.23 -8.54
N LEU A 43 -2.07 -7.84 -7.38
CA LEU A 43 -1.36 -8.68 -6.42
C LEU A 43 -2.33 -9.29 -5.41
N HIS A 44 -2.89 -8.48 -4.50
CA HIS A 44 -3.86 -8.88 -3.46
C HIS A 44 -3.56 -10.15 -2.64
N LYS A 45 -2.27 -10.49 -2.48
CA LYS A 45 -1.81 -11.75 -1.86
C LYS A 45 -0.72 -11.66 -0.78
N TYR A 46 -0.11 -10.48 -0.57
CA TYR A 46 0.87 -10.25 0.50
C TYR A 46 0.25 -9.87 1.84
N SER A 47 -1.04 -9.55 1.85
CA SER A 47 -1.88 -9.25 3.00
C SER A 47 -1.81 -10.33 4.09
N ASP A 48 -1.55 -11.57 3.70
CA ASP A 48 -1.32 -12.71 4.59
C ASP A 48 -0.21 -12.46 5.63
N ALA A 49 0.75 -11.59 5.28
CA ALA A 49 1.90 -11.18 6.08
C ALA A 49 2.00 -9.65 6.30
N LEU A 50 1.14 -8.87 5.63
CA LEU A 50 1.24 -7.42 5.51
C LEU A 50 0.01 -6.65 6.04
N SER A 51 -1.13 -7.30 6.26
CA SER A 51 -2.34 -6.67 6.86
C SER A 51 -2.11 -6.14 8.28
N GLY A 52 -1.10 -6.67 8.98
CA GLY A 52 -0.62 -6.14 10.26
C GLY A 52 0.10 -4.80 10.17
N THR A 53 0.36 -4.27 8.95
CA THR A 53 0.99 -2.96 8.71
C THR A 53 -0.01 -2.00 8.05
N PRO A 54 -0.52 -0.98 8.78
CA PRO A 54 -1.42 0.02 8.19
C PRO A 54 -0.68 0.86 7.16
N TRP A 55 -1.40 1.33 6.14
CA TRP A 55 -0.86 2.09 5.00
C TRP A 55 0.07 3.26 5.39
N ILE A 56 -0.13 3.81 6.58
CA ILE A 56 0.55 5.00 7.06
C ILE A 56 1.92 4.64 7.68
N GLU A 57 2.05 3.43 8.24
CA GLU A 57 3.37 2.87 8.59
C GLU A 57 3.98 2.13 7.39
N LEU A 58 3.15 1.82 6.39
CA LEU A 58 3.46 0.96 5.26
C LEU A 58 4.14 1.64 4.10
N ILE A 59 3.55 2.72 3.59
CA ILE A 59 3.99 3.32 2.34
C ILE A 59 5.45 3.82 2.43
N TYR A 60 5.91 3.94 3.67
CA TYR A 60 7.23 4.31 4.15
C TYR A 60 8.29 3.21 3.98
N LEU A 61 7.87 1.98 3.67
CA LEU A 61 8.79 0.88 3.31
C LEU A 61 9.44 1.16 1.94
N ASP A 62 10.27 0.22 1.52
CA ASP A 62 11.17 0.35 0.39
C ASP A 62 11.52 -1.02 -0.22
N ASP A 63 12.36 -1.01 -1.24
CA ASP A 63 12.97 -2.23 -1.74
C ASP A 63 13.80 -2.93 -0.66
N GLU A 64 13.80 -4.26 -0.76
CA GLU A 64 14.33 -5.27 0.14
C GLU A 64 14.00 -5.07 1.62
N THR A 65 12.87 -4.39 1.83
CA THR A 65 12.22 -4.21 3.13
C THR A 65 10.77 -4.69 3.15
N LEU A 66 10.03 -4.52 2.06
CA LEU A 66 8.77 -5.22 1.87
C LEU A 66 9.01 -6.73 1.89
N GLU A 67 10.19 -7.16 1.47
CA GLU A 67 10.71 -8.50 1.53
C GLU A 67 11.13 -8.94 2.95
N LYS A 68 11.20 -8.01 3.91
CA LYS A 68 11.33 -8.28 5.34
C LYS A 68 9.95 -8.37 6.01
N LYS A 69 8.89 -7.94 5.31
CA LYS A 69 7.47 -8.12 5.65
C LYS A 69 6.89 -9.43 5.07
N GLY A 70 7.35 -9.90 3.90
CA GLY A 70 6.92 -11.10 3.22
C GLY A 70 6.37 -10.87 1.82
N VAL A 71 6.67 -9.70 1.24
CA VAL A 71 6.43 -9.42 -0.18
C VAL A 71 7.27 -10.30 -1.09
N LEU A 72 8.40 -10.75 -0.54
CA LEU A 72 9.35 -11.78 -0.91
C LEU A 72 9.81 -11.89 -2.40
N ALA A 73 9.52 -10.88 -3.23
CA ALA A 73 9.70 -10.83 -4.68
C ALA A 73 9.83 -9.40 -5.16
N LEU A 74 10.83 -9.10 -5.98
CA LEU A 74 11.01 -7.77 -6.56
C LEU A 74 9.77 -7.30 -7.31
N GLY A 75 9.21 -8.11 -8.21
CA GLY A 75 8.03 -7.67 -8.97
C GLY A 75 6.74 -7.56 -8.17
N ALA A 76 6.82 -7.82 -6.86
CA ALA A 76 5.78 -7.47 -5.91
C ALA A 76 6.20 -6.17 -5.21
N ARG A 77 7.36 -6.14 -4.53
CA ARG A 77 7.87 -4.95 -3.83
C ARG A 77 8.01 -3.69 -4.71
N ARG A 78 8.43 -3.77 -5.97
CA ARG A 78 8.61 -2.67 -6.93
C ARG A 78 7.25 -2.18 -7.44
N LYS A 79 6.32 -3.11 -7.66
CA LYS A 79 4.90 -2.76 -7.87
C LYS A 79 4.35 -2.01 -6.69
N LEU A 80 4.83 -2.39 -5.50
CA LEU A 80 4.34 -1.76 -4.31
C LEU A 80 4.92 -0.36 -4.16
N LEU A 81 6.15 -0.12 -4.64
CA LEU A 81 6.82 1.16 -4.63
C LEU A 81 6.06 2.16 -5.51
N LYS A 82 5.46 1.66 -6.61
CA LYS A 82 4.48 2.40 -7.41
C LYS A 82 3.31 2.82 -6.52
N ALA A 83 2.62 1.83 -5.98
CA ALA A 83 1.41 1.93 -5.18
C ALA A 83 1.59 2.97 -4.06
N PHE A 84 2.70 2.79 -3.32
CA PHE A 84 3.16 3.65 -2.27
C PHE A 84 3.34 5.05 -2.76
N GLY A 85 4.27 5.35 -3.67
CA GLY A 85 4.50 6.75 -3.94
C GLY A 85 3.39 7.50 -4.69
N ILE A 86 2.39 6.82 -5.25
CA ILE A 86 1.17 7.49 -5.69
C ILE A 86 0.44 7.96 -4.43
N VAL A 87 0.16 7.08 -3.46
CA VAL A 87 -0.54 7.49 -2.23
C VAL A 87 0.33 8.45 -1.41
N ILE A 88 1.66 8.35 -1.49
CA ILE A 88 2.59 9.36 -0.95
C ILE A 88 2.35 10.74 -1.55
N ASP A 89 2.13 10.84 -2.86
CA ASP A 89 1.90 12.09 -3.62
C ASP A 89 0.57 12.74 -3.43
N TYR A 90 -0.04 12.26 -2.37
CA TYR A 90 -1.40 12.41 -2.03
C TYR A 90 -1.51 12.47 -0.51
N LYS A 91 -0.63 11.82 0.25
CA LYS A 91 -0.62 11.79 1.70
C LYS A 91 0.28 12.90 2.20
N GLU A 92 1.48 12.95 1.63
CA GLU A 92 2.44 14.05 1.78
C GLU A 92 1.90 15.35 1.14
N ARG A 93 0.74 15.26 0.45
CA ARG A 93 0.05 16.39 -0.21
C ARG A 93 -1.24 16.80 0.46
N ASP A 94 -2.11 15.82 0.73
CA ASP A 94 -3.35 15.87 1.55
C ASP A 94 -4.62 15.75 0.68
N LEU A 95 -4.56 14.74 -0.17
CA LEU A 95 -5.46 14.29 -1.23
C LEU A 95 -6.31 13.08 -0.77
N ILE A 96 -5.79 12.32 0.20
CA ILE A 96 -6.53 11.29 0.94
C ILE A 96 -7.58 11.96 1.85
N ASP A 97 -8.66 11.26 2.18
CA ASP A 97 -9.58 11.66 3.25
C ASP A 97 -8.88 11.54 4.62
N ARG A 98 -9.12 12.51 5.49
CA ARG A 98 -8.62 12.62 6.87
C ARG A 98 -9.02 11.43 7.77
N SER A 99 -10.04 10.69 7.36
CA SER A 99 -10.49 9.41 7.93
C SER A 99 -9.61 8.19 7.60
N ALA A 100 -8.58 8.35 6.73
CA ALA A 100 -7.66 7.27 6.36
C ALA A 100 -6.48 7.25 7.32
N TYR A 101 -6.04 8.44 7.69
CA TYR A 101 -4.96 8.70 8.63
C TYR A 101 -5.22 8.13 10.04
N MET A 21 -11.81 1.30 -10.37
CA MET A 21 -11.66 2.77 -10.56
C MET A 21 -10.39 3.25 -9.83
N PRO A 22 -9.47 3.99 -10.50
CA PRO A 22 -8.18 4.41 -9.93
C PRO A 22 -8.21 5.01 -8.51
N LYS A 23 -9.22 5.83 -8.19
CA LYS A 23 -9.53 6.30 -6.83
C LYS A 23 -10.09 5.13 -5.99
N SER A 24 -9.17 4.31 -5.51
CA SER A 24 -9.31 3.19 -4.57
C SER A 24 -8.04 3.09 -3.70
N LEU A 25 -6.89 3.22 -4.34
CA LEU A 25 -5.52 3.28 -3.81
C LEU A 25 -5.29 4.40 -2.77
N THR A 26 -6.28 5.27 -2.56
CA THR A 26 -6.28 6.47 -1.71
C THR A 26 -7.59 6.62 -0.92
N ASP A 27 -8.35 5.53 -0.69
CA ASP A 27 -9.60 5.53 0.08
C ASP A 27 -9.45 4.89 1.47
N PRO A 28 -9.95 5.52 2.56
CA PRO A 28 -9.97 4.95 3.92
C PRO A 28 -10.47 3.49 3.98
N LYS A 29 -11.50 3.18 3.19
CA LYS A 29 -12.13 1.86 3.01
C LYS A 29 -11.15 0.78 2.52
N LEU A 30 -10.22 1.13 1.64
CA LEU A 30 -9.17 0.24 1.11
C LEU A 30 -7.91 0.31 1.97
N LEU A 31 -7.49 1.52 2.39
CA LEU A 31 -6.22 1.79 3.05
C LEU A 31 -6.05 1.07 4.39
N LYS A 32 -7.15 0.57 4.93
CA LYS A 32 -7.26 -0.16 6.21
C LYS A 32 -7.64 -1.63 5.99
N ASN A 33 -7.84 -2.01 4.73
CA ASN A 33 -8.00 -3.33 4.17
C ASN A 33 -6.90 -3.55 3.12
N ILE A 34 -5.70 -3.76 3.60
CA ILE A 34 -4.56 -4.20 2.79
C ILE A 34 -4.90 -5.25 1.70
N PRO A 35 -5.77 -6.29 1.89
CA PRO A 35 -6.07 -7.25 0.82
C PRO A 35 -6.72 -6.60 -0.40
N MET A 36 -7.82 -5.86 -0.21
CA MET A 36 -8.52 -5.18 -1.30
C MET A 36 -7.77 -3.92 -1.77
N TRP A 37 -6.85 -3.35 -0.97
CA TRP A 37 -5.96 -2.30 -1.46
C TRP A 37 -4.92 -2.84 -2.45
N LEU A 38 -4.25 -3.95 -2.10
CA LEU A 38 -3.36 -4.74 -2.97
C LEU A 38 -4.04 -5.32 -4.22
N LYS A 39 -5.38 -5.44 -4.24
CA LYS A 39 -6.16 -5.87 -5.42
C LYS A 39 -6.04 -4.93 -6.61
N SER A 40 -5.98 -3.63 -6.36
CA SER A 40 -5.68 -2.61 -7.37
C SER A 40 -4.35 -2.87 -8.10
N LEU A 41 -3.40 -3.59 -7.49
CA LEU A 41 -2.10 -3.94 -8.04
C LEU A 41 -2.13 -5.29 -8.79
N ARG A 42 -3.29 -5.97 -8.80
CA ARG A 42 -3.50 -7.35 -9.23
C ARG A 42 -2.65 -8.35 -8.42
N LEU A 43 -2.42 -8.02 -7.14
CA LEU A 43 -1.62 -8.82 -6.19
C LEU A 43 -2.49 -9.45 -5.10
N HIS A 44 -3.10 -8.64 -4.23
CA HIS A 44 -4.09 -9.04 -3.19
C HIS A 44 -3.79 -10.32 -2.40
N LYS A 45 -2.51 -10.60 -2.13
CA LYS A 45 -2.00 -11.80 -1.44
C LYS A 45 -1.14 -11.52 -0.21
N TYR A 46 -0.31 -10.48 -0.25
CA TYR A 46 0.74 -10.22 0.73
C TYR A 46 0.20 -9.79 2.09
N SER A 47 -1.08 -9.45 2.16
CA SER A 47 -1.86 -9.14 3.36
C SER A 47 -1.72 -10.21 4.44
N ASP A 48 -1.45 -11.47 4.07
CA ASP A 48 -1.22 -12.58 4.99
C ASP A 48 -0.06 -12.33 5.98
N ALA A 49 0.92 -11.53 5.55
CA ALA A 49 2.08 -11.08 6.30
C ALA A 49 2.18 -9.55 6.46
N LEU A 50 1.31 -8.79 5.78
CA LEU A 50 1.40 -7.34 5.60
C LEU A 50 0.20 -6.53 6.09
N SER A 51 -0.98 -7.14 6.27
CA SER A 51 -2.20 -6.45 6.74
C SER A 51 -2.09 -5.91 8.16
N GLY A 52 -1.22 -6.53 8.98
CA GLY A 52 -0.79 -6.04 10.29
C GLY A 52 0.01 -4.71 10.23
N THR A 53 0.37 -4.23 9.04
CA THR A 53 1.02 -2.93 8.80
C THR A 53 0.04 -1.97 8.12
N PRO A 54 -0.52 -0.96 8.84
CA PRO A 54 -1.42 0.03 8.25
C PRO A 54 -0.69 0.87 7.21
N TRP A 55 -1.42 1.32 6.19
CA TRP A 55 -0.88 2.09 5.05
C TRP A 55 0.05 3.26 5.42
N ILE A 56 -0.15 3.81 6.60
CA ILE A 56 0.54 5.00 7.09
C ILE A 56 1.89 4.65 7.69
N GLU A 57 2.04 3.44 8.28
CA GLU A 57 3.34 2.88 8.63
C GLU A 57 3.96 2.14 7.44
N LEU A 58 3.13 1.82 6.44
CA LEU A 58 3.44 0.95 5.31
C LEU A 58 4.13 1.62 4.15
N ILE A 59 3.53 2.69 3.63
CA ILE A 59 3.96 3.28 2.37
C ILE A 59 5.42 3.77 2.45
N TYR A 60 5.89 3.90 3.69
CA TYR A 60 7.21 4.29 4.18
C TYR A 60 8.28 3.20 4.01
N LEU A 61 7.87 1.97 3.69
CA LEU A 61 8.81 0.88 3.37
C LEU A 61 9.53 1.15 2.04
N ASP A 62 10.34 0.18 1.62
CA ASP A 62 11.25 0.24 0.50
C ASP A 62 11.24 -1.06 -0.29
N ASP A 63 12.06 -1.10 -1.34
CA ASP A 63 12.35 -2.26 -2.17
C ASP A 63 12.59 -3.54 -1.36
N GLU A 64 13.74 -3.67 -0.69
CA GLU A 64 14.08 -4.86 0.06
C GLU A 64 13.35 -4.97 1.41
N THR A 65 12.69 -3.93 1.89
CA THR A 65 12.01 -3.99 3.19
C THR A 65 10.65 -4.64 3.15
N LEU A 66 9.92 -4.51 2.04
CA LEU A 66 8.72 -5.30 1.77
C LEU A 66 9.03 -6.80 1.79
N GLU A 67 10.27 -7.14 1.45
CA GLU A 67 10.84 -8.46 1.43
C GLU A 67 11.38 -8.91 2.81
N LYS A 68 11.29 -8.05 3.82
CA LYS A 68 11.43 -8.42 5.23
C LYS A 68 10.04 -8.58 5.88
N LYS A 69 8.98 -8.05 5.23
CA LYS A 69 7.55 -8.22 5.57
C LYS A 69 6.98 -9.52 4.99
N GLY A 70 7.37 -9.94 3.77
CA GLY A 70 6.99 -11.18 3.12
C GLY A 70 6.40 -11.00 1.73
N VAL A 71 6.61 -9.82 1.14
CA VAL A 71 6.35 -9.55 -0.27
C VAL A 71 7.24 -10.40 -1.17
N LEU A 72 8.43 -10.67 -0.65
CA LEU A 72 9.43 -11.65 -1.02
C LEU A 72 9.88 -11.74 -2.50
N ALA A 73 9.55 -10.75 -3.33
CA ALA A 73 9.78 -10.73 -4.78
C ALA A 73 9.95 -9.30 -5.26
N LEU A 74 10.95 -9.06 -6.10
CA LEU A 74 11.20 -7.79 -6.77
C LEU A 74 9.98 -7.25 -7.50
N GLY A 75 9.35 -8.07 -8.32
CA GLY A 75 8.22 -7.55 -9.10
C GLY A 75 6.92 -7.45 -8.32
N ALA A 76 6.93 -7.89 -7.06
CA ALA A 76 5.86 -7.62 -6.10
C ALA A 76 6.16 -6.32 -5.34
N ARG A 77 7.34 -6.25 -4.69
CA ARG A 77 7.80 -5.09 -3.92
C ARG A 77 7.90 -3.80 -4.75
N ARG A 78 8.20 -3.85 -6.05
CA ARG A 78 8.32 -2.71 -7.00
C ARG A 78 6.93 -2.26 -7.45
N LYS A 79 6.03 -3.21 -7.69
CA LYS A 79 4.58 -2.91 -7.83
C LYS A 79 4.08 -2.16 -6.62
N LEU A 80 4.60 -2.52 -5.46
CA LEU A 80 4.18 -1.88 -4.25
C LEU A 80 4.77 -0.47 -4.14
N LEU A 81 5.98 -0.22 -4.67
CA LEU A 81 6.63 1.07 -4.69
C LEU A 81 5.82 2.05 -5.54
N LYS A 82 5.21 1.55 -6.63
CA LYS A 82 4.20 2.28 -7.40
C LYS A 82 3.04 2.70 -6.49
N ALA A 83 2.38 1.70 -5.91
CA ALA A 83 1.20 1.80 -5.06
C ALA A 83 1.42 2.85 -3.96
N PHE A 84 2.54 2.68 -3.26
CA PHE A 84 3.02 3.54 -2.21
C PHE A 84 3.21 4.93 -2.72
N GLY A 85 4.11 5.21 -3.66
CA GLY A 85 4.37 6.61 -3.94
C GLY A 85 3.28 7.37 -4.67
N ILE A 86 2.25 6.72 -5.21
CA ILE A 86 1.03 7.41 -5.62
C ILE A 86 0.33 7.88 -4.34
N VAL A 87 0.04 7.00 -3.36
CA VAL A 87 -0.62 7.44 -2.13
C VAL A 87 0.28 8.39 -1.33
N ILE A 88 1.61 8.27 -1.43
CA ILE A 88 2.57 9.27 -0.93
C ILE A 88 2.33 10.65 -1.53
N ASP A 89 2.07 10.74 -2.84
CA ASP A 89 1.84 11.98 -3.60
C ASP A 89 0.50 12.65 -3.39
N TYR A 90 -0.07 12.19 -2.30
CA TYR A 90 -1.42 12.35 -1.93
C TYR A 90 -1.51 12.42 -0.40
N LYS A 91 -0.58 11.82 0.34
CA LYS A 91 -0.53 11.83 1.79
C LYS A 91 0.44 12.91 2.24
N GLU A 92 1.62 12.91 1.63
CA GLU A 92 2.62 13.97 1.73
C GLU A 92 2.10 15.27 1.09
N ARG A 93 0.93 15.21 0.42
CA ARG A 93 0.25 16.36 -0.25
C ARG A 93 -1.03 16.77 0.49
N ASP A 94 -1.86 15.78 0.79
CA ASP A 94 -3.07 15.81 1.64
C ASP A 94 -4.35 15.85 0.78
N LEU A 95 -4.47 14.79 0.00
CA LEU A 95 -5.41 14.41 -1.06
C LEU A 95 -6.32 13.27 -0.61
N ILE A 96 -5.86 12.45 0.35
CA ILE A 96 -6.65 11.43 1.07
C ILE A 96 -7.75 12.08 1.95
N ASP A 97 -8.82 11.35 2.28
CA ASP A 97 -10.07 11.82 2.91
C ASP A 97 -10.05 12.18 4.40
N ARG A 98 -8.88 12.34 5.04
CA ARG A 98 -8.62 12.65 6.46
C ARG A 98 -9.01 11.54 7.43
N SER A 99 -10.03 10.76 7.11
CA SER A 99 -10.45 9.56 7.83
C SER A 99 -9.59 8.31 7.55
N ALA A 100 -8.58 8.40 6.67
CA ALA A 100 -7.69 7.25 6.36
C ALA A 100 -6.53 7.19 7.35
N TYR A 101 -6.07 8.36 7.75
CA TYR A 101 -4.97 8.61 8.67
C TYR A 101 -5.23 8.05 10.09
N MET A 21 -4.40 7.94 -8.26
CA MET A 21 -5.57 7.06 -8.49
C MET A 21 -6.59 7.20 -7.36
N PRO A 22 -7.76 7.81 -7.60
CA PRO A 22 -8.87 7.87 -6.64
C PRO A 22 -9.61 6.50 -6.54
N LYS A 23 -10.71 6.48 -5.77
CA LYS A 23 -11.69 5.38 -5.61
C LYS A 23 -11.19 4.08 -4.96
N SER A 24 -9.87 3.86 -4.82
CA SER A 24 -9.31 2.73 -4.08
C SER A 24 -7.96 2.99 -3.41
N LEU A 25 -6.91 3.25 -4.20
CA LEU A 25 -5.51 3.36 -3.80
C LEU A 25 -5.24 4.50 -2.79
N THR A 26 -6.21 5.39 -2.59
CA THR A 26 -6.14 6.59 -1.75
C THR A 26 -7.40 6.73 -0.87
N ASP A 27 -8.08 5.63 -0.55
CA ASP A 27 -9.38 5.57 0.14
C ASP A 27 -9.32 4.83 1.48
N PRO A 28 -9.77 5.43 2.60
CA PRO A 28 -9.74 4.85 3.97
C PRO A 28 -10.22 3.40 4.04
N LYS A 29 -11.34 3.15 3.35
CA LYS A 29 -12.06 1.88 3.23
C LYS A 29 -11.22 0.74 2.63
N LEU A 30 -10.21 1.06 1.81
CA LEU A 30 -9.18 0.14 1.30
C LEU A 30 -7.92 0.17 2.17
N LEU A 31 -7.45 1.37 2.52
CA LEU A 31 -6.16 1.67 3.15
C LEU A 31 -5.97 0.99 4.53
N LYS A 32 -7.08 0.53 5.12
CA LYS A 32 -7.17 -0.08 6.44
C LYS A 32 -7.55 -1.56 6.37
N ASN A 33 -7.88 -2.04 5.17
CA ASN A 33 -8.01 -3.47 4.90
C ASN A 33 -6.61 -4.06 4.72
N ILE A 34 -5.97 -3.67 3.60
CA ILE A 34 -4.74 -4.15 2.96
C ILE A 34 -5.04 -5.14 1.79
N PRO A 35 -5.76 -6.28 1.94
CA PRO A 35 -6.02 -7.21 0.83
C PRO A 35 -6.71 -6.54 -0.37
N MET A 36 -7.79 -5.79 -0.13
CA MET A 36 -8.52 -5.08 -1.19
C MET A 36 -7.77 -3.85 -1.70
N TRP A 37 -6.89 -3.24 -0.91
CA TRP A 37 -6.00 -2.17 -1.39
C TRP A 37 -4.98 -2.71 -2.42
N LEU A 38 -4.26 -3.78 -2.05
CA LEU A 38 -3.40 -4.58 -2.93
C LEU A 38 -4.14 -5.16 -4.15
N LYS A 39 -5.48 -5.31 -4.09
CA LYS A 39 -6.31 -5.77 -5.22
C LYS A 39 -6.44 -4.78 -6.33
N SER A 40 -6.36 -3.49 -6.04
CA SER A 40 -6.25 -2.48 -7.09
C SER A 40 -4.98 -2.67 -7.96
N LEU A 41 -3.93 -3.29 -7.40
CA LEU A 41 -2.67 -3.66 -8.05
C LEU A 41 -2.75 -5.02 -8.80
N ARG A 42 -3.86 -5.76 -8.61
CA ARG A 42 -4.06 -7.17 -9.00
C ARG A 42 -3.09 -8.14 -8.31
N LEU A 43 -2.41 -7.69 -7.24
CA LEU A 43 -1.60 -8.50 -6.32
C LEU A 43 -2.50 -9.20 -5.28
N HIS A 44 -3.07 -8.43 -4.34
CA HIS A 44 -3.98 -8.90 -3.28
C HIS A 44 -3.61 -10.19 -2.50
N LYS A 45 -2.31 -10.52 -2.41
CA LYS A 45 -1.83 -11.79 -1.83
C LYS A 45 -0.70 -11.68 -0.79
N TYR A 46 -0.09 -10.51 -0.59
CA TYR A 46 0.94 -10.29 0.46
C TYR A 46 0.37 -9.89 1.81
N SER A 47 -0.92 -9.57 1.87
CA SER A 47 -1.73 -9.32 3.07
C SER A 47 -1.57 -10.42 4.13
N ASP A 48 -1.31 -11.66 3.71
CA ASP A 48 -1.00 -12.81 4.56
C ASP A 48 0.15 -12.56 5.55
N ALA A 49 1.07 -11.65 5.18
CA ALA A 49 2.22 -11.22 5.96
C ALA A 49 2.31 -9.68 6.15
N LEU A 50 1.39 -8.91 5.55
CA LEU A 50 1.44 -7.46 5.41
C LEU A 50 0.20 -6.70 5.95
N SER A 51 -0.95 -7.36 6.14
CA SER A 51 -2.16 -6.78 6.78
C SER A 51 -1.94 -6.32 8.22
N GLY A 52 -0.89 -6.81 8.89
CA GLY A 52 -0.42 -6.31 10.19
C GLY A 52 0.20 -4.90 10.12
N THR A 53 0.39 -4.34 8.92
CA THR A 53 0.99 -3.01 8.68
C THR A 53 -0.01 -2.06 8.00
N PRO A 54 -0.56 -1.04 8.72
CA PRO A 54 -1.46 -0.06 8.12
C PRO A 54 -0.73 0.79 7.09
N TRP A 55 -1.45 1.27 6.07
CA TRP A 55 -0.90 2.04 4.94
C TRP A 55 0.03 3.20 5.33
N ILE A 56 -0.17 3.75 6.53
CA ILE A 56 0.52 4.94 7.00
C ILE A 56 1.86 4.58 7.64
N GLU A 57 1.98 3.38 8.21
CA GLU A 57 3.29 2.80 8.59
C GLU A 57 3.93 2.09 7.38
N LEU A 58 3.10 1.75 6.38
CA LEU A 58 3.43 0.91 5.24
C LEU A 58 4.13 1.61 4.11
N ILE A 59 3.53 2.68 3.60
CA ILE A 59 3.99 3.30 2.36
C ILE A 59 5.45 3.79 2.46
N TYR A 60 5.90 3.91 3.72
CA TYR A 60 7.22 4.30 4.21
C TYR A 60 8.29 3.21 4.07
N LEU A 61 7.89 1.97 3.75
CA LEU A 61 8.84 0.89 3.43
C LEU A 61 9.56 1.18 2.10
N ASP A 62 10.37 0.21 1.68
CA ASP A 62 11.24 0.25 0.52
C ASP A 62 11.24 -1.12 -0.16
N ASP A 63 12.01 -1.23 -1.25
CA ASP A 63 12.28 -2.47 -1.97
C ASP A 63 12.58 -3.66 -1.06
N GLU A 64 13.76 -3.72 -0.45
CA GLU A 64 14.17 -4.87 0.34
C GLU A 64 13.44 -4.98 1.67
N THR A 65 12.74 -3.94 2.14
CA THR A 65 12.03 -4.02 3.42
C THR A 65 10.63 -4.58 3.32
N LEU A 66 9.95 -4.38 2.19
CA LEU A 66 8.72 -5.11 1.88
C LEU A 66 9.01 -6.61 1.84
N GLU A 67 10.23 -6.98 1.50
CA GLU A 67 10.70 -8.32 1.43
C GLU A 67 11.00 -8.90 2.83
N LYS A 68 11.36 -8.07 3.83
CA LYS A 68 11.42 -8.46 5.24
C LYS A 68 10.03 -8.62 5.88
N LYS A 69 9.00 -7.96 5.33
CA LYS A 69 7.58 -8.17 5.67
C LYS A 69 7.14 -9.51 5.11
N GLY A 70 7.37 -9.69 3.82
CA GLY A 70 7.36 -10.95 3.11
C GLY A 70 6.66 -10.94 1.79
N VAL A 71 6.81 -9.82 1.12
CA VAL A 71 6.51 -9.64 -0.29
C VAL A 71 7.39 -10.57 -1.12
N LEU A 72 8.65 -10.66 -0.72
CA LEU A 72 9.70 -11.61 -1.11
C LEU A 72 9.93 -11.86 -2.61
N ALA A 73 9.50 -10.86 -3.38
CA ALA A 73 9.38 -10.87 -4.83
C ALA A 73 9.50 -9.46 -5.37
N LEU A 74 10.53 -9.20 -6.20
CA LEU A 74 10.76 -7.90 -6.82
C LEU A 74 9.49 -7.37 -7.47
N GLY A 75 8.85 -8.18 -8.31
CA GLY A 75 7.66 -7.73 -9.01
C GLY A 75 6.35 -7.83 -8.24
N ALA A 76 6.50 -7.72 -6.92
CA ALA A 76 5.47 -7.45 -5.94
C ALA A 76 5.89 -6.22 -5.12
N ARG A 77 7.12 -6.19 -4.60
CA ARG A 77 7.68 -5.04 -3.86
C ARG A 77 7.84 -3.75 -4.70
N ARG A 78 8.08 -3.83 -6.00
CA ARG A 78 8.33 -2.70 -6.94
C ARG A 78 6.99 -2.15 -7.40
N LYS A 79 6.07 -3.08 -7.64
CA LYS A 79 4.66 -2.83 -7.83
C LYS A 79 4.04 -2.16 -6.60
N LEU A 80 4.56 -2.46 -5.41
CA LEU A 80 4.24 -1.77 -4.19
C LEU A 80 4.86 -0.37 -4.13
N LEU A 81 6.07 -0.15 -4.66
CA LEU A 81 6.73 1.14 -4.69
C LEU A 81 5.93 2.13 -5.54
N LYS A 82 5.30 1.62 -6.61
CA LYS A 82 4.29 2.35 -7.39
C LYS A 82 3.13 2.76 -6.49
N ALA A 83 2.46 1.76 -5.90
CA ALA A 83 1.28 1.90 -5.08
C ALA A 83 1.51 2.96 -3.99
N PHE A 84 2.64 2.80 -3.29
CA PHE A 84 3.14 3.66 -2.25
C PHE A 84 3.33 5.06 -2.76
N GLY A 85 4.25 5.34 -3.67
CA GLY A 85 4.51 6.74 -3.92
C GLY A 85 3.41 7.52 -4.65
N ILE A 86 2.40 6.85 -5.23
CA ILE A 86 1.18 7.54 -5.65
C ILE A 86 0.48 7.99 -4.37
N VAL A 87 0.18 7.11 -3.41
CA VAL A 87 -0.52 7.52 -2.18
C VAL A 87 0.36 8.45 -1.35
N ILE A 88 1.69 8.34 -1.43
CA ILE A 88 2.63 9.33 -0.88
C ILE A 88 2.41 10.72 -1.46
N ASP A 89 2.17 10.84 -2.77
CA ASP A 89 1.94 12.10 -3.50
C ASP A 89 0.60 12.75 -3.29
N TYR A 90 0.00 12.25 -2.25
CA TYR A 90 -1.36 12.39 -1.90
C TYR A 90 -1.49 12.44 -0.38
N LYS A 91 -0.56 11.86 0.37
CA LYS A 91 -0.54 11.82 1.83
C LYS A 91 0.43 12.85 2.36
N GLU A 92 1.62 12.88 1.75
CA GLU A 92 2.58 13.98 1.92
C GLU A 92 2.00 15.27 1.30
N ARG A 93 0.83 15.18 0.62
CA ARG A 93 0.13 16.30 -0.05
C ARG A 93 -1.23 16.64 0.56
N ASP A 94 -2.01 15.63 0.99
CA ASP A 94 -3.25 15.69 1.81
C ASP A 94 -4.56 15.51 1.00
N LEU A 95 -4.42 14.82 -0.13
CA LEU A 95 -5.34 14.44 -1.22
C LEU A 95 -6.24 13.25 -0.86
N ILE A 96 -5.84 12.45 0.13
CA ILE A 96 -6.62 11.39 0.77
C ILE A 96 -7.92 11.95 1.42
N ASP A 97 -8.86 11.09 1.81
CA ASP A 97 -10.14 11.45 2.48
C ASP A 97 -10.03 11.98 3.93
N ARG A 98 -8.82 12.16 4.49
CA ARG A 98 -8.50 12.64 5.86
C ARG A 98 -8.92 11.68 6.99
N SER A 99 -9.92 10.84 6.74
CA SER A 99 -10.33 9.71 7.59
C SER A 99 -9.49 8.44 7.39
N ALA A 100 -8.50 8.46 6.50
CA ALA A 100 -7.61 7.29 6.26
C ALA A 100 -6.47 7.25 7.27
N TYR A 101 -6.12 8.43 7.76
CA TYR A 101 -5.12 8.66 8.78
C TYR A 101 -5.49 8.07 10.15
N MET A 21 -9.76 5.41 -11.75
CA MET A 21 -9.08 6.52 -11.04
C MET A 21 -8.46 6.05 -9.72
N PRO A 22 -7.38 6.69 -9.22
CA PRO A 22 -6.73 6.37 -7.93
C PRO A 22 -7.59 6.47 -6.65
N LYS A 23 -8.85 6.91 -6.74
CA LYS A 23 -9.83 7.02 -5.62
C LYS A 23 -10.37 5.64 -5.17
N SER A 24 -9.42 4.79 -4.77
CA SER A 24 -9.52 3.49 -4.11
C SER A 24 -8.21 3.22 -3.36
N LEU A 25 -7.09 3.32 -4.08
CA LEU A 25 -5.70 3.34 -3.63
C LEU A 25 -5.40 4.48 -2.62
N THR A 26 -6.37 5.37 -2.39
CA THR A 26 -6.32 6.57 -1.54
C THR A 26 -7.57 6.69 -0.64
N ASP A 27 -8.31 5.59 -0.42
CA ASP A 27 -9.59 5.54 0.32
C ASP A 27 -9.46 4.82 1.68
N PRO A 28 -9.99 5.37 2.78
CA PRO A 28 -9.97 4.77 4.13
C PRO A 28 -10.41 3.30 4.14
N LYS A 29 -11.47 2.99 3.39
CA LYS A 29 -12.07 1.66 3.13
C LYS A 29 -11.03 0.61 2.70
N LEU A 30 -10.12 0.99 1.81
CA LEU A 30 -9.08 0.13 1.24
C LEU A 30 -7.83 0.17 2.12
N LEU A 31 -7.40 1.37 2.51
CA LEU A 31 -6.14 1.69 3.17
C LEU A 31 -5.98 1.01 4.54
N LYS A 32 -7.10 0.55 5.11
CA LYS A 32 -7.21 -0.08 6.43
C LYS A 32 -7.59 -1.56 6.32
N ASN A 33 -7.92 -2.03 5.12
CA ASN A 33 -8.05 -3.45 4.82
C ASN A 33 -6.65 -4.03 4.65
N ILE A 34 -6.01 -3.66 3.52
CA ILE A 34 -4.79 -4.17 2.88
C ILE A 34 -5.09 -5.17 1.74
N PRO A 35 -5.84 -6.29 1.90
CA PRO A 35 -6.11 -7.22 0.79
C PRO A 35 -6.78 -6.55 -0.42
N MET A 36 -7.86 -5.78 -0.19
CA MET A 36 -8.58 -5.08 -1.26
C MET A 36 -7.83 -3.85 -1.78
N TRP A 37 -6.92 -3.26 -0.98
CA TRP A 37 -6.02 -2.22 -1.49
C TRP A 37 -4.99 -2.79 -2.48
N LEU A 38 -4.32 -3.88 -2.10
CA LEU A 38 -3.45 -4.72 -2.95
C LEU A 38 -4.18 -5.34 -4.16
N LYS A 39 -5.51 -5.44 -4.14
CA LYS A 39 -6.31 -5.96 -5.25
C LYS A 39 -6.36 -5.05 -6.46
N SER A 40 -6.27 -3.76 -6.25
CA SER A 40 -6.08 -2.82 -7.37
C SER A 40 -4.77 -3.10 -8.14
N LEU A 41 -3.77 -3.75 -7.51
CA LEU A 41 -2.49 -4.14 -8.11
C LEU A 41 -2.55 -5.52 -8.80
N ARG A 42 -3.71 -6.21 -8.70
CA ARG A 42 -3.93 -7.62 -9.06
C ARG A 42 -3.07 -8.61 -8.24
N LEU A 43 -2.51 -8.13 -7.11
CA LEU A 43 -1.72 -8.92 -6.16
C LEU A 43 -2.61 -9.53 -5.06
N HIS A 44 -3.22 -8.69 -4.20
CA HIS A 44 -4.17 -9.08 -3.13
C HIS A 44 -3.85 -10.35 -2.31
N LYS A 45 -2.56 -10.58 -2.03
CA LYS A 45 -2.00 -11.77 -1.38
C LYS A 45 -1.11 -11.47 -0.17
N TYR A 46 -0.33 -10.39 -0.24
CA TYR A 46 0.73 -10.10 0.72
C TYR A 46 0.19 -9.68 2.08
N SER A 47 -1.09 -9.32 2.15
CA SER A 47 -1.90 -9.06 3.34
C SER A 47 -1.80 -10.17 4.38
N ASP A 48 -1.58 -11.41 3.96
CA ASP A 48 -1.34 -12.57 4.81
C ASP A 48 -0.18 -12.36 5.81
N ALA A 49 0.79 -11.51 5.42
CA ALA A 49 1.97 -11.11 6.17
C ALA A 49 2.10 -9.59 6.40
N LEU A 50 1.22 -8.80 5.77
CA LEU A 50 1.33 -7.34 5.64
C LEU A 50 0.10 -6.54 6.11
N SER A 51 -1.08 -7.15 6.28
CA SER A 51 -2.29 -6.50 6.80
C SER A 51 -2.13 -5.94 8.21
N GLY A 52 -1.25 -6.56 8.99
CA GLY A 52 -0.76 -6.07 10.29
C GLY A 52 0.05 -4.76 10.21
N THR A 53 0.36 -4.25 9.01
CA THR A 53 1.02 -2.96 8.75
C THR A 53 0.03 -1.99 8.08
N PRO A 54 -0.49 -0.97 8.79
CA PRO A 54 -1.41 0.02 8.22
C PRO A 54 -0.70 0.84 7.16
N TRP A 55 -1.44 1.29 6.14
CA TRP A 55 -0.91 2.03 4.98
C TRP A 55 0.05 3.17 5.29
N ILE A 56 -0.10 3.76 6.48
CA ILE A 56 0.63 4.94 6.92
C ILE A 56 1.97 4.58 7.54
N GLU A 57 2.08 3.39 8.16
CA GLU A 57 3.39 2.81 8.49
C GLU A 57 3.96 2.04 7.29
N LEU A 58 3.10 1.72 6.31
CA LEU A 58 3.37 0.83 5.20
C LEU A 58 4.10 1.45 4.03
N ILE A 59 3.53 2.50 3.47
CA ILE A 59 3.98 3.06 2.20
C ILE A 59 5.46 3.51 2.23
N TYR A 60 5.96 3.65 3.46
CA TYR A 60 7.28 4.03 3.91
C TYR A 60 8.35 2.92 3.82
N LEU A 61 7.92 1.65 3.73
CA LEU A 61 8.81 0.47 3.79
C LEU A 61 9.92 0.55 2.75
N ASP A 62 9.49 0.64 1.50
CA ASP A 62 10.26 0.68 0.25
C ASP A 62 10.87 -0.69 -0.14
N ASP A 63 11.67 -0.68 -1.21
CA ASP A 63 12.16 -1.80 -2.01
C ASP A 63 12.36 -3.14 -1.27
N GLU A 64 13.55 -3.44 -0.74
CA GLU A 64 13.84 -4.71 -0.11
C GLU A 64 13.15 -4.89 1.25
N THR A 65 12.51 -3.86 1.80
CA THR A 65 11.88 -3.95 3.13
C THR A 65 10.45 -4.49 3.12
N LEU A 66 9.73 -4.33 2.02
CA LEU A 66 8.50 -5.05 1.68
C LEU A 66 8.76 -6.56 1.73
N GLU A 67 9.98 -6.90 1.35
CA GLU A 67 10.56 -8.22 1.29
C GLU A 67 11.20 -8.66 2.62
N LYS A 68 11.03 -7.89 3.69
CA LYS A 68 11.26 -8.32 5.06
C LYS A 68 9.93 -8.57 5.78
N LYS A 69 8.81 -8.28 5.10
CA LYS A 69 7.44 -8.54 5.53
C LYS A 69 6.83 -9.77 4.88
N GLY A 70 6.86 -9.84 3.55
CA GLY A 70 6.33 -11.00 2.85
C GLY A 70 5.97 -10.87 1.39
N VAL A 71 6.21 -9.67 0.86
CA VAL A 71 6.05 -9.32 -0.55
C VAL A 71 6.99 -10.17 -1.41
N LEU A 72 8.11 -10.46 -0.77
CA LEU A 72 9.16 -11.43 -0.95
C LEU A 72 9.68 -11.65 -2.37
N ALA A 73 9.75 -10.56 -3.12
CA ALA A 73 9.99 -10.54 -4.55
C ALA A 73 10.14 -9.11 -5.04
N LEU A 74 11.14 -8.87 -5.87
CA LEU A 74 11.37 -7.63 -6.61
C LEU A 74 10.16 -7.16 -7.40
N GLY A 75 9.56 -8.04 -8.19
CA GLY A 75 8.48 -7.55 -9.05
C GLY A 75 7.22 -7.21 -8.29
N ALA A 76 7.03 -7.90 -7.16
CA ALA A 76 5.96 -7.62 -6.21
C ALA A 76 6.19 -6.31 -5.45
N ARG A 77 7.38 -6.16 -4.84
CA ARG A 77 7.76 -4.96 -4.10
C ARG A 77 7.84 -3.72 -4.98
N ARG A 78 8.09 -3.82 -6.29
CA ARG A 78 8.16 -2.72 -7.28
C ARG A 78 6.77 -2.27 -7.69
N LYS A 79 5.92 -3.25 -7.89
CA LYS A 79 4.46 -3.03 -8.00
C LYS A 79 3.97 -2.26 -6.79
N LEU A 80 4.53 -2.58 -5.62
CA LEU A 80 4.13 -1.90 -4.43
C LEU A 80 4.72 -0.49 -4.35
N LEU A 81 5.92 -0.24 -4.92
CA LEU A 81 6.56 1.06 -4.95
C LEU A 81 5.72 2.03 -5.79
N LYS A 82 5.10 1.51 -6.86
CA LYS A 82 4.07 2.22 -7.62
C LYS A 82 2.93 2.63 -6.70
N ALA A 83 2.26 1.63 -6.13
CA ALA A 83 1.08 1.76 -5.27
C ALA A 83 1.32 2.80 -4.16
N PHE A 84 2.46 2.61 -3.49
CA PHE A 84 3.01 3.47 -2.46
C PHE A 84 3.17 4.88 -2.98
N GLY A 85 4.06 5.15 -3.93
CA GLY A 85 4.32 6.55 -4.22
C GLY A 85 3.20 7.31 -4.92
N ILE A 86 2.16 6.64 -5.43
CA ILE A 86 0.92 7.34 -5.79
C ILE A 86 0.32 7.83 -4.47
N VAL A 87 0.06 6.96 -3.50
CA VAL A 87 -0.59 7.41 -2.25
C VAL A 87 0.34 8.33 -1.46
N ILE A 88 1.67 8.19 -1.57
CA ILE A 88 2.66 9.15 -1.05
C ILE A 88 2.45 10.54 -1.64
N ASP A 89 2.16 10.66 -2.93
CA ASP A 89 1.94 11.93 -3.67
C ASP A 89 0.64 12.62 -3.40
N TYR A 90 0.06 12.13 -2.33
CA TYR A 90 -1.29 12.31 -1.94
C TYR A 90 -1.37 12.33 -0.42
N LYS A 91 -0.42 11.74 0.31
CA LYS A 91 -0.37 11.72 1.76
C LYS A 91 0.63 12.75 2.25
N GLU A 92 1.82 12.73 1.63
CA GLU A 92 2.83 13.78 1.79
C GLU A 92 2.28 15.12 1.23
N ARG A 93 1.21 15.04 0.43
CA ARG A 93 0.52 16.21 -0.19
C ARG A 93 -0.78 16.59 0.49
N ASP A 94 -1.55 15.58 0.92
CA ASP A 94 -2.73 15.67 1.79
C ASP A 94 -4.04 15.78 0.98
N LEU A 95 -4.15 14.83 0.06
CA LEU A 95 -5.13 14.50 -0.96
C LEU A 95 -6.04 13.33 -0.53
N ILE A 96 -5.56 12.50 0.41
CA ILE A 96 -6.33 11.43 1.06
C ILE A 96 -7.48 12.00 1.91
N ASP A 97 -8.56 11.23 2.08
CA ASP A 97 -9.62 11.49 3.06
C ASP A 97 -9.06 11.43 4.50
N ARG A 98 -9.52 12.36 5.34
CA ARG A 98 -9.06 12.63 6.72
C ARG A 98 -9.35 11.49 7.70
N SER A 99 -10.25 10.58 7.33
CA SER A 99 -10.59 9.32 8.02
C SER A 99 -9.69 8.13 7.63
N ALA A 100 -8.76 8.29 6.69
CA ALA A 100 -7.81 7.26 6.27
C ALA A 100 -6.60 7.26 7.21
N TYR A 101 -6.25 8.45 7.66
CA TYR A 101 -5.25 8.69 8.68
C TYR A 101 -5.62 8.06 10.06
N MET A 21 -11.79 3.23 -10.60
CA MET A 21 -11.35 4.63 -10.26
C MET A 21 -10.03 4.59 -9.49
N PRO A 22 -8.99 5.37 -9.89
CA PRO A 22 -7.69 5.44 -9.20
C PRO A 22 -7.74 5.70 -7.69
N LYS A 23 -8.79 6.37 -7.20
CA LYS A 23 -9.09 6.58 -5.77
C LYS A 23 -9.23 5.32 -4.95
N SER A 24 -9.36 4.15 -5.58
CA SER A 24 -9.26 2.88 -4.85
C SER A 24 -7.85 2.54 -4.33
N LEU A 25 -6.87 3.40 -4.58
CA LEU A 25 -5.52 3.35 -4.02
C LEU A 25 -5.34 4.39 -2.90
N THR A 26 -6.33 5.24 -2.63
CA THR A 26 -6.25 6.41 -1.74
C THR A 26 -7.56 6.64 -0.93
N ASP A 27 -8.39 5.61 -0.76
CA ASP A 27 -9.67 5.60 -0.02
C ASP A 27 -9.49 4.99 1.37
N PRO A 28 -10.00 5.61 2.46
CA PRO A 28 -10.05 5.04 3.81
C PRO A 28 -10.51 3.57 3.84
N LYS A 29 -11.55 3.27 3.06
CA LYS A 29 -12.19 1.96 2.86
C LYS A 29 -11.22 0.88 2.36
N LEU A 30 -10.19 1.25 1.59
CA LEU A 30 -9.17 0.34 1.05
C LEU A 30 -7.91 0.41 1.90
N LEU A 31 -7.49 1.60 2.31
CA LEU A 31 -6.24 1.88 3.02
C LEU A 31 -6.13 1.16 4.38
N LYS A 32 -7.26 0.66 4.87
CA LYS A 32 -7.43 -0.03 6.17
C LYS A 32 -7.75 -1.51 5.97
N ASN A 33 -7.82 -1.92 4.71
CA ASN A 33 -8.00 -3.26 4.19
C ASN A 33 -6.94 -3.51 3.12
N ILE A 34 -5.71 -3.69 3.56
CA ILE A 34 -4.58 -4.10 2.73
C ILE A 34 -4.89 -5.20 1.68
N PRO A 35 -5.74 -6.24 1.90
CA PRO A 35 -6.03 -7.25 0.86
C PRO A 35 -6.73 -6.65 -0.37
N MET A 36 -7.82 -5.91 -0.16
CA MET A 36 -8.59 -5.24 -1.23
C MET A 36 -7.85 -4.00 -1.77
N TRP A 37 -6.94 -3.39 -0.99
CA TRP A 37 -6.06 -2.35 -1.52
C TRP A 37 -5.02 -2.90 -2.51
N LEU A 38 -4.31 -3.97 -2.13
CA LEU A 38 -3.40 -4.76 -2.99
C LEU A 38 -4.10 -5.38 -4.21
N LYS A 39 -5.43 -5.57 -4.16
CA LYS A 39 -6.24 -6.07 -5.28
C LYS A 39 -6.34 -5.11 -6.43
N SER A 40 -6.27 -3.82 -6.14
CA SER A 40 -6.12 -2.80 -7.17
C SER A 40 -4.84 -3.02 -8.02
N LEU A 41 -3.80 -3.64 -7.45
CA LEU A 41 -2.53 -3.99 -8.13
C LEU A 41 -2.58 -5.35 -8.87
N ARG A 42 -3.68 -6.11 -8.72
CA ARG A 42 -3.86 -7.52 -9.12
C ARG A 42 -2.95 -8.49 -8.34
N LEU A 43 -2.38 -8.03 -7.23
CA LEU A 43 -1.61 -8.81 -6.26
C LEU A 43 -2.52 -9.48 -5.22
N HIS A 44 -3.09 -8.70 -4.28
CA HIS A 44 -4.00 -9.17 -3.21
C HIS A 44 -3.60 -10.45 -2.45
N LYS A 45 -2.28 -10.65 -2.24
CA LYS A 45 -1.67 -11.81 -1.57
C LYS A 45 -0.79 -11.50 -0.38
N TYR A 46 0.00 -10.41 -0.43
CA TYR A 46 1.03 -10.15 0.58
C TYR A 46 0.44 -9.67 1.91
N SER A 47 -0.85 -9.34 1.92
CA SER A 47 -1.76 -9.10 3.04
C SER A 47 -1.73 -10.21 4.10
N ASP A 48 -1.34 -11.42 3.72
CA ASP A 48 -1.06 -12.54 4.62
C ASP A 48 -0.11 -12.17 5.77
N ALA A 49 0.77 -11.19 5.51
CA ALA A 49 1.73 -10.62 6.44
C ALA A 49 1.58 -9.10 6.63
N LEU A 50 1.14 -8.39 5.58
CA LEU A 50 1.17 -6.94 5.45
C LEU A 50 -0.05 -6.18 5.94
N SER A 51 -1.18 -6.85 6.05
CA SER A 51 -2.39 -6.34 6.71
C SER A 51 -2.18 -6.01 8.20
N GLY A 52 -1.12 -6.53 8.83
CA GLY A 52 -0.66 -6.13 10.16
C GLY A 52 0.08 -4.78 10.20
N THR A 53 0.37 -4.18 9.04
CA THR A 53 0.99 -2.86 8.87
C THR A 53 -0.01 -1.89 8.19
N PRO A 54 -0.57 -0.89 8.91
CA PRO A 54 -1.50 0.08 8.32
C PRO A 54 -0.80 0.89 7.24
N TRP A 55 -1.55 1.35 6.22
CA TRP A 55 -1.02 2.07 5.05
C TRP A 55 -0.07 3.22 5.38
N ILE A 56 -0.22 3.81 6.56
CA ILE A 56 0.51 5.00 6.98
C ILE A 56 1.88 4.62 7.58
N GLU A 57 1.99 3.43 8.18
CA GLU A 57 3.29 2.84 8.53
C GLU A 57 3.87 2.03 7.35
N LEU A 58 3.01 1.69 6.38
CA LEU A 58 3.26 0.81 5.25
C LEU A 58 3.95 1.46 4.08
N ILE A 59 3.40 2.56 3.59
CA ILE A 59 3.85 3.14 2.33
C ILE A 59 5.32 3.59 2.42
N TYR A 60 5.78 3.71 3.67
CA TYR A 60 7.11 4.06 4.13
C TYR A 60 8.15 2.93 3.97
N LEU A 61 7.69 1.71 3.67
CA LEU A 61 8.57 0.62 3.26
C LEU A 61 9.17 0.91 1.88
N ASP A 62 10.00 -0.02 1.41
CA ASP A 62 10.87 0.21 0.25
C ASP A 62 11.34 -1.10 -0.38
N ASP A 63 12.19 -0.99 -1.39
CA ASP A 63 12.95 -2.09 -1.93
C ASP A 63 13.77 -2.80 -0.84
N GLU A 64 13.71 -4.12 -0.92
CA GLU A 64 14.25 -5.13 -0.03
C GLU A 64 13.97 -4.89 1.46
N THR A 65 12.81 -4.30 1.69
CA THR A 65 12.16 -4.14 3.00
C THR A 65 10.76 -4.74 3.03
N LEU A 66 9.98 -4.59 1.98
CA LEU A 66 8.75 -5.35 1.77
C LEU A 66 9.01 -6.87 1.79
N GLU A 67 10.16 -7.27 1.28
CA GLU A 67 10.78 -8.59 1.35
C GLU A 67 11.23 -9.00 2.76
N LYS A 68 11.23 -8.09 3.74
CA LYS A 68 11.43 -8.33 5.15
C LYS A 68 10.08 -8.46 5.89
N LYS A 69 8.98 -8.08 5.22
CA LYS A 69 7.58 -8.30 5.59
C LYS A 69 7.00 -9.61 4.99
N GLY A 70 7.37 -10.01 3.76
CA GLY A 70 6.99 -11.24 3.08
C GLY A 70 6.45 -11.05 1.67
N VAL A 71 6.66 -9.86 1.09
CA VAL A 71 6.45 -9.60 -0.33
C VAL A 71 7.32 -10.51 -1.20
N LEU A 72 8.49 -10.79 -0.68
CA LEU A 72 9.45 -11.81 -1.04
C LEU A 72 9.92 -11.88 -2.52
N ALA A 73 9.71 -10.82 -3.31
CA ALA A 73 10.02 -10.75 -4.75
C ALA A 73 10.21 -9.31 -5.16
N LEU A 74 11.24 -9.03 -5.95
CA LEU A 74 11.50 -7.73 -6.56
C LEU A 74 10.31 -7.19 -7.34
N GLY A 75 9.73 -7.99 -8.23
CA GLY A 75 8.65 -7.46 -9.05
C GLY A 75 7.33 -7.29 -8.30
N ALA A 76 7.24 -7.89 -7.11
CA ALA A 76 6.15 -7.65 -6.16
C ALA A 76 6.39 -6.37 -5.36
N ARG A 77 7.55 -6.26 -4.70
CA ARG A 77 7.93 -5.09 -3.89
C ARG A 77 7.98 -3.79 -4.73
N ARG A 78 8.28 -3.85 -6.03
CA ARG A 78 8.40 -2.74 -6.99
C ARG A 78 7.03 -2.31 -7.49
N LYS A 79 6.13 -3.28 -7.70
CA LYS A 79 4.69 -3.01 -7.87
C LYS A 79 4.17 -2.23 -6.68
N LEU A 80 4.67 -2.57 -5.50
CA LEU A 80 4.22 -1.90 -4.31
C LEU A 80 4.80 -0.49 -4.20
N LEU A 81 6.01 -0.24 -4.73
CA LEU A 81 6.65 1.06 -4.73
C LEU A 81 5.86 2.03 -5.59
N LYS A 82 5.23 1.52 -6.66
CA LYS A 82 4.23 2.25 -7.45
C LYS A 82 3.06 2.65 -6.53
N ALA A 83 2.39 1.64 -5.98
CA ALA A 83 1.19 1.75 -5.17
C ALA A 83 1.39 2.78 -4.04
N PHE A 84 2.49 2.59 -3.31
CA PHE A 84 3.00 3.44 -2.27
C PHE A 84 3.21 4.84 -2.78
N GLY A 85 4.14 5.11 -3.70
CA GLY A 85 4.42 6.49 -3.97
C GLY A 85 3.35 7.29 -4.71
N ILE A 86 2.32 6.65 -5.28
CA ILE A 86 1.13 7.38 -5.69
C ILE A 86 0.44 7.84 -4.41
N VAL A 87 0.13 6.98 -3.45
CA VAL A 87 -0.54 7.41 -2.21
C VAL A 87 0.36 8.33 -1.39
N ILE A 88 1.69 8.19 -1.48
CA ILE A 88 2.66 9.16 -0.95
C ILE A 88 2.47 10.55 -1.53
N ASP A 89 2.21 10.67 -2.83
CA ASP A 89 2.01 11.92 -3.58
C ASP A 89 0.70 12.61 -3.37
N TYR A 90 0.10 12.14 -2.31
CA TYR A 90 -1.25 12.31 -1.95
C TYR A 90 -1.36 12.38 -0.42
N LYS A 91 -0.44 11.76 0.33
CA LYS A 91 -0.41 11.77 1.79
C LYS A 91 0.59 12.80 2.27
N GLU A 92 1.78 12.79 1.66
CA GLU A 92 2.78 13.85 1.78
C GLU A 92 2.24 15.17 1.17
N ARG A 93 1.10 15.10 0.47
CA ARG A 93 0.42 16.26 -0.19
C ARG A 93 -0.86 16.68 0.52
N ASP A 94 -1.70 15.68 0.83
CA ASP A 94 -2.90 15.72 1.67
C ASP A 94 -4.20 15.79 0.84
N LEU A 95 -4.27 14.79 -0.05
CA LEU A 95 -5.20 14.44 -1.11
C LEU A 95 -6.14 13.29 -0.70
N ILE A 96 -5.68 12.45 0.25
CA ILE A 96 -6.48 11.43 0.94
C ILE A 96 -7.60 12.06 1.78
N ASP A 97 -8.70 11.33 1.99
CA ASP A 97 -9.71 11.71 2.98
C ASP A 97 -9.14 11.59 4.42
N ARG A 98 -9.57 12.50 5.29
CA ARG A 98 -9.10 12.73 6.66
C ARG A 98 -9.44 11.58 7.62
N SER A 99 -10.36 10.71 7.21
CA SER A 99 -10.74 9.44 7.86
C SER A 99 -9.86 8.24 7.47
N ALA A 100 -8.89 8.41 6.56
CA ALA A 100 -7.94 7.35 6.18
C ALA A 100 -6.77 7.34 7.15
N TYR A 101 -6.39 8.52 7.59
CA TYR A 101 -5.42 8.75 8.64
C TYR A 101 -5.83 8.14 10.00
N MET A 21 -7.72 3.13 -10.30
CA MET A 21 -6.70 3.18 -9.21
C MET A 21 -6.83 4.45 -8.34
N PRO A 22 -6.82 5.70 -8.87
CA PRO A 22 -7.18 6.89 -8.09
C PRO A 22 -8.55 6.75 -7.41
N LYS A 23 -8.70 7.39 -6.24
CA LYS A 23 -9.84 7.25 -5.30
C LYS A 23 -10.31 5.80 -5.07
N SER A 24 -9.30 4.94 -4.90
CA SER A 24 -9.36 3.55 -4.40
C SER A 24 -8.09 3.28 -3.59
N LEU A 25 -6.92 3.43 -4.23
CA LEU A 25 -5.59 3.38 -3.63
C LEU A 25 -5.34 4.52 -2.59
N THR A 26 -6.33 5.40 -2.41
CA THR A 26 -6.29 6.66 -1.66
C THR A 26 -7.59 6.88 -0.86
N ASP A 27 -8.22 5.80 -0.41
CA ASP A 27 -9.52 5.73 0.29
C ASP A 27 -9.43 5.01 1.65
N PRO A 28 -9.94 5.58 2.77
CA PRO A 28 -9.97 4.95 4.10
C PRO A 28 -10.42 3.47 4.08
N LYS A 29 -11.48 3.19 3.30
CA LYS A 29 -12.09 1.89 3.02
C LYS A 29 -11.08 0.82 2.57
N LEU A 30 -10.14 1.20 1.70
CA LEU A 30 -9.08 0.33 1.17
C LEU A 30 -7.83 0.43 2.06
N LEU A 31 -7.45 1.63 2.50
CA LEU A 31 -6.19 1.91 3.18
C LEU A 31 -6.05 1.19 4.53
N LYS A 32 -7.17 0.70 5.06
CA LYS A 32 -7.28 -0.01 6.32
C LYS A 32 -7.66 -1.50 6.09
N ASN A 33 -7.73 -1.88 4.82
CA ASN A 33 -7.87 -3.21 4.25
C ASN A 33 -6.77 -3.43 3.21
N ILE A 34 -5.56 -3.69 3.69
CA ILE A 34 -4.45 -4.16 2.88
C ILE A 34 -4.83 -5.18 1.78
N PRO A 35 -5.71 -6.19 1.96
CA PRO A 35 -6.03 -7.16 0.90
C PRO A 35 -6.67 -6.50 -0.33
N MET A 36 -7.78 -5.76 -0.16
CA MET A 36 -8.46 -5.05 -1.24
C MET A 36 -7.68 -3.81 -1.71
N TRP A 37 -6.77 -3.25 -0.90
CA TRP A 37 -5.87 -2.20 -1.38
C TRP A 37 -4.82 -2.73 -2.37
N LEU A 38 -4.14 -3.82 -2.02
CA LEU A 38 -3.26 -4.62 -2.89
C LEU A 38 -3.98 -5.18 -4.13
N LYS A 39 -5.31 -5.29 -4.10
CA LYS A 39 -6.12 -5.74 -5.24
C LYS A 39 -6.15 -4.76 -6.40
N SER A 40 -5.99 -3.46 -6.12
CA SER A 40 -5.77 -2.48 -7.18
C SER A 40 -4.50 -2.77 -8.00
N LEU A 41 -3.50 -3.47 -7.41
CA LEU A 41 -2.25 -3.89 -8.03
C LEU A 41 -2.38 -5.24 -8.77
N ARG A 42 -3.55 -5.89 -8.68
CA ARG A 42 -3.83 -7.27 -9.10
C ARG A 42 -3.01 -8.33 -8.32
N LEU A 43 -2.41 -7.92 -7.19
CA LEU A 43 -1.66 -8.78 -6.26
C LEU A 43 -2.58 -9.38 -5.20
N HIS A 44 -3.10 -8.54 -4.27
CA HIS A 44 -4.02 -8.93 -3.19
C HIS A 44 -3.70 -10.21 -2.39
N LYS A 45 -2.40 -10.54 -2.26
CA LYS A 45 -1.92 -11.80 -1.67
C LYS A 45 -0.80 -11.70 -0.63
N TYR A 46 -0.24 -10.51 -0.40
CA TYR A 46 0.79 -10.26 0.63
C TYR A 46 0.21 -9.92 2.01
N SER A 47 -1.09 -9.61 2.06
CA SER A 47 -1.89 -9.31 3.25
C SER A 47 -1.76 -10.38 4.34
N ASP A 48 -1.55 -11.63 3.93
CA ASP A 48 -1.31 -12.79 4.80
C ASP A 48 -0.14 -12.60 5.77
N ALA A 49 0.82 -11.75 5.39
CA ALA A 49 2.03 -11.40 6.13
C ALA A 49 2.18 -9.88 6.41
N LEU A 50 1.34 -9.05 5.78
CA LEU A 50 1.46 -7.60 5.67
C LEU A 50 0.25 -6.79 6.19
N SER A 51 -0.93 -7.38 6.38
CA SER A 51 -2.11 -6.69 6.94
C SER A 51 -1.91 -6.16 8.36
N GLY A 52 -0.91 -6.67 9.09
CA GLY A 52 -0.45 -6.10 10.36
C GLY A 52 0.26 -4.74 10.23
N THR A 53 0.56 -4.29 8.99
CA THR A 53 1.18 -2.99 8.68
C THR A 53 0.17 -2.03 8.04
N PRO A 54 -0.37 -1.01 8.76
CA PRO A 54 -1.32 -0.05 8.20
C PRO A 54 -0.67 0.80 7.12
N TRP A 55 -1.46 1.31 6.17
CA TRP A 55 -0.97 2.13 5.05
C TRP A 55 -0.04 3.28 5.47
N ILE A 56 -0.27 3.88 6.64
CA ILE A 56 0.55 5.01 7.09
C ILE A 56 1.92 4.61 7.65
N GLU A 57 2.13 3.33 7.99
CA GLU A 57 3.46 2.77 8.33
C GLU A 57 4.04 1.91 7.18
N LEU A 58 3.16 1.50 6.27
CA LEU A 58 3.33 0.68 5.07
C LEU A 58 4.03 1.43 3.97
N ILE A 59 3.46 2.57 3.54
CA ILE A 59 3.95 3.21 2.33
C ILE A 59 5.40 3.69 2.47
N TYR A 60 5.80 3.95 3.73
CA TYR A 60 7.13 4.31 4.21
C TYR A 60 8.18 3.19 4.11
N LEU A 61 7.80 1.95 3.79
CA LEU A 61 8.78 0.89 3.50
C LEU A 61 9.49 1.16 2.16
N ASP A 62 10.31 0.21 1.74
CA ASP A 62 11.19 0.30 0.58
C ASP A 62 11.27 -1.05 -0.15
N ASP A 63 12.07 -1.09 -1.20
CA ASP A 63 12.37 -2.25 -2.03
C ASP A 63 12.59 -3.54 -1.23
N GLU A 64 13.71 -3.67 -0.51
CA GLU A 64 14.03 -4.88 0.21
C GLU A 64 13.30 -5.04 1.55
N THR A 65 12.67 -3.98 2.08
CA THR A 65 11.97 -4.12 3.39
C THR A 65 10.59 -4.73 3.29
N LEU A 66 9.89 -4.52 2.19
CA LEU A 66 8.69 -5.29 1.85
C LEU A 66 8.99 -6.80 1.85
N GLU A 67 10.24 -7.12 1.54
CA GLU A 67 10.81 -8.43 1.45
C GLU A 67 11.45 -8.92 2.77
N LYS A 68 11.33 -8.14 3.84
CA LYS A 68 11.53 -8.60 5.20
C LYS A 68 10.17 -8.88 5.87
N LYS A 69 9.07 -8.54 5.18
CA LYS A 69 7.69 -8.67 5.62
C LYS A 69 6.89 -9.77 4.94
N GLY A 70 7.10 -9.99 3.66
CA GLY A 70 6.55 -11.16 2.96
C GLY A 70 6.16 -11.01 1.52
N VAL A 71 6.43 -9.83 0.99
CA VAL A 71 6.24 -9.46 -0.40
C VAL A 71 7.12 -10.33 -1.30
N LEU A 72 8.27 -10.63 -0.71
CA LEU A 72 9.29 -11.63 -0.93
C LEU A 72 9.76 -11.85 -2.39
N ALA A 73 9.69 -10.79 -3.17
CA ALA A 73 9.86 -10.77 -4.61
C ALA A 73 9.95 -9.35 -5.16
N LEU A 74 10.89 -9.11 -6.07
CA LEU A 74 11.07 -7.84 -6.79
C LEU A 74 9.80 -7.40 -7.49
N GLY A 75 9.21 -8.25 -8.33
CA GLY A 75 8.01 -7.84 -9.06
C GLY A 75 6.70 -7.96 -8.30
N ALA A 76 6.83 -7.81 -6.99
CA ALA A 76 5.77 -7.60 -6.02
C ALA A 76 6.09 -6.34 -5.22
N ARG A 77 7.27 -6.29 -4.60
CA ARG A 77 7.79 -5.12 -3.87
C ARG A 77 7.94 -3.85 -4.72
N ARG A 78 8.15 -3.93 -6.04
CA ARG A 78 8.42 -2.81 -6.97
C ARG A 78 7.08 -2.28 -7.48
N LYS A 79 6.18 -3.23 -7.73
CA LYS A 79 4.77 -2.99 -7.95
C LYS A 79 4.12 -2.31 -6.73
N LEU A 80 4.64 -2.58 -5.55
CA LEU A 80 4.29 -1.85 -4.36
C LEU A 80 4.95 -0.48 -4.28
N LEU A 81 6.17 -0.27 -4.79
CA LEU A 81 6.83 1.02 -4.83
C LEU A 81 6.04 1.99 -5.71
N LYS A 82 5.42 1.46 -6.78
CA LYS A 82 4.40 2.17 -7.56
C LYS A 82 3.28 2.62 -6.64
N ALA A 83 2.59 1.63 -6.05
CA ALA A 83 1.42 1.81 -5.21
C ALA A 83 1.67 2.88 -4.13
N PHE A 84 2.80 2.73 -3.44
CA PHE A 84 3.27 3.59 -2.38
C PHE A 84 3.39 4.99 -2.89
N GLY A 85 4.25 5.30 -3.86
CA GLY A 85 4.42 6.69 -4.21
C GLY A 85 3.30 7.37 -4.99
N ILE A 86 2.27 6.65 -5.43
CA ILE A 86 1.02 7.31 -5.84
C ILE A 86 0.39 7.83 -4.54
N VAL A 87 0.11 6.98 -3.53
CA VAL A 87 -0.57 7.42 -2.31
C VAL A 87 0.32 8.35 -1.50
N ILE A 88 1.65 8.21 -1.56
CA ILE A 88 2.59 9.20 -1.02
C ILE A 88 2.38 10.59 -1.62
N ASP A 89 2.11 10.68 -2.92
CA ASP A 89 1.89 11.94 -3.66
C ASP A 89 0.56 12.60 -3.47
N TYR A 90 -0.04 12.14 -2.40
CA TYR A 90 -1.40 12.30 -2.07
C TYR A 90 -1.53 12.34 -0.55
N LYS A 91 -0.62 11.72 0.21
CA LYS A 91 -0.60 11.71 1.67
C LYS A 91 0.36 12.77 2.17
N GLU A 92 1.55 12.81 1.58
CA GLU A 92 2.52 13.89 1.73
C GLU A 92 1.95 15.20 1.11
N ARG A 93 0.78 15.12 0.42
CA ARG A 93 0.09 16.25 -0.26
C ARG A 93 -1.22 16.64 0.40
N ASP A 94 -2.05 15.66 0.74
CA ASP A 94 -3.29 15.72 1.55
C ASP A 94 -4.56 15.68 0.66
N LEU A 95 -4.54 14.67 -0.19
CA LEU A 95 -5.44 14.24 -1.27
C LEU A 95 -6.28 13.04 -0.82
N ILE A 96 -5.79 12.28 0.17
CA ILE A 96 -6.55 11.25 0.90
C ILE A 96 -7.62 11.92 1.77
N ASP A 97 -8.71 11.21 2.06
CA ASP A 97 -9.68 11.62 3.09
C ASP A 97 -9.05 11.49 4.49
N ARG A 98 -9.30 12.49 5.35
CA ARG A 98 -8.80 12.64 6.72
C ARG A 98 -9.19 11.49 7.66
N SER A 99 -10.20 10.71 7.29
CA SER A 99 -10.62 9.46 7.94
C SER A 99 -9.72 8.24 7.64
N ALA A 100 -8.73 8.37 6.75
CA ALA A 100 -7.80 7.31 6.37
C ALA A 100 -6.60 7.31 7.32
N TYR A 101 -6.24 8.51 7.75
CA TYR A 101 -5.22 8.76 8.76
C TYR A 101 -5.59 8.18 10.14
N MET A 21 -8.66 3.34 -11.69
CA MET A 21 -9.13 4.61 -11.08
C MET A 21 -8.31 4.89 -9.81
N PRO A 22 -7.55 6.01 -9.74
CA PRO A 22 -6.55 6.24 -8.69
C PRO A 22 -7.11 6.45 -7.27
N LYS A 23 -8.37 6.87 -7.12
CA LYS A 23 -9.05 6.94 -5.80
C LYS A 23 -9.23 5.57 -5.16
N SER A 24 -9.28 4.51 -5.96
CA SER A 24 -9.24 3.14 -5.47
C SER A 24 -7.81 2.64 -5.15
N LEU A 25 -6.90 3.55 -4.80
CA LEU A 25 -5.56 3.34 -4.25
C LEU A 25 -5.30 4.32 -3.09
N THR A 26 -6.31 5.13 -2.71
CA THR A 26 -6.24 6.17 -1.68
C THR A 26 -7.53 6.24 -0.84
N ASP A 27 -8.35 5.17 -0.86
CA ASP A 27 -9.63 5.08 -0.15
C ASP A 27 -9.39 4.65 1.31
N PRO A 28 -9.96 5.31 2.32
CA PRO A 28 -9.84 4.95 3.75
C PRO A 28 -10.09 3.47 4.02
N LYS A 29 -11.15 2.93 3.41
CA LYS A 29 -11.58 1.53 3.54
C LYS A 29 -10.56 0.55 2.95
N LEU A 30 -9.91 0.91 1.84
CA LEU A 30 -8.82 0.18 1.20
C LEU A 30 -7.54 0.32 2.01
N LEU A 31 -7.16 1.53 2.38
CA LEU A 31 -5.92 1.85 3.09
C LEU A 31 -5.80 1.16 4.45
N LYS A 32 -6.91 0.61 4.95
CA LYS A 32 -7.04 -0.11 6.21
C LYS A 32 -7.42 -1.59 6.00
N ASN A 33 -7.75 -1.94 4.75
CA ASN A 33 -7.93 -3.27 4.20
C ASN A 33 -6.87 -3.47 3.11
N ILE A 34 -5.64 -3.64 3.57
CA ILE A 34 -4.52 -4.02 2.74
C ILE A 34 -4.84 -5.10 1.67
N PRO A 35 -5.68 -6.16 1.88
CA PRO A 35 -5.98 -7.14 0.82
C PRO A 35 -6.67 -6.50 -0.40
N MET A 36 -7.77 -5.77 -0.20
CA MET A 36 -8.53 -5.12 -1.28
C MET A 36 -7.87 -3.83 -1.77
N TRP A 37 -6.91 -3.27 -1.02
CA TRP A 37 -6.06 -2.19 -1.54
C TRP A 37 -5.01 -2.72 -2.53
N LEU A 38 -4.28 -3.79 -2.15
CA LEU A 38 -3.37 -4.57 -3.01
C LEU A 38 -4.06 -5.18 -4.23
N LYS A 39 -5.38 -5.34 -4.19
CA LYS A 39 -6.19 -5.80 -5.32
C LYS A 39 -6.25 -4.83 -6.49
N SER A 40 -6.10 -3.54 -6.21
CA SER A 40 -5.91 -2.55 -7.27
C SER A 40 -4.63 -2.84 -8.10
N LEU A 41 -3.61 -3.49 -7.50
CA LEU A 41 -2.36 -3.91 -8.14
C LEU A 41 -2.49 -5.27 -8.86
N ARG A 42 -3.66 -5.93 -8.78
CA ARG A 42 -3.93 -7.32 -9.18
C ARG A 42 -3.09 -8.36 -8.39
N LEU A 43 -2.48 -7.93 -7.27
CA LEU A 43 -1.72 -8.76 -6.34
C LEU A 43 -2.62 -9.37 -5.26
N HIS A 44 -3.13 -8.54 -4.34
CA HIS A 44 -4.05 -8.93 -3.24
C HIS A 44 -3.69 -10.19 -2.44
N LYS A 45 -2.38 -10.49 -2.29
CA LYS A 45 -1.86 -11.74 -1.70
C LYS A 45 -0.72 -11.60 -0.68
N TYR A 46 -0.15 -10.40 -0.51
CA TYR A 46 0.89 -10.13 0.52
C TYR A 46 0.33 -9.75 1.88
N SER A 47 -0.97 -9.44 1.93
CA SER A 47 -1.77 -9.09 3.10
C SER A 47 -1.70 -10.13 4.22
N ASP A 48 -1.40 -11.38 3.86
CA ASP A 48 -1.11 -12.48 4.77
C ASP A 48 -0.06 -12.13 5.84
N ALA A 49 0.88 -11.25 5.49
CA ALA A 49 1.95 -10.73 6.34
C ALA A 49 1.93 -9.19 6.49
N LEU A 50 1.21 -8.46 5.63
CA LEU A 50 1.24 -7.00 5.50
C LEU A 50 0.03 -6.26 6.07
N SER A 51 -1.13 -6.90 6.16
CA SER A 51 -2.34 -6.32 6.79
C SER A 51 -2.18 -6.00 8.28
N GLY A 52 -1.19 -6.62 8.96
CA GLY A 52 -0.76 -6.26 10.32
C GLY A 52 -0.04 -4.90 10.41
N THR A 53 0.28 -4.27 9.27
CA THR A 53 0.90 -2.94 9.17
C THR A 53 -0.04 -1.99 8.40
N PRO A 54 -0.62 -0.95 9.06
CA PRO A 54 -1.50 0.02 8.38
C PRO A 54 -0.74 0.79 7.31
N TRP A 55 -1.45 1.36 6.33
CA TRP A 55 -0.82 2.15 5.26
C TRP A 55 0.08 3.27 5.75
N ILE A 56 -0.29 3.95 6.83
CA ILE A 56 0.52 5.06 7.33
C ILE A 56 1.85 4.57 7.93
N GLU A 57 1.96 3.27 8.27
CA GLU A 57 3.24 2.63 8.59
C GLU A 57 3.83 1.89 7.37
N LEU A 58 3.00 1.52 6.38
CA LEU A 58 3.41 0.62 5.29
C LEU A 58 3.86 1.29 3.99
N ILE A 59 3.32 2.45 3.60
CA ILE A 59 3.77 3.15 2.39
C ILE A 59 5.24 3.59 2.50
N TYR A 60 5.70 3.79 3.73
CA TYR A 60 7.06 4.11 4.15
C TYR A 60 8.08 2.98 3.96
N LEU A 61 7.65 1.76 3.64
CA LEU A 61 8.58 0.68 3.27
C LEU A 61 9.19 0.94 1.88
N ASP A 62 10.02 0.01 1.43
CA ASP A 62 10.91 0.19 0.29
C ASP A 62 11.36 -1.14 -0.32
N ASP A 63 12.20 -1.05 -1.34
CA ASP A 63 12.95 -2.17 -1.88
C ASP A 63 13.80 -2.87 -0.80
N GLU A 64 13.73 -4.18 -0.85
CA GLU A 64 14.26 -5.20 0.04
C GLU A 64 13.96 -4.98 1.53
N THR A 65 12.84 -4.32 1.76
CA THR A 65 12.20 -4.18 3.08
C THR A 65 10.79 -4.74 3.09
N LEU A 66 10.01 -4.53 2.03
CA LEU A 66 8.76 -5.25 1.82
C LEU A 66 8.98 -6.76 1.81
N GLU A 67 10.17 -7.17 1.42
CA GLU A 67 10.67 -8.52 1.42
C GLU A 67 11.01 -9.04 2.84
N LYS A 68 11.28 -8.14 3.78
CA LYS A 68 11.41 -8.43 5.21
C LYS A 68 10.04 -8.55 5.89
N LYS A 69 8.98 -8.01 5.27
CA LYS A 69 7.56 -8.22 5.61
C LYS A 69 7.11 -9.58 5.04
N GLY A 70 7.37 -9.78 3.76
CA GLY A 70 7.35 -11.03 3.06
C GLY A 70 6.63 -11.03 1.73
N VAL A 71 6.85 -9.92 1.03
CA VAL A 71 6.54 -9.74 -0.36
C VAL A 71 7.41 -10.68 -1.21
N LEU A 72 8.67 -10.75 -0.80
CA LEU A 72 9.73 -11.68 -1.20
C LEU A 72 9.97 -11.88 -2.70
N ALA A 73 9.64 -10.83 -3.41
CA ALA A 73 9.59 -10.77 -4.87
C ALA A 73 9.83 -9.34 -5.33
N LEU A 74 10.89 -9.11 -6.10
CA LEU A 74 11.20 -7.83 -6.73
C LEU A 74 10.01 -7.25 -7.48
N GLY A 75 9.36 -8.05 -8.32
CA GLY A 75 8.24 -7.53 -9.10
C GLY A 75 6.91 -7.45 -8.37
N ALA A 76 6.91 -7.82 -7.09
CA ALA A 76 5.82 -7.55 -6.17
C ALA A 76 6.15 -6.27 -5.38
N ARG A 77 7.30 -6.25 -4.68
CA ARG A 77 7.79 -5.11 -3.90
C ARG A 77 7.88 -3.82 -4.72
N ARG A 78 8.19 -3.85 -6.02
CA ARG A 78 8.31 -2.72 -6.96
C ARG A 78 6.92 -2.25 -7.43
N LYS A 79 6.01 -3.21 -7.67
CA LYS A 79 4.58 -2.90 -7.82
C LYS A 79 4.06 -2.15 -6.62
N LEU A 80 4.58 -2.53 -5.45
CA LEU A 80 4.15 -1.90 -4.24
C LEU A 80 4.72 -0.48 -4.12
N LEU A 81 5.93 -0.24 -4.63
CA LEU A 81 6.60 1.05 -4.63
C LEU A 81 5.81 2.05 -5.49
N LYS A 82 5.19 1.56 -6.57
CA LYS A 82 4.19 2.29 -7.35
C LYS A 82 3.03 2.72 -6.45
N ALA A 83 2.35 1.70 -5.89
CA ALA A 83 1.15 1.80 -5.07
C ALA A 83 1.35 2.84 -3.94
N PHE A 84 2.45 2.63 -3.21
CA PHE A 84 2.95 3.49 -2.17
C PHE A 84 3.15 4.88 -2.69
N GLY A 85 4.07 5.15 -3.62
CA GLY A 85 4.33 6.54 -3.90
C GLY A 85 3.26 7.33 -4.63
N ILE A 86 2.23 6.68 -5.21
CA ILE A 86 1.02 7.41 -5.62
C ILE A 86 0.34 7.88 -4.34
N VAL A 87 0.07 7.03 -3.35
CA VAL A 87 -0.59 7.47 -2.12
C VAL A 87 0.32 8.40 -1.31
N ILE A 88 1.65 8.24 -1.37
CA ILE A 88 2.62 9.22 -0.88
C ILE A 88 2.40 10.59 -1.51
N ASP A 89 2.13 10.67 -2.81
CA ASP A 89 1.93 11.90 -3.58
C ASP A 89 0.60 12.57 -3.40
N TYR A 90 0.03 12.19 -2.29
CA TYR A 90 -1.32 12.38 -1.90
C TYR A 90 -1.38 12.51 -0.38
N LYS A 91 -0.50 11.81 0.34
CA LYS A 91 -0.41 11.81 1.80
C LYS A 91 0.56 12.89 2.22
N GLU A 92 1.75 12.88 1.61
CA GLU A 92 2.77 13.93 1.66
C GLU A 92 2.27 15.21 0.95
N ARG A 93 1.05 15.17 0.39
CA ARG A 93 0.35 16.35 -0.18
C ARG A 93 -0.81 16.79 0.69
N ASP A 94 -1.84 15.93 0.81
CA ASP A 94 -3.08 16.04 1.61
C ASP A 94 -4.34 15.92 0.73
N LEU A 95 -4.41 14.80 0.00
CA LEU A 95 -5.29 14.42 -1.11
C LEU A 95 -6.19 13.22 -0.74
N ILE A 96 -5.79 12.45 0.27
CA ILE A 96 -6.58 11.38 0.92
C ILE A 96 -7.86 11.95 1.59
N ASP A 97 -8.82 11.09 1.95
CA ASP A 97 -10.13 11.45 2.50
C ASP A 97 -10.16 11.94 3.97
N ARG A 98 -9.00 12.17 4.60
CA ARG A 98 -8.77 12.66 5.99
C ARG A 98 -9.18 11.66 7.09
N SER A 99 -10.12 10.78 6.78
CA SER A 99 -10.53 9.61 7.58
C SER A 99 -9.65 8.36 7.35
N ALA A 100 -8.63 8.42 6.50
CA ALA A 100 -7.72 7.29 6.26
C ALA A 100 -6.58 7.27 7.29
N TYR A 101 -6.15 8.46 7.67
CA TYR A 101 -5.18 8.76 8.70
C TYR A 101 -5.56 8.21 10.09
N MET A 21 -7.82 1.62 -9.03
CA MET A 21 -8.06 3.02 -9.45
C MET A 21 -7.33 3.96 -8.47
N PRO A 22 -6.69 5.07 -8.90
CA PRO A 22 -6.04 6.02 -7.99
C PRO A 22 -6.94 6.49 -6.83
N LYS A 23 -8.23 6.70 -7.08
CA LYS A 23 -9.29 6.94 -6.07
C LYS A 23 -9.33 5.86 -5.00
N SER A 24 -9.45 4.59 -5.39
CA SER A 24 -9.56 3.51 -4.41
C SER A 24 -8.23 3.20 -3.71
N LEU A 25 -7.10 3.35 -4.41
CA LEU A 25 -5.73 3.32 -3.92
C LEU A 25 -5.45 4.45 -2.89
N THR A 26 -6.39 5.36 -2.68
CA THR A 26 -6.33 6.49 -1.74
C THR A 26 -7.62 6.67 -0.92
N ASP A 27 -8.46 5.63 -0.81
CA ASP A 27 -9.72 5.63 -0.04
C ASP A 27 -9.54 4.99 1.36
N PRO A 28 -10.03 5.60 2.45
CA PRO A 28 -9.98 5.07 3.82
C PRO A 28 -10.38 3.59 3.93
N LYS A 29 -11.49 3.23 3.26
CA LYS A 29 -12.10 1.89 3.23
C LYS A 29 -11.24 0.82 2.55
N LEU A 30 -10.33 1.19 1.66
CA LEU A 30 -9.28 0.30 1.10
C LEU A 30 -8.02 0.40 1.94
N LEU A 31 -7.60 1.60 2.35
CA LEU A 31 -6.31 1.87 2.98
C LEU A 31 -6.13 1.14 4.33
N LYS A 32 -7.24 0.67 4.91
CA LYS A 32 -7.34 -0.02 6.18
C LYS A 32 -7.75 -1.50 6.00
N ASN A 33 -7.93 -1.87 4.73
CA ASN A 33 -8.09 -3.21 4.19
C ASN A 33 -7.01 -3.45 3.12
N ILE A 34 -5.79 -3.65 3.61
CA ILE A 34 -4.67 -4.08 2.80
C ILE A 34 -5.00 -5.17 1.74
N PRO A 35 -5.86 -6.20 1.96
CA PRO A 35 -6.16 -7.19 0.94
C PRO A 35 -6.83 -6.58 -0.31
N MET A 36 -7.93 -5.83 -0.13
CA MET A 36 -8.63 -5.15 -1.24
C MET A 36 -7.86 -3.92 -1.75
N TRP A 37 -6.98 -3.32 -0.96
CA TRP A 37 -6.09 -2.27 -1.46
C TRP A 37 -5.04 -2.82 -2.45
N LEU A 38 -4.33 -3.89 -2.06
CA LEU A 38 -3.44 -4.69 -2.93
C LEU A 38 -4.16 -5.30 -4.14
N LYS A 39 -5.49 -5.48 -4.09
CA LYS A 39 -6.30 -5.95 -5.22
C LYS A 39 -6.37 -4.96 -6.37
N SER A 40 -6.24 -3.68 -6.09
CA SER A 40 -6.07 -2.68 -7.16
C SER A 40 -4.78 -2.93 -7.98
N LEU A 41 -3.79 -3.63 -7.43
CA LEU A 41 -2.52 -4.00 -8.08
C LEU A 41 -2.61 -5.35 -8.82
N ARG A 42 -3.76 -6.04 -8.75
CA ARG A 42 -3.99 -7.44 -9.17
C ARG A 42 -3.14 -8.45 -8.37
N LEU A 43 -2.55 -8.02 -7.25
CA LEU A 43 -1.75 -8.82 -6.32
C LEU A 43 -2.64 -9.45 -5.23
N HIS A 44 -3.16 -8.63 -4.30
CA HIS A 44 -4.06 -9.04 -3.19
C HIS A 44 -3.66 -10.30 -2.38
N LYS A 45 -2.35 -10.58 -2.29
CA LYS A 45 -1.80 -11.84 -1.73
C LYS A 45 -0.66 -11.71 -0.72
N TYR A 46 -0.20 -10.48 -0.41
CA TYR A 46 0.83 -10.20 0.61
C TYR A 46 0.25 -9.86 1.99
N SER A 47 -1.06 -9.64 2.05
CA SER A 47 -1.83 -9.19 3.22
C SER A 47 -1.75 -10.13 4.42
N ASP A 48 -1.41 -11.40 4.20
CA ASP A 48 -1.24 -12.40 5.26
C ASP A 48 -0.18 -12.02 6.30
N ALA A 49 0.85 -11.29 5.86
CA ALA A 49 1.88 -10.67 6.69
C ALA A 49 1.72 -9.14 6.82
N LEU A 50 1.08 -8.48 5.84
CA LEU A 50 1.08 -7.02 5.69
C LEU A 50 -0.14 -6.27 6.17
N SER A 51 -1.30 -6.90 6.22
CA SER A 51 -2.55 -6.33 6.76
C SER A 51 -2.46 -6.00 8.26
N GLY A 52 -1.52 -6.64 8.95
CA GLY A 52 -1.12 -6.31 10.32
C GLY A 52 -0.34 -4.99 10.45
N THR A 53 0.01 -4.35 9.33
CA THR A 53 0.71 -3.06 9.22
C THR A 53 -0.13 -2.09 8.38
N PRO A 54 -0.73 -1.03 8.97
CA PRO A 54 -1.60 -0.11 8.24
C PRO A 54 -0.83 0.62 7.13
N TRP A 55 -1.53 1.15 6.13
CA TRP A 55 -0.91 1.91 5.02
C TRP A 55 0.01 3.03 5.47
N ILE A 56 -0.33 3.72 6.55
CA ILE A 56 0.48 4.83 7.04
C ILE A 56 1.80 4.36 7.67
N GLU A 57 1.89 3.07 8.05
CA GLU A 57 3.16 2.43 8.39
C GLU A 57 3.75 1.65 7.21
N LEU A 58 2.92 1.25 6.23
CA LEU A 58 3.32 0.33 5.17
C LEU A 58 3.86 0.96 3.89
N ILE A 59 3.36 2.12 3.44
CA ILE A 59 3.90 2.82 2.27
C ILE A 59 5.36 3.25 2.48
N TYR A 60 5.74 3.44 3.74
CA TYR A 60 7.07 3.79 4.22
C TYR A 60 8.12 2.67 4.11
N LEU A 61 7.70 1.42 3.92
CA LEU A 61 8.62 0.26 3.86
C LEU A 61 9.56 0.40 2.65
N ASP A 62 8.95 0.33 1.47
CA ASP A 62 9.56 0.36 0.14
C ASP A 62 10.50 -0.84 -0.13
N ASP A 63 11.29 -0.73 -1.20
CA ASP A 63 12.09 -1.74 -1.91
C ASP A 63 12.38 -3.07 -1.16
N GLU A 64 13.58 -3.27 -0.62
CA GLU A 64 13.96 -4.51 0.04
C GLU A 64 13.29 -4.69 1.41
N THR A 65 12.61 -3.67 1.93
CA THR A 65 12.01 -3.77 3.27
C THR A 65 10.63 -4.41 3.29
N LEU A 66 9.86 -4.29 2.22
CA LEU A 66 8.67 -5.09 1.96
C LEU A 66 9.01 -6.59 1.97
N GLU A 67 10.23 -6.88 1.54
CA GLU A 67 10.85 -8.17 1.47
C GLU A 67 11.49 -8.60 2.81
N LYS A 68 11.27 -7.83 3.89
CA LYS A 68 11.50 -8.22 5.26
C LYS A 68 10.18 -8.57 5.97
N LYS A 69 9.05 -8.38 5.27
CA LYS A 69 7.69 -8.67 5.73
C LYS A 69 7.03 -9.85 5.05
N GLY A 70 7.17 -9.93 3.73
CA GLY A 70 6.70 -11.09 2.98
C GLY A 70 6.34 -10.91 1.53
N VAL A 71 6.61 -9.71 1.03
CA VAL A 71 6.45 -9.36 -0.37
C VAL A 71 7.38 -10.21 -1.23
N LEU A 72 8.53 -10.45 -0.61
CA LEU A 72 9.59 -11.42 -0.80
C LEU A 72 10.11 -11.61 -2.23
N ALA A 73 10.03 -10.54 -3.00
CA ALA A 73 10.25 -10.50 -4.44
C ALA A 73 10.31 -9.07 -4.94
N LEU A 74 11.31 -8.77 -5.75
CA LEU A 74 11.47 -7.52 -6.49
C LEU A 74 10.24 -7.14 -7.28
N GLY A 75 9.69 -8.04 -8.09
CA GLY A 75 8.60 -7.64 -8.95
C GLY A 75 7.25 -7.51 -8.24
N ALA A 76 7.18 -7.98 -7.00
CA ALA A 76 6.07 -7.73 -6.09
C ALA A 76 6.26 -6.38 -5.39
N ARG A 77 7.37 -6.23 -4.68
CA ARG A 77 7.74 -5.01 -3.94
C ARG A 77 7.82 -3.75 -4.82
N ARG A 78 8.11 -3.84 -6.13
CA ARG A 78 8.23 -2.75 -7.13
C ARG A 78 6.86 -2.39 -7.69
N LYS A 79 5.99 -3.39 -7.91
CA LYS A 79 4.55 -3.09 -8.08
C LYS A 79 4.05 -2.28 -6.89
N LEU A 80 4.60 -2.59 -5.72
CA LEU A 80 4.25 -1.86 -4.54
C LEU A 80 4.90 -0.46 -4.51
N LEU A 81 6.08 -0.25 -5.11
CA LEU A 81 6.75 1.03 -5.21
C LEU A 81 5.83 2.01 -5.95
N LYS A 82 5.20 1.51 -7.02
CA LYS A 82 4.13 2.20 -7.75
C LYS A 82 3.03 2.61 -6.77
N ALA A 83 2.38 1.62 -6.17
CA ALA A 83 1.23 1.76 -5.29
C ALA A 83 1.50 2.81 -4.20
N PHE A 84 2.65 2.63 -3.55
CA PHE A 84 3.18 3.46 -2.48
C PHE A 84 3.35 4.88 -2.96
N GLY A 85 4.20 5.19 -3.95
CA GLY A 85 4.38 6.58 -4.31
C GLY A 85 3.31 7.26 -5.15
N ILE A 86 2.20 6.57 -5.46
CA ILE A 86 0.98 7.29 -5.85
C ILE A 86 0.40 7.79 -4.52
N VAL A 87 0.14 6.94 -3.51
CA VAL A 87 -0.52 7.39 -2.27
C VAL A 87 0.42 8.28 -1.46
N ILE A 88 1.74 8.10 -1.53
CA ILE A 88 2.73 9.03 -0.97
C ILE A 88 2.62 10.42 -1.59
N ASP A 89 2.32 10.54 -2.89
CA ASP A 89 2.15 11.82 -3.61
C ASP A 89 0.86 12.55 -3.38
N TYR A 90 0.25 12.08 -2.31
CA TYR A 90 -1.10 12.30 -1.95
C TYR A 90 -1.21 12.33 -0.42
N LYS A 91 -0.30 11.69 0.32
CA LYS A 91 -0.26 11.66 1.77
C LYS A 91 0.78 12.65 2.27
N GLU A 92 1.96 12.62 1.65
CA GLU A 92 2.98 13.66 1.79
C GLU A 92 2.46 15.01 1.21
N ARG A 93 1.30 14.97 0.53
CA ARG A 93 0.63 16.15 -0.06
C ARG A 93 -0.63 16.57 0.69
N ASP A 94 -1.51 15.60 0.93
CA ASP A 94 -2.74 15.64 1.77
C ASP A 94 -4.02 15.73 0.93
N LEU A 95 -4.06 14.81 -0.03
CA LEU A 95 -5.01 14.48 -1.09
C LEU A 95 -5.94 13.33 -0.65
N ILE A 96 -5.49 12.49 0.28
CA ILE A 96 -6.29 11.49 0.99
C ILE A 96 -7.35 12.17 1.88
N ASP A 97 -8.46 11.47 2.16
CA ASP A 97 -9.40 11.87 3.21
C ASP A 97 -8.78 11.67 4.60
N ARG A 98 -9.00 12.61 5.50
CA ARG A 98 -8.52 12.64 6.89
C ARG A 98 -8.98 11.45 7.75
N SER A 99 -10.02 10.76 7.31
CA SER A 99 -10.52 9.48 7.83
C SER A 99 -9.65 8.25 7.48
N ALA A 100 -8.62 8.39 6.63
CA ALA A 100 -7.71 7.31 6.23
C ALA A 100 -6.53 7.23 7.18
N TYR A 101 -6.12 8.38 7.68
CA TYR A 101 -5.11 8.55 8.71
C TYR A 101 -5.52 7.91 10.05
N MET A 21 -9.37 8.15 -12.08
CA MET A 21 -8.54 8.51 -10.89
C MET A 21 -8.37 7.29 -9.98
N PRO A 22 -7.18 7.05 -9.40
CA PRO A 22 -6.85 5.86 -8.60
C PRO A 22 -7.43 5.89 -7.16
N LYS A 23 -8.73 6.16 -7.01
CA LYS A 23 -9.43 6.26 -5.71
C LYS A 23 -9.26 5.04 -4.82
N SER A 24 -9.30 3.84 -5.40
CA SER A 24 -9.14 2.61 -4.61
C SER A 24 -7.70 2.35 -4.13
N LEU A 25 -6.76 3.24 -4.44
CA LEU A 25 -5.40 3.28 -3.92
C LEU A 25 -5.23 4.34 -2.81
N THR A 26 -6.26 5.15 -2.54
CA THR A 26 -6.21 6.34 -1.66
C THR A 26 -7.48 6.50 -0.77
N ASP A 27 -8.32 5.47 -0.67
CA ASP A 27 -9.58 5.46 0.09
C ASP A 27 -9.40 4.78 1.46
N PRO A 28 -9.88 5.35 2.59
CA PRO A 28 -9.85 4.75 3.93
C PRO A 28 -10.32 3.30 3.96
N LYS A 29 -11.41 3.05 3.23
CA LYS A 29 -12.09 1.76 3.02
C LYS A 29 -11.15 0.66 2.50
N LEU A 30 -10.13 1.04 1.73
CA LEU A 30 -9.09 0.16 1.16
C LEU A 30 -7.81 0.28 2.00
N LEU A 31 -7.42 1.49 2.41
CA LEU A 31 -6.16 1.78 3.09
C LEU A 31 -6.02 1.07 4.44
N LYS A 32 -7.14 0.58 4.97
CA LYS A 32 -7.27 -0.14 6.23
C LYS A 32 -7.67 -1.62 6.02
N ASN A 33 -7.75 -2.01 4.75
CA ASN A 33 -7.92 -3.34 4.20
C ASN A 33 -6.82 -3.58 3.15
N ILE A 34 -5.62 -3.85 3.64
CA ILE A 34 -4.50 -4.32 2.84
C ILE A 34 -4.89 -5.33 1.72
N PRO A 35 -5.77 -6.35 1.90
CA PRO A 35 -6.09 -7.31 0.84
C PRO A 35 -6.73 -6.63 -0.39
N MET A 36 -7.82 -5.88 -0.19
CA MET A 36 -8.51 -5.17 -1.29
C MET A 36 -7.75 -3.92 -1.76
N TRP A 37 -6.83 -3.36 -0.96
CA TRP A 37 -5.94 -2.30 -1.45
C TRP A 37 -4.92 -2.84 -2.46
N LEU A 38 -4.21 -3.91 -2.10
CA LEU A 38 -3.34 -4.71 -2.98
C LEU A 38 -4.09 -5.28 -4.20
N LYS A 39 -5.41 -5.42 -4.14
CA LYS A 39 -6.24 -5.86 -5.28
C LYS A 39 -6.30 -4.87 -6.43
N SER A 40 -6.16 -3.59 -6.13
CA SER A 40 -5.99 -2.59 -7.20
C SER A 40 -4.70 -2.83 -8.02
N LEU A 41 -3.69 -3.52 -7.45
CA LEU A 41 -2.44 -3.92 -8.10
C LEU A 41 -2.56 -5.26 -8.85
N ARG A 42 -3.72 -5.93 -8.75
CA ARG A 42 -4.00 -7.31 -9.17
C ARG A 42 -3.13 -8.36 -8.42
N LEU A 43 -2.50 -7.94 -7.31
CA LEU A 43 -1.72 -8.78 -6.39
C LEU A 43 -2.63 -9.41 -5.32
N HIS A 44 -3.15 -8.60 -4.39
CA HIS A 44 -4.07 -9.01 -3.31
C HIS A 44 -3.71 -10.28 -2.50
N LYS A 45 -2.41 -10.58 -2.38
CA LYS A 45 -1.90 -11.83 -1.76
C LYS A 45 -0.78 -11.68 -0.72
N TYR A 46 -0.26 -10.48 -0.50
CA TYR A 46 0.75 -10.20 0.54
C TYR A 46 0.17 -9.87 1.90
N SER A 47 -1.12 -9.58 1.98
CA SER A 47 -1.86 -9.32 3.22
C SER A 47 -1.64 -10.41 4.25
N ASP A 48 -1.51 -11.66 3.81
CA ASP A 48 -1.23 -12.85 4.61
C ASP A 48 0.00 -12.69 5.54
N ALA A 49 0.91 -11.79 5.17
CA ALA A 49 2.13 -11.43 5.88
C ALA A 49 2.33 -9.91 6.13
N LEU A 50 1.41 -9.05 5.68
CA LEU A 50 1.55 -7.59 5.64
C LEU A 50 0.38 -6.83 6.26
N SER A 51 -0.75 -7.51 6.49
CA SER A 51 -2.00 -6.97 7.04
C SER A 51 -1.86 -6.31 8.42
N GLY A 52 -0.87 -6.72 9.22
CA GLY A 52 -0.49 -6.09 10.48
C GLY A 52 0.18 -4.71 10.34
N THR A 53 0.47 -4.26 9.11
CA THR A 53 1.08 -2.96 8.81
C THR A 53 0.06 -2.03 8.14
N PRO A 54 -0.48 -1.01 8.84
CA PRO A 54 -1.39 -0.03 8.24
C PRO A 54 -0.67 0.81 7.19
N TRP A 55 -1.39 1.26 6.17
CA TRP A 55 -0.86 2.02 5.03
C TRP A 55 0.06 3.19 5.38
N ILE A 56 -0.15 3.75 6.57
CA ILE A 56 0.53 4.97 7.03
C ILE A 56 1.89 4.63 7.66
N GLU A 57 2.04 3.42 8.23
CA GLU A 57 3.35 2.87 8.60
C GLU A 57 3.97 2.12 7.39
N LEU A 58 3.15 1.77 6.41
CA LEU A 58 3.46 0.90 5.28
C LEU A 58 4.15 1.58 4.13
N ILE A 59 3.55 2.65 3.61
CA ILE A 59 3.99 3.26 2.35
C ILE A 59 5.45 3.75 2.44
N TYR A 60 5.90 3.88 3.69
CA TYR A 60 7.22 4.27 4.18
C TYR A 60 8.29 3.18 4.08
N LEU A 61 7.90 1.94 3.79
CA LEU A 61 8.85 0.87 3.44
C LEU A 61 9.52 1.18 2.10
N ASP A 62 10.33 0.24 1.63
CA ASP A 62 11.18 0.35 0.45
C ASP A 62 11.28 -0.99 -0.26
N ASP A 63 12.05 -1.02 -1.33
CA ASP A 63 12.38 -2.18 -2.15
C ASP A 63 12.58 -3.47 -1.34
N GLU A 64 13.70 -3.62 -0.63
CA GLU A 64 14.01 -4.84 0.09
C GLU A 64 13.27 -4.97 1.43
N THR A 65 12.63 -3.92 1.96
CA THR A 65 11.96 -4.01 3.26
C THR A 65 10.55 -4.58 3.21
N LEU A 66 9.85 -4.41 2.10
CA LEU A 66 8.64 -5.14 1.78
C LEU A 66 8.92 -6.65 1.82
N GLU A 67 10.14 -7.00 1.48
CA GLU A 67 10.71 -8.31 1.42
C GLU A 67 11.34 -8.78 2.75
N LYS A 68 11.22 -7.98 3.81
CA LYS A 68 11.41 -8.43 5.18
C LYS A 68 10.07 -8.67 5.88
N LYS A 69 8.96 -8.34 5.18
CA LYS A 69 7.58 -8.51 5.61
C LYS A 69 6.85 -9.67 4.96
N GLY A 70 6.98 -9.82 3.66
CA GLY A 70 6.44 -10.99 2.97
C GLY A 70 6.06 -10.85 1.52
N VAL A 71 6.31 -9.66 1.00
CA VAL A 71 6.13 -9.27 -0.39
C VAL A 71 7.02 -10.14 -1.30
N LEU A 72 8.15 -10.49 -0.70
CA LEU A 72 9.17 -11.50 -0.91
C LEU A 72 9.61 -11.76 -2.36
N ALA A 73 9.60 -10.68 -3.14
CA ALA A 73 9.77 -10.68 -4.59
C ALA A 73 9.93 -9.26 -5.12
N LEU A 74 10.91 -9.06 -6.00
CA LEU A 74 11.15 -7.82 -6.73
C LEU A 74 9.93 -7.30 -7.46
N GLY A 75 9.26 -8.14 -8.25
CA GLY A 75 8.14 -7.64 -9.03
C GLY A 75 6.83 -7.52 -8.28
N ALA A 76 6.85 -7.88 -7.00
CA ALA A 76 5.79 -7.58 -6.05
C ALA A 76 6.12 -6.25 -5.34
N ARG A 77 7.28 -6.21 -4.68
CA ARG A 77 7.80 -5.03 -3.96
C ARG A 77 7.91 -3.76 -4.82
N ARG A 78 8.20 -3.85 -6.14
CA ARG A 78 8.33 -2.74 -7.09
C ARG A 78 6.94 -2.26 -7.54
N LYS A 79 6.02 -3.21 -7.73
CA LYS A 79 4.58 -2.87 -7.85
C LYS A 79 4.11 -2.10 -6.65
N LEU A 80 4.65 -2.47 -5.48
CA LEU A 80 4.23 -1.82 -4.27
C LEU A 80 4.84 -0.42 -4.16
N LEU A 81 6.04 -0.18 -4.72
CA LEU A 81 6.70 1.10 -4.74
C LEU A 81 5.90 2.09 -5.57
N LYS A 82 5.29 1.62 -6.66
CA LYS A 82 4.27 2.34 -7.43
C LYS A 82 3.11 2.75 -6.52
N ALA A 83 2.45 1.74 -5.95
CA ALA A 83 1.27 1.85 -5.11
C ALA A 83 1.48 2.89 -4.01
N PHE A 84 2.61 2.73 -3.31
CA PHE A 84 3.11 3.59 -2.26
C PHE A 84 3.28 5.00 -2.76
N GLY A 85 4.20 5.29 -3.67
CA GLY A 85 4.45 6.69 -3.92
C GLY A 85 3.36 7.44 -4.67
N ILE A 86 2.34 6.77 -5.25
CA ILE A 86 1.13 7.47 -5.66
C ILE A 86 0.44 7.92 -4.38
N VAL A 87 0.16 7.04 -3.40
CA VAL A 87 -0.53 7.46 -2.17
C VAL A 87 0.35 8.42 -1.36
N ILE A 88 1.68 8.30 -1.40
CA ILE A 88 2.62 9.31 -0.89
C ILE A 88 2.38 10.69 -1.49
N ASP A 89 2.15 10.78 -2.80
CA ASP A 89 1.92 12.02 -3.57
C ASP A 89 0.59 12.69 -3.36
N TYR A 90 -0.01 12.20 -2.32
CA TYR A 90 -1.37 12.36 -1.96
C TYR A 90 -1.50 12.43 -0.44
N LYS A 91 -0.57 11.82 0.30
CA LYS A 91 -0.57 11.75 1.75
C LYS A 91 0.35 12.84 2.28
N GLU A 92 1.56 12.87 1.73
CA GLU A 92 2.53 13.95 1.90
C GLU A 92 1.98 15.26 1.29
N ARG A 93 0.90 15.15 0.49
CA ARG A 93 0.24 16.26 -0.22
C ARG A 93 -1.14 16.64 0.31
N ASP A 94 -1.89 15.68 0.85
CA ASP A 94 -3.13 15.86 1.66
C ASP A 94 -4.44 15.73 0.82
N LEU A 95 -4.34 14.88 -0.20
CA LEU A 95 -5.28 14.47 -1.26
C LEU A 95 -6.18 13.30 -0.83
N ILE A 96 -5.76 12.51 0.17
CA ILE A 96 -6.51 11.42 0.81
C ILE A 96 -7.84 11.93 1.44
N ASP A 97 -8.76 11.01 1.75
CA ASP A 97 -10.10 11.23 2.34
C ASP A 97 -10.15 11.76 3.78
N ARG A 98 -9.00 12.02 4.43
CA ARG A 98 -8.78 12.51 5.81
C ARG A 98 -9.20 11.55 6.93
N SER A 99 -10.15 10.67 6.65
CA SER A 99 -10.55 9.54 7.50
C SER A 99 -9.67 8.28 7.32
N ALA A 100 -8.65 8.33 6.45
CA ALA A 100 -7.74 7.20 6.20
C ALA A 100 -6.63 7.15 7.24
N TYR A 101 -6.30 8.31 7.77
CA TYR A 101 -5.33 8.58 8.79
C TYR A 101 -5.73 7.99 10.17
N MET A 21 -9.60 4.33 -12.22
CA MET A 21 -9.46 5.55 -11.38
C MET A 21 -8.52 5.29 -10.20
N PRO A 22 -7.70 6.28 -9.78
CA PRO A 22 -6.74 6.11 -8.68
C PRO A 22 -7.38 6.04 -7.28
N LYS A 23 -8.66 6.41 -7.12
CA LYS A 23 -9.39 6.42 -5.83
C LYS A 23 -9.27 5.15 -4.99
N SER A 24 -9.29 3.98 -5.62
CA SER A 24 -9.17 2.74 -4.84
C SER A 24 -7.76 2.44 -4.29
N LEU A 25 -6.78 3.30 -4.59
CA LEU A 25 -5.45 3.30 -4.03
C LEU A 25 -5.31 4.36 -2.92
N THR A 26 -6.34 5.18 -2.67
CA THR A 26 -6.30 6.37 -1.80
C THR A 26 -7.61 6.56 -0.99
N ASP A 27 -8.45 5.53 -0.84
CA ASP A 27 -9.72 5.55 -0.11
C ASP A 27 -9.56 4.91 1.28
N PRO A 28 -10.08 5.52 2.37
CA PRO A 28 -10.02 5.00 3.75
C PRO A 28 -10.38 3.51 3.87
N LYS A 29 -11.48 3.12 3.20
CA LYS A 29 -12.06 1.78 3.16
C LYS A 29 -11.19 0.71 2.46
N LEU A 30 -10.26 1.13 1.60
CA LEU A 30 -9.21 0.28 1.01
C LEU A 30 -7.95 0.38 1.88
N LEU A 31 -7.55 1.59 2.28
CA LEU A 31 -6.31 1.87 3.00
C LEU A 31 -6.20 1.15 4.36
N LYS A 32 -7.33 0.66 4.87
CA LYS A 32 -7.46 -0.05 6.13
C LYS A 32 -7.83 -1.53 5.92
N ASN A 33 -7.97 -1.90 4.65
CA ASN A 33 -8.08 -3.23 4.09
C ASN A 33 -6.97 -3.43 3.06
N ILE A 34 -5.76 -3.60 3.54
CA ILE A 34 -4.60 -4.01 2.74
C ILE A 34 -4.92 -5.11 1.69
N PRO A 35 -5.77 -6.16 1.91
CA PRO A 35 -6.06 -7.16 0.87
C PRO A 35 -6.71 -6.54 -0.38
N MET A 36 -7.83 -5.82 -0.23
CA MET A 36 -8.51 -5.16 -1.35
C MET A 36 -7.78 -3.91 -1.84
N TRP A 37 -6.90 -3.31 -1.04
CA TRP A 37 -6.01 -2.25 -1.53
C TRP A 37 -4.93 -2.79 -2.49
N LEU A 38 -4.25 -3.88 -2.10
CA LEU A 38 -3.33 -4.67 -2.95
C LEU A 38 -4.02 -5.30 -4.17
N LYS A 39 -5.35 -5.44 -4.16
CA LYS A 39 -6.12 -5.96 -5.29
C LYS A 39 -6.16 -5.07 -6.50
N SER A 40 -6.09 -3.77 -6.31
CA SER A 40 -5.89 -2.85 -7.43
C SER A 40 -4.58 -3.13 -8.18
N LEU A 41 -3.55 -3.68 -7.51
CA LEU A 41 -2.26 -4.08 -8.08
C LEU A 41 -2.30 -5.46 -8.77
N ARG A 42 -3.44 -6.17 -8.68
CA ARG A 42 -3.66 -7.57 -9.07
C ARG A 42 -2.87 -8.58 -8.21
N LEU A 43 -2.34 -8.12 -7.07
CA LEU A 43 -1.56 -8.91 -6.11
C LEU A 43 -2.44 -9.51 -5.00
N HIS A 44 -3.04 -8.65 -4.14
CA HIS A 44 -4.01 -9.04 -3.08
C HIS A 44 -3.69 -10.31 -2.25
N LYS A 45 -2.40 -10.50 -1.92
CA LYS A 45 -1.84 -11.69 -1.26
C LYS A 45 -0.91 -11.39 -0.09
N TYR A 46 -0.13 -10.30 -0.17
CA TYR A 46 0.95 -10.00 0.78
C TYR A 46 0.41 -9.53 2.14
N SER A 47 -0.88 -9.21 2.17
CA SER A 47 -1.76 -8.93 3.31
C SER A 47 -1.70 -9.99 4.41
N ASP A 48 -1.33 -11.23 4.05
CA ASP A 48 -1.04 -12.33 4.96
C ASP A 48 -0.08 -11.93 6.10
N ALA A 49 0.83 -11.00 5.77
CA ALA A 49 1.79 -10.38 6.67
C ALA A 49 1.57 -8.85 6.81
N LEU A 50 1.21 -8.18 5.71
CA LEU A 50 1.21 -6.73 5.55
C LEU A 50 -0.04 -5.99 6.01
N SER A 51 -1.15 -6.70 6.12
CA SER A 51 -2.41 -6.19 6.69
C SER A 51 -2.29 -5.86 8.19
N GLY A 52 -1.29 -6.45 8.85
CA GLY A 52 -0.84 -6.10 10.20
C GLY A 52 -0.03 -4.79 10.27
N THR A 53 0.25 -4.16 9.13
CA THR A 53 0.94 -2.86 8.99
C THR A 53 -0.01 -1.86 8.28
N PRO A 54 -0.59 -0.88 8.99
CA PRO A 54 -1.53 0.09 8.39
C PRO A 54 -0.87 0.86 7.27
N TRP A 55 -1.65 1.32 6.29
CA TRP A 55 -1.13 2.06 5.14
C TRP A 55 -0.16 3.20 5.51
N ILE A 56 -0.41 3.88 6.62
CA ILE A 56 0.41 5.00 7.05
C ILE A 56 1.79 4.59 7.61
N GLU A 57 1.99 3.31 7.99
CA GLU A 57 3.32 2.74 8.31
C GLU A 57 3.86 1.83 7.20
N LEU A 58 2.97 1.38 6.31
CA LEU A 58 3.14 0.51 5.14
C LEU A 58 3.81 1.24 4.00
N ILE A 59 3.26 2.39 3.58
CA ILE A 59 3.71 3.03 2.36
C ILE A 59 5.17 3.52 2.49
N TYR A 60 5.58 3.76 3.73
CA TYR A 60 6.91 4.12 4.21
C TYR A 60 7.96 3.00 4.08
N LEU A 61 7.55 1.75 3.85
CA LEU A 61 8.48 0.69 3.45
C LEU A 61 8.95 0.95 2.02
N ASP A 62 9.84 0.09 1.53
CA ASP A 62 10.54 0.31 0.27
C ASP A 62 11.20 -0.99 -0.19
N ASP A 63 11.96 -0.85 -1.28
CA ASP A 63 12.92 -1.74 -1.92
C ASP A 63 12.96 -3.14 -1.30
N GLU A 64 13.84 -3.40 -0.34
CA GLU A 64 14.07 -4.70 0.26
C GLU A 64 13.29 -4.94 1.56
N THR A 65 12.65 -3.93 2.15
CA THR A 65 11.95 -4.12 3.44
C THR A 65 10.57 -4.74 3.30
N LEU A 66 9.89 -4.48 2.19
CA LEU A 66 8.70 -5.23 1.80
C LEU A 66 8.99 -6.74 1.77
N GLU A 67 10.23 -7.07 1.43
CA GLU A 67 10.80 -8.37 1.29
C GLU A 67 11.43 -8.89 2.60
N LYS A 68 11.20 -8.20 3.72
CA LYS A 68 11.40 -8.71 5.06
C LYS A 68 10.05 -8.98 5.74
N LYS A 69 8.95 -8.51 5.12
CA LYS A 69 7.56 -8.67 5.57
C LYS A 69 6.84 -9.80 4.86
N GLY A 70 6.98 -9.90 3.55
CA GLY A 70 6.50 -11.08 2.83
C GLY A 70 6.16 -10.94 1.36
N VAL A 71 6.43 -9.76 0.84
CA VAL A 71 6.28 -9.40 -0.57
C VAL A 71 7.17 -10.30 -1.42
N LEU A 72 8.32 -10.58 -0.81
CA LEU A 72 9.34 -11.59 -1.00
C LEU A 72 9.85 -11.83 -2.43
N ALA A 73 9.80 -10.77 -3.22
CA ALA A 73 10.01 -10.74 -4.66
C ALA A 73 10.15 -9.32 -5.17
N LEU A 74 11.11 -9.09 -6.07
CA LEU A 74 11.31 -7.81 -6.77
C LEU A 74 10.08 -7.35 -7.52
N GLY A 75 9.48 -8.19 -8.35
CA GLY A 75 8.35 -7.71 -9.13
C GLY A 75 7.04 -7.61 -8.37
N ALA A 76 7.09 -7.97 -7.09
CA ALA A 76 6.02 -7.71 -6.13
C ALA A 76 6.30 -6.38 -5.41
N ARG A 77 7.48 -6.23 -4.80
CA ARG A 77 7.90 -5.02 -4.07
C ARG A 77 7.97 -3.78 -4.95
N ARG A 78 8.29 -3.89 -6.25
CA ARG A 78 8.38 -2.80 -7.24
C ARG A 78 6.98 -2.36 -7.66
N LYS A 79 6.07 -3.31 -7.83
CA LYS A 79 4.63 -3.02 -7.94
C LYS A 79 4.14 -2.23 -6.74
N LEU A 80 4.68 -2.59 -5.58
CA LEU A 80 4.27 -1.90 -4.38
C LEU A 80 4.85 -0.49 -4.31
N LEU A 81 6.05 -0.25 -4.86
CA LEU A 81 6.71 1.03 -4.91
C LEU A 81 5.89 2.01 -5.74
N LYS A 82 5.24 1.50 -6.80
CA LYS A 82 4.21 2.20 -7.56
C LYS A 82 3.08 2.64 -6.63
N ALA A 83 2.42 1.64 -6.03
CA ALA A 83 1.24 1.75 -5.18
C ALA A 83 1.47 2.82 -4.09
N PHE A 84 2.60 2.65 -3.40
CA PHE A 84 3.10 3.52 -2.35
C PHE A 84 3.25 4.91 -2.88
N GLY A 85 4.18 5.19 -3.79
CA GLY A 85 4.42 6.60 -4.07
C GLY A 85 3.34 7.35 -4.82
N ILE A 86 2.32 6.69 -5.39
CA ILE A 86 1.12 7.41 -5.81
C ILE A 86 0.43 7.87 -4.53
N VAL A 87 0.13 6.99 -3.56
CA VAL A 87 -0.56 7.42 -2.34
C VAL A 87 0.33 8.34 -1.49
N ILE A 88 1.65 8.18 -1.54
CA ILE A 88 2.60 9.15 -0.97
C ILE A 88 2.41 10.54 -1.55
N ASP A 89 2.19 10.67 -2.86
CA ASP A 89 2.01 11.93 -3.59
C ASP A 89 0.68 12.62 -3.41
N TYR A 90 0.06 12.14 -2.38
CA TYR A 90 -1.30 12.31 -2.05
C TYR A 90 -1.44 12.39 -0.52
N LYS A 91 -0.58 11.72 0.24
CA LYS A 91 -0.58 11.71 1.70
C LYS A 91 0.40 12.74 2.22
N GLU A 92 1.59 12.76 1.64
CA GLU A 92 2.57 13.84 1.81
C GLU A 92 2.02 15.15 1.21
N ARG A 93 0.88 15.10 0.50
CA ARG A 93 0.25 16.26 -0.19
C ARG A 93 -1.03 16.72 0.47
N ASP A 94 -1.97 15.78 0.65
CA ASP A 94 -3.24 15.85 1.39
C ASP A 94 -4.46 15.79 0.44
N LEU A 95 -4.47 14.70 -0.32
CA LEU A 95 -5.32 14.29 -1.44
C LEU A 95 -6.23 13.10 -1.04
N ILE A 96 -5.84 12.37 0.02
CA ILE A 96 -6.65 11.37 0.75
C ILE A 96 -7.88 12.05 1.42
N ASP A 97 -8.67 11.29 2.19
CA ASP A 97 -9.98 11.69 2.74
C ASP A 97 -9.97 12.16 4.19
N ARG A 98 -8.80 12.17 4.85
CA ARG A 98 -8.58 12.50 6.27
C ARG A 98 -9.27 11.61 7.31
N SER A 99 -10.12 10.70 6.84
CA SER A 99 -10.68 9.56 7.60
C SER A 99 -9.87 8.28 7.35
N ALA A 100 -8.83 8.35 6.51
CA ALA A 100 -7.90 7.26 6.23
C ALA A 100 -6.82 7.18 7.32
N TYR A 101 -6.56 8.31 7.95
CA TYR A 101 -5.60 8.53 9.00
C TYR A 101 -6.04 7.90 10.35
#